data_5JP0
#
_entry.id   5JP0
#
_cell.length_a   97.169
_cell.length_b   104.068
_cell.length_c   160.444
_cell.angle_alpha   90.00
_cell.angle_beta   90.00
_cell.angle_gamma   90.00
#
_symmetry.space_group_name_H-M   'P 21 21 21'
#
loop_
_entity.id
_entity.type
_entity.pdbx_description
1 polymer 'Beta-glucosidase BoGH3B'
2 non-polymer beta-D-glucopyranose
3 non-polymer 'MAGNESIUM ION'
4 water water
#
_entity_poly.entity_id   1
_entity_poly.type   'polypeptide(L)'
_entity_poly.pdbx_seq_one_letter_code
;QTASPVIPTDPAIETHIREWLQKMTLEQKIGQMCEITIDVVSDLETSRKKGFCLSEAMLDTVIGKYKVGSLLNVPLGVAQ
KKEKWAEAIKQIQEKSMKEIGIPCIYGVDQIHGTTYTLDGTMFPQGINMGATFNRELTRRGAKISAYETKAGCIPWTFAP
VVDLGRDPRWARMWENYGEDCYVNAEMGVSAVKGFQGEDPNRIGEYNVAACMKHYMGYGVPVSGKDRTPSSISRSDMREK
HFAPFLAAVRQGALSVMVNSGVDNGLPFHANRELLTEWLKEDLNWDGLIVTDWADINNLCTRDHIAATKKEAVKIVINAG
IDMSMVPYEVSFCDYLKELVEEGEVSMERIDDAVARVLRLKYRLGLFDHPYWDIKKYDKFGSKEFAAVALQAAEESEVLL
KNDGNILPIAKGKKILLTGPNANSMRCLNGGWSYSWQGHVADEYAQAYHTIYEALCEKYGKENIIYEPGVTYASYKNDNW
WEENKPETEKPVAAAAQADIIITCIGENSYCETPGNLTDLTLSENQRNLVKALAATGKPIVLVLNQGRPRIINDIVPLAK
AVVNIMLPSNYGGDALANLLAGDANFSGKMPFTYPRLINALATYDYKPCENMGQMGGNYNYDSVMDIQWPFGFGLSYTNY
KYSNLKVNKPTFNADDELIFTVDVTNTGKVAGKESVLLFSKDLVASSTPDNIRLRNFEKVSLEPGETKTVTLKLKGSDLA
FVGYDGKWRLEKGDFKIKCGDQWMDIVCDQTKVWNTPNKNTLHKLEHHHHHH
;
_entity_poly.pdbx_strand_id   A,B
#
loop_
_chem_comp.id
_chem_comp.type
_chem_comp.name
_chem_comp.formula
BGC D-saccharide, beta linking beta-D-glucopyranose 'C6 H12 O6'
MG non-polymer 'MAGNESIUM ION' 'Mg 2'
#
# COMPACT_ATOMS: atom_id res chain seq x y z
N SER A 4 15.16 32.34 11.15
CA SER A 4 15.22 32.84 12.57
C SER A 4 14.88 31.69 13.54
N PRO A 5 15.52 31.62 14.73
CA PRO A 5 15.30 30.44 15.62
C PRO A 5 13.83 30.24 16.04
N VAL A 6 13.31 29.01 15.98
CA VAL A 6 11.91 28.77 16.34
C VAL A 6 11.67 28.92 17.84
N ILE A 7 12.65 28.51 18.65
CA ILE A 7 12.67 28.78 20.07
C ILE A 7 13.73 29.87 20.30
N PRO A 8 13.37 30.97 21.02
CA PRO A 8 14.37 32.01 21.24
C PRO A 8 15.59 31.51 22.02
N THR A 9 16.71 32.17 21.78
CA THR A 9 17.98 31.83 22.41
C THR A 9 17.95 32.43 23.81
N ASP A 10 18.22 31.64 24.84
CA ASP A 10 18.48 32.16 26.19
C ASP A 10 20.00 32.22 26.36
N PRO A 11 20.58 33.45 26.39
CA PRO A 11 22.06 33.58 26.45
C PRO A 11 22.74 32.99 27.70
N ALA A 12 22.04 33.04 28.84
CA ALA A 12 22.54 32.49 30.09
C ALA A 12 22.67 30.96 30.01
N ILE A 13 21.72 30.30 29.34
CA ILE A 13 21.79 28.87 29.09
C ILE A 13 22.95 28.57 28.12
N GLU A 14 23.05 29.33 27.04
CA GLU A 14 24.12 29.09 26.06
C GLU A 14 25.51 29.31 26.69
N THR A 15 25.65 30.29 27.56
CA THR A 15 26.88 30.54 28.29
C THR A 15 27.23 29.33 29.17
N HIS A 16 26.28 28.86 29.97
CA HIS A 16 26.48 27.65 30.78
C HIS A 16 26.91 26.45 29.91
N ILE A 17 26.25 26.27 28.76
CA ILE A 17 26.59 25.20 27.82
C ILE A 17 28.03 25.34 27.34
N ARG A 18 28.41 26.54 26.90
CA ARG A 18 29.78 26.75 26.39
C ARG A 18 30.83 26.37 27.42
N GLU A 19 30.58 26.71 28.69
CA GLU A 19 31.52 26.40 29.77
C GLU A 19 31.47 24.93 30.24
N TRP A 20 30.34 24.23 30.04
CA TRP A 20 30.35 22.75 30.19
C TRP A 20 31.24 22.09 29.12
N LEU A 21 31.09 22.53 27.86
CA LEU A 21 31.82 21.94 26.73
C LEU A 21 33.34 22.18 26.77
N GLN A 22 33.78 23.31 27.32
CA GLN A 22 35.22 23.59 27.49
C GLN A 22 35.90 22.67 28.54
N LYS A 23 35.13 22.26 29.55
CA LYS A 23 35.63 21.53 30.73
C LYS A 23 35.38 20.00 30.71
N MET A 24 34.41 19.53 29.92
CA MET A 24 34.00 18.11 30.00
C MET A 24 34.99 17.17 29.30
N THR A 25 35.22 16.00 29.91
CA THR A 25 35.99 14.93 29.27
C THR A 25 35.16 14.35 28.10
N LEU A 26 35.86 13.70 27.17
CA LEU A 26 35.19 13.02 26.09
C LEU A 26 34.22 11.93 26.58
N GLU A 27 34.59 11.25 27.66
CA GLU A 27 33.73 10.24 28.30
C GLU A 27 32.45 10.85 28.83
N GLN A 28 32.56 12.02 29.47
CA GLN A 28 31.36 12.75 29.95
C GLN A 28 30.46 13.19 28.82
N LYS A 29 31.07 13.74 27.77
CA LYS A 29 30.32 14.16 26.57
C LYS A 29 29.56 12.97 25.95
N ILE A 30 30.27 11.87 25.75
CA ILE A 30 29.67 10.68 25.16
C ILE A 30 28.55 10.13 26.05
N GLY A 31 28.77 10.13 27.35
CA GLY A 31 27.77 9.70 28.32
C GLY A 31 26.46 10.46 28.21
N GLN A 32 26.54 11.76 27.96
CA GLN A 32 25.35 12.58 27.76
C GLN A 32 24.54 12.21 26.54
N MET A 33 25.15 11.52 25.57
CA MET A 33 24.44 11.07 24.37
C MET A 33 23.89 9.65 24.49
N CYS A 34 24.00 9.04 25.68
CA CYS A 34 23.61 7.66 25.94
C CYS A 34 22.43 7.62 26.87
N GLU A 35 21.44 6.79 26.54
CA GLU A 35 20.27 6.58 27.39
C GLU A 35 20.07 5.09 27.63
N ILE A 36 19.81 4.72 28.89
CA ILE A 36 19.77 3.33 29.31
C ILE A 36 18.42 3.07 29.98
N THR A 37 17.78 1.94 29.66
CA THR A 37 16.50 1.60 30.27
C THR A 37 16.68 1.09 31.73
N ILE A 38 15.67 1.36 32.56
CA ILE A 38 15.74 1.23 34.02
C ILE A 38 16.11 -0.18 34.52
N ASP A 39 15.66 -1.20 33.81
CA ASP A 39 16.03 -2.60 34.11
C ASP A 39 17.53 -2.79 34.30
N VAL A 40 18.35 -2.10 33.52
CA VAL A 40 19.80 -2.30 33.59
C VAL A 40 20.35 -1.97 35.00
N VAL A 41 19.78 -0.95 35.65
CA VAL A 41 20.19 -0.50 36.99
C VAL A 41 19.25 -0.96 38.14
N SER A 42 18.40 -1.95 37.87
CA SER A 42 17.42 -2.43 38.84
C SER A 42 17.95 -3.67 39.55
N ASP A 43 17.68 -3.79 40.83
CA ASP A 43 17.94 -5.02 41.58
C ASP A 43 16.63 -5.78 41.67
N LEU A 44 16.44 -6.72 40.75
CA LEU A 44 15.13 -7.36 40.57
C LEU A 44 14.72 -8.31 41.69
N GLU A 45 15.67 -9.08 42.22
CA GLU A 45 15.36 -10.05 43.32
C GLU A 45 14.97 -9.30 44.61
N THR A 46 15.72 -8.27 44.97
CA THR A 46 15.33 -7.39 46.08
C THR A 46 13.99 -6.66 45.79
N SER A 47 13.76 -6.24 44.54
CA SER A 47 12.47 -5.62 44.16
C SER A 47 11.25 -6.54 44.34
N ARG A 48 11.40 -7.83 43.99
CA ARG A 48 10.33 -8.83 44.18
C ARG A 48 9.92 -8.88 45.66
N LYS A 49 10.90 -8.93 46.57
CA LYS A 49 10.66 -9.07 48.03
C LYS A 49 10.23 -7.77 48.76
N LYS A 50 10.89 -6.63 48.47
CA LYS A 50 10.72 -5.35 49.21
C LYS A 50 10.16 -4.14 48.41
N GLY A 51 9.67 -4.38 47.19
CA GLY A 51 9.26 -3.27 46.29
C GLY A 51 10.46 -2.72 45.54
N PHE A 52 10.21 -1.85 44.55
CA PHE A 52 11.29 -1.46 43.65
C PHE A 52 12.56 -0.93 44.34
N CYS A 53 13.67 -1.55 43.98
CA CYS A 53 14.96 -1.24 44.55
C CYS A 53 15.99 -1.16 43.44
N LEU A 54 16.76 -0.07 43.41
CA LEU A 54 17.88 0.11 42.48
C LEU A 54 19.09 -0.70 42.93
N SER A 55 19.94 -1.08 41.98
CA SER A 55 21.22 -1.72 42.26
C SER A 55 22.28 -0.63 42.39
N GLU A 56 22.88 -0.50 43.58
CA GLU A 56 23.96 0.51 43.80
C GLU A 56 25.14 0.24 42.87
N ALA A 57 25.54 -1.02 42.76
CA ALA A 57 26.69 -1.41 41.92
C ALA A 57 26.47 -1.04 40.43
N MET A 58 25.29 -1.38 39.91
CA MET A 58 24.95 -1.04 38.52
C MET A 58 24.80 0.45 38.27
N LEU A 59 24.31 1.21 39.27
CA LEU A 59 24.34 2.68 39.19
C LEU A 59 25.76 3.20 39.12
N ASP A 60 26.65 2.56 39.86
CA ASP A 60 28.06 2.93 39.83
C ASP A 60 28.67 2.72 38.44
N THR A 61 28.33 1.61 37.79
CA THR A 61 28.78 1.34 36.42
C THR A 61 28.18 2.34 35.43
N VAL A 62 26.86 2.40 35.42
CA VAL A 62 26.16 3.12 34.37
C VAL A 62 26.45 4.64 34.49
N ILE A 63 26.26 5.17 35.69
CA ILE A 63 26.41 6.61 35.94
C ILE A 63 27.83 7.01 36.35
N GLY A 64 28.44 6.28 37.28
CA GLY A 64 29.78 6.60 37.76
C GLY A 64 30.89 6.37 36.73
N LYS A 65 30.94 5.19 36.11
CA LYS A 65 32.03 4.84 35.19
C LYS A 65 31.75 5.37 33.78
N TYR A 66 30.56 5.08 33.24
CA TYR A 66 30.19 5.49 31.87
C TYR A 66 29.57 6.88 31.73
N LYS A 67 29.25 7.54 32.84
CA LYS A 67 28.73 8.90 32.82
C LYS A 67 27.40 9.02 32.05
N VAL A 68 26.59 7.98 32.09
CA VAL A 68 25.32 7.99 31.35
C VAL A 68 24.40 9.12 31.85
N GLY A 69 23.88 9.89 30.90
CA GLY A 69 23.14 11.11 31.21
C GLY A 69 21.64 10.99 31.26
N SER A 70 21.10 9.80 30.95
CA SER A 70 19.66 9.61 30.84
C SER A 70 19.24 8.19 31.09
N LEU A 71 18.14 8.05 31.79
CA LEU A 71 17.50 6.77 32.00
C LEU A 71 16.09 6.90 31.47
N LEU A 72 15.45 5.77 31.16
CA LEU A 72 14.03 5.75 30.78
C LEU A 72 13.27 4.50 31.31
N ASN A 73 11.96 4.53 31.12
CA ASN A 73 11.03 3.42 31.30
C ASN A 73 10.56 3.21 32.75
N VAL A 74 9.56 2.35 32.89
CA VAL A 74 8.88 2.11 34.14
C VAL A 74 9.60 1.04 34.94
N PRO A 75 9.86 1.31 36.23
CA PRO A 75 10.44 0.25 37.07
C PRO A 75 9.59 -1.03 37.05
N LEU A 76 10.25 -2.17 36.84
CA LEU A 76 9.62 -3.52 36.87
C LEU A 76 8.56 -3.79 35.82
N GLY A 77 8.50 -2.98 34.78
CA GLY A 77 7.47 -3.14 33.74
C GLY A 77 6.05 -2.83 34.14
N VAL A 78 5.85 -2.18 35.29
CA VAL A 78 4.49 -1.92 35.73
C VAL A 78 4.42 -0.62 36.52
N ALA A 79 3.37 0.14 36.28
CA ALA A 79 3.12 1.40 36.99
C ALA A 79 3.46 1.33 38.49
N GLN A 80 4.15 2.37 38.96
CA GLN A 80 4.57 2.52 40.34
C GLN A 80 3.87 3.72 40.98
N LYS A 81 3.80 3.70 42.31
CA LYS A 81 3.33 4.86 43.07
C LYS A 81 4.25 6.05 42.83
N LYS A 82 3.69 7.25 42.84
CA LYS A 82 4.48 8.50 42.69
C LYS A 82 5.59 8.64 43.74
N GLU A 83 5.32 8.18 44.96
CA GLU A 83 6.31 8.19 46.05
C GLU A 83 7.51 7.32 45.71
N LYS A 84 7.26 6.17 45.10
CA LYS A 84 8.32 5.25 44.67
C LYS A 84 9.16 5.87 43.52
N TRP A 85 8.48 6.41 42.51
CA TRP A 85 9.13 7.18 41.44
C TRP A 85 10.10 8.24 41.99
N ALA A 86 9.59 9.02 42.94
CA ALA A 86 10.33 10.15 43.53
C ALA A 86 11.55 9.70 44.31
N GLU A 87 11.39 8.67 45.15
CA GLU A 87 12.50 8.05 45.88
C GLU A 87 13.57 7.55 44.86
N ALA A 88 13.16 6.91 43.77
CA ALA A 88 14.10 6.35 42.78
C ALA A 88 14.88 7.43 42.02
N ILE A 89 14.16 8.42 41.53
CA ILE A 89 14.78 9.54 40.82
C ILE A 89 15.68 10.35 41.76
N LYS A 90 15.31 10.49 43.02
CA LYS A 90 16.19 11.11 44.00
C LYS A 90 17.53 10.40 44.09
N GLN A 91 17.50 9.08 44.25
CA GLN A 91 18.74 8.29 44.37
C GLN A 91 19.58 8.43 43.10
N ILE A 92 18.91 8.39 41.96
CA ILE A 92 19.55 8.58 40.66
C ILE A 92 20.23 9.94 40.57
N GLN A 93 19.58 10.99 41.06
CA GLN A 93 20.14 12.34 40.98
C GLN A 93 21.27 12.56 41.95
N GLU A 94 21.12 12.08 43.18
CA GLU A 94 22.25 12.11 44.13
C GLU A 94 23.51 11.51 43.50
N LYS A 95 23.35 10.42 42.75
CA LYS A 95 24.47 9.75 42.09
C LYS A 95 25.00 10.56 40.92
N SER A 96 24.10 11.08 40.09
CA SER A 96 24.47 11.86 38.91
C SER A 96 25.19 13.15 39.28
N MET A 97 24.67 13.88 40.28
CA MET A 97 25.35 15.12 40.72
C MET A 97 26.71 14.86 41.40
N LYS A 98 26.85 13.73 42.09
CA LYS A 98 28.12 13.38 42.74
C LYS A 98 29.18 13.03 41.70
N GLU A 99 28.84 12.14 40.76
CA GLU A 99 29.82 11.54 39.82
C GLU A 99 30.10 12.31 38.54
N ILE A 100 29.10 13.06 38.07
CA ILE A 100 29.18 13.78 36.79
C ILE A 100 29.11 15.29 37.01
N GLY A 101 28.22 15.74 37.90
CA GLY A 101 27.91 17.16 38.07
C GLY A 101 26.75 17.63 37.18
N ILE A 102 26.22 16.75 36.33
CA ILE A 102 25.10 17.03 35.43
C ILE A 102 23.91 16.15 35.84
N PRO A 103 22.71 16.73 35.98
CA PRO A 103 21.57 15.94 36.40
C PRO A 103 21.12 14.98 35.30
N CYS A 104 20.62 13.82 35.72
CA CYS A 104 20.01 12.87 34.79
C CYS A 104 18.67 13.43 34.26
N ILE A 105 18.39 13.14 33.00
CA ILE A 105 17.04 13.34 32.45
C ILE A 105 16.34 11.98 32.31
N TYR A 106 15.23 11.82 33.03
CA TYR A 106 14.49 10.58 33.06
C TYR A 106 13.26 10.74 32.17
N GLY A 107 13.22 9.92 31.10
CA GLY A 107 12.10 9.91 30.16
C GLY A 107 11.11 8.78 30.40
N VAL A 108 9.82 9.08 30.29
CA VAL A 108 8.77 8.08 30.50
C VAL A 108 7.66 8.24 29.46
N ASP A 109 7.13 7.10 29.02
CA ASP A 109 5.94 7.04 28.17
C ASP A 109 4.64 7.30 28.97
N GLN A 110 4.40 8.55 29.34
CA GLN A 110 3.11 8.96 29.91
C GLN A 110 2.25 9.41 28.74
N ILE A 111 1.49 8.45 28.18
CA ILE A 111 0.87 8.58 26.83
C ILE A 111 -0.53 9.22 26.78
N HIS A 112 -1.36 8.95 27.80
CA HIS A 112 -2.75 9.47 27.84
C HIS A 112 -3.15 9.71 29.30
N GLY A 113 -2.42 10.62 29.92
CA GLY A 113 -2.31 10.63 31.37
C GLY A 113 -1.17 9.69 31.76
N THR A 114 -0.96 9.54 33.07
CA THR A 114 0.22 8.85 33.59
C THR A 114 0.10 7.32 33.47
N THR A 115 0.36 6.85 32.25
CA THR A 115 0.49 5.42 31.93
C THR A 115 1.21 4.59 33.00
N TYR A 116 2.30 5.14 33.54
CA TYR A 116 3.16 4.38 34.44
C TYR A 116 3.24 4.90 35.88
N THR A 117 2.28 5.75 36.25
CA THR A 117 2.12 6.20 37.63
C THR A 117 0.75 5.82 38.12
N LEU A 118 0.73 5.04 39.19
CA LEU A 118 -0.53 4.53 39.71
C LEU A 118 -1.46 5.65 40.16
N ASP A 119 -2.77 5.41 39.99
CA ASP A 119 -3.84 6.27 40.52
C ASP A 119 -3.96 7.63 39.86
N GLY A 120 -3.30 7.80 38.72
CA GLY A 120 -3.41 9.03 37.96
C GLY A 120 -4.70 9.12 37.19
N THR A 121 -4.89 10.30 36.59
CA THR A 121 -6.05 10.62 35.77
C THR A 121 -5.77 10.17 34.34
N MET A 122 -6.49 9.15 33.89
CA MET A 122 -6.29 8.55 32.57
C MET A 122 -7.34 9.04 31.57
N PHE A 123 -6.84 9.52 30.44
CA PHE A 123 -7.68 10.12 29.41
C PHE A 123 -7.94 9.14 28.26
N PRO A 124 -8.98 9.42 27.45
CA PRO A 124 -9.10 8.68 26.22
C PRO A 124 -7.80 8.78 25.37
N GLN A 125 -7.54 7.75 24.57
CA GLN A 125 -6.34 7.68 23.73
C GLN A 125 -6.38 8.75 22.61
N GLY A 126 -5.27 8.90 21.91
CA GLY A 126 -5.13 9.93 20.86
C GLY A 126 -6.30 10.00 19.89
N ILE A 127 -6.70 8.84 19.39
CA ILE A 127 -7.75 8.74 18.37
C ILE A 127 -9.06 9.30 18.90
N ASN A 128 -9.35 9.04 20.17
CA ASN A 128 -10.50 9.63 20.85
C ASN A 128 -10.40 11.16 20.95
N MET A 129 -9.24 11.66 21.32
CA MET A 129 -9.05 13.11 21.45
C MET A 129 -9.25 13.80 20.09
N GLY A 130 -8.78 13.18 19.01
CA GLY A 130 -9.07 13.67 17.67
C GLY A 130 -10.57 13.81 17.43
N ALA A 131 -11.32 12.77 17.80
CA ALA A 131 -12.77 12.76 17.60
C ALA A 131 -13.56 13.84 18.38
N THR A 132 -12.95 14.41 19.41
CA THR A 132 -13.58 15.53 20.14
C THR A 132 -13.56 16.83 19.35
N PHE A 133 -12.63 16.94 18.38
CA PHE A 133 -12.39 18.19 17.67
C PHE A 133 -12.34 19.41 18.59
N ASN A 134 -11.77 19.19 19.78
CA ASN A 134 -11.73 20.16 20.85
C ASN A 134 -10.28 20.38 21.33
N ARG A 135 -9.64 21.36 20.72
CA ARG A 135 -8.25 21.73 21.04
C ARG A 135 -8.02 22.00 22.51
N GLU A 136 -8.91 22.82 23.09
CA GLU A 136 -8.80 23.22 24.49
C GLU A 136 -8.86 22.01 25.44
N LEU A 137 -9.70 21.03 25.12
CA LEU A 137 -9.79 19.83 25.91
C LEU A 137 -8.52 18.97 25.80
N THR A 138 -7.95 18.90 24.60
CA THR A 138 -6.69 18.20 24.41
C THR A 138 -5.58 18.89 25.22
N ARG A 139 -5.56 20.22 25.21
CA ARG A 139 -4.57 21.00 25.94
C ARG A 139 -4.69 20.72 27.46
N ARG A 140 -5.92 20.80 27.96
CA ARG A 140 -6.18 20.57 29.39
C ARG A 140 -5.85 19.17 29.83
N GLY A 141 -6.10 18.18 28.98
CA GLY A 141 -5.66 16.81 29.23
C GLY A 141 -4.16 16.71 29.42
N ALA A 142 -3.39 17.32 28.51
CA ALA A 142 -1.91 17.30 28.56
C ALA A 142 -1.33 18.07 29.77
N LYS A 143 -1.94 19.21 30.07
CA LYS A 143 -1.66 19.97 31.31
C LYS A 143 -1.81 19.12 32.58
N ILE A 144 -2.90 18.33 32.64
CA ILE A 144 -3.13 17.41 33.77
C ILE A 144 -2.07 16.29 33.79
N SER A 145 -1.78 15.71 32.64
CA SER A 145 -0.79 14.63 32.53
C SER A 145 0.58 15.14 32.98
N ALA A 146 0.93 16.36 32.55
CA ALA A 146 2.17 16.96 32.95
C ALA A 146 2.23 17.14 34.47
N TYR A 147 1.16 17.66 35.05
CA TYR A 147 1.09 17.87 36.49
C TYR A 147 1.35 16.56 37.25
N GLU A 148 0.65 15.52 36.84
CA GLU A 148 0.73 14.23 37.52
C GLU A 148 2.04 13.50 37.18
N THR A 149 2.65 13.80 36.05
CA THR A 149 3.96 13.26 35.72
C THR A 149 5.03 13.87 36.65
N LYS A 150 5.03 15.21 36.76
CA LYS A 150 5.95 15.87 37.68
C LYS A 150 5.72 15.50 39.15
N ALA A 151 4.52 15.05 39.52
CA ALA A 151 4.26 14.54 40.88
C ALA A 151 5.09 13.30 41.26
N GLY A 152 5.74 12.65 40.27
CA GLY A 152 6.74 11.60 40.49
C GLY A 152 8.19 11.98 40.18
N CYS A 153 8.49 13.28 40.08
CA CYS A 153 9.81 13.79 39.69
C CYS A 153 10.28 13.45 38.28
N ILE A 154 9.34 13.14 37.39
CA ILE A 154 9.62 12.84 36.00
C ILE A 154 9.45 14.16 35.25
N PRO A 155 10.48 14.59 34.47
CA PRO A 155 10.44 15.87 33.74
C PRO A 155 10.17 15.80 32.25
N TRP A 156 10.21 14.59 31.68
CA TRP A 156 10.20 14.40 30.24
C TRP A 156 9.21 13.29 29.86
N THR A 157 8.21 13.62 29.06
CA THR A 157 7.28 12.60 28.54
C THR A 157 7.48 12.31 27.06
N PHE A 158 7.44 11.03 26.71
CA PHE A 158 7.57 10.61 25.31
C PHE A 158 6.17 10.70 24.66
N ALA A 159 5.74 11.95 24.43
CA ALA A 159 4.44 12.25 23.91
C ALA A 159 4.44 13.72 23.55
N PRO A 160 3.58 14.18 22.62
CA PRO A 160 2.51 13.42 21.98
C PRO A 160 2.87 12.73 20.66
N VAL A 161 2.01 11.79 20.27
CA VAL A 161 2.14 11.06 19.03
C VAL A 161 1.33 11.75 17.93
N VAL A 162 1.98 12.06 16.81
CA VAL A 162 1.36 12.79 15.69
C VAL A 162 1.53 12.09 14.33
N ASP A 163 1.72 10.77 14.35
CA ASP A 163 1.69 9.97 13.15
C ASP A 163 0.32 10.10 12.46
N LEU A 164 0.27 9.82 11.17
CA LEU A 164 -1.00 9.84 10.44
C LEU A 164 -1.59 8.42 10.44
N GLY A 165 -2.70 8.25 11.14
CA GLY A 165 -3.37 6.96 11.29
C GLY A 165 -4.21 6.68 10.08
N ARG A 166 -3.53 6.49 8.96
CA ARG A 166 -4.16 6.41 7.65
C ARG A 166 -4.32 4.95 7.23
N ASP A 167 -3.86 4.01 8.06
CA ASP A 167 -3.84 2.59 7.75
C ASP A 167 -4.48 1.85 8.91
N PRO A 168 -5.71 1.34 8.71
CA PRO A 168 -6.40 0.67 9.82
C PRO A 168 -5.88 -0.71 10.18
N ARG A 169 -4.90 -1.24 9.45
CA ARG A 169 -4.26 -2.49 9.81
C ARG A 169 -3.22 -2.31 10.92
N TRP A 170 -2.75 -1.09 11.10
CA TRP A 170 -1.58 -0.81 11.93
C TRP A 170 -1.93 -0.80 13.40
N ALA A 171 -1.14 -1.54 14.17
CA ALA A 171 -1.32 -1.69 15.62
C ALA A 171 -1.21 -0.40 16.42
N ARG A 172 -0.65 0.66 15.82
CA ARG A 172 -0.50 1.94 16.50
C ARG A 172 -1.42 3.05 15.95
N MET A 173 -2.47 2.66 15.21
CA MET A 173 -3.37 3.64 14.59
C MET A 173 -4.04 4.53 15.64
N TRP A 174 -4.33 3.93 16.78
CA TRP A 174 -5.04 4.60 17.88
C TRP A 174 -4.20 5.62 18.72
N GLU A 175 -2.87 5.57 18.62
CA GLU A 175 -2.01 6.44 19.43
C GLU A 175 -2.04 7.92 18.96
N ASN A 176 -2.33 8.15 17.70
CA ASN A 176 -2.31 9.49 17.11
C ASN A 176 -3.73 10.03 17.00
N TYR A 177 -3.92 11.17 16.34
CA TYR A 177 -5.25 11.81 16.29
C TYR A 177 -6.05 11.48 15.03
N GLY A 178 -5.57 10.52 14.24
CA GLY A 178 -6.33 10.00 13.12
C GLY A 178 -5.69 10.24 11.78
N GLU A 179 -6.52 10.14 10.74
CA GLU A 179 -6.00 10.07 9.38
C GLU A 179 -5.67 11.42 8.76
N ASP A 180 -6.08 12.52 9.38
CA ASP A 180 -5.89 13.84 8.79
C ASP A 180 -4.71 14.59 9.40
N CYS A 181 -3.91 15.22 8.55
CA CYS A 181 -2.68 15.85 8.96
C CYS A 181 -2.92 17.17 9.71
N TYR A 182 -3.95 17.93 9.30
CA TYR A 182 -4.38 19.13 10.04
C TYR A 182 -4.82 18.79 11.48
N VAL A 183 -5.66 17.76 11.64
CA VAL A 183 -6.10 17.35 12.98
C VAL A 183 -4.90 16.99 13.85
N ASN A 184 -3.95 16.20 13.32
CA ASN A 184 -2.76 15.87 14.09
C ASN A 184 -1.89 17.08 14.42
N ALA A 185 -1.79 18.01 13.48
CA ALA A 185 -0.96 19.19 13.70
C ALA A 185 -1.54 20.05 14.83
N GLU A 186 -2.84 20.33 14.74
CA GLU A 186 -3.54 21.18 15.69
C GLU A 186 -3.61 20.56 17.09
N MET A 187 -3.97 19.29 17.18
CA MET A 187 -4.03 18.59 18.47
C MET A 187 -2.65 18.39 19.07
N GLY A 188 -1.66 18.14 18.22
CA GLY A 188 -0.28 17.99 18.66
C GLY A 188 0.23 19.27 19.26
N VAL A 189 -0.14 20.38 18.65
CA VAL A 189 0.22 21.69 19.16
C VAL A 189 -0.48 21.95 20.49
N SER A 190 -1.75 21.57 20.57
CA SER A 190 -2.51 21.69 21.82
C SER A 190 -1.89 20.87 22.96
N ALA A 191 -1.43 19.65 22.64
CA ALA A 191 -0.81 18.78 23.64
C ALA A 191 0.50 19.39 24.12
N VAL A 192 1.30 19.87 23.17
CA VAL A 192 2.60 20.49 23.48
C VAL A 192 2.44 21.70 24.39
N LYS A 193 1.47 22.54 24.10
CA LYS A 193 1.15 23.70 24.97
C LYS A 193 0.72 23.31 26.39
N GLY A 194 -0.15 22.31 26.49
CA GLY A 194 -0.51 21.74 27.79
C GLY A 194 0.68 21.14 28.53
N PHE A 195 1.45 20.29 27.87
CA PHE A 195 2.60 19.64 28.50
C PHE A 195 3.61 20.66 28.99
N GLN A 196 4.02 21.56 28.09
CA GLN A 196 5.19 22.41 28.32
C GLN A 196 4.89 23.74 28.99
N GLY A 197 3.69 24.25 28.80
CA GLY A 197 3.37 25.63 29.19
C GLY A 197 3.85 26.57 28.10
N GLU A 198 3.76 27.86 28.40
CA GLU A 198 3.91 28.90 27.39
C GLU A 198 5.35 29.35 27.12
N ASP A 199 6.30 28.99 27.99
CA ASP A 199 7.71 29.35 27.79
C ASP A 199 8.60 28.10 27.65
N PRO A 200 8.97 27.75 26.40
CA PRO A 200 9.82 26.56 26.18
C PRO A 200 11.19 26.63 26.86
N ASN A 201 11.69 27.84 27.12
CA ASN A 201 12.96 28.01 27.86
C ASN A 201 12.91 27.81 29.39
N ARG A 202 11.71 27.90 29.98
CA ARG A 202 11.49 27.74 31.42
C ARG A 202 10.27 26.84 31.63
N ILE A 203 10.51 25.53 31.63
CA ILE A 203 9.46 24.56 31.89
C ILE A 203 9.23 24.53 33.41
N GLY A 204 8.07 25.03 33.86
CA GLY A 204 7.80 25.20 35.29
C GLY A 204 7.57 23.87 36.03
N GLU A 205 7.30 24.01 37.31
CA GLU A 205 7.00 22.93 38.26
C GLU A 205 6.01 21.88 37.80
N TYR A 206 4.96 22.34 37.13
CA TYR A 206 3.81 21.50 36.79
C TYR A 206 3.80 21.06 35.32
N ASN A 207 4.83 21.44 34.57
CA ASN A 207 4.95 21.14 33.16
C ASN A 207 6.09 20.13 32.89
N VAL A 208 6.09 19.56 31.70
CA VAL A 208 7.14 18.66 31.25
C VAL A 208 7.58 19.03 29.83
N ALA A 209 8.75 18.55 29.45
CA ALA A 209 9.17 18.59 28.05
C ALA A 209 8.38 17.54 27.28
N ALA A 210 7.88 17.95 26.12
CA ALA A 210 7.19 17.05 25.19
C ALA A 210 8.19 16.46 24.24
N CYS A 211 7.78 15.37 23.62
CA CYS A 211 8.58 14.68 22.60
C CYS A 211 7.66 14.27 21.48
N MET A 212 7.87 14.82 20.29
CA MET A 212 7.02 14.51 19.13
C MET A 212 7.45 13.15 18.58
N LYS A 213 6.48 12.24 18.39
CA LYS A 213 6.72 10.89 17.87
C LYS A 213 5.79 10.56 16.69
N HIS A 214 6.21 9.78 15.69
CA HIS A 214 7.55 9.23 15.49
C HIS A 214 8.01 9.75 14.12
N TYR A 215 8.98 10.67 14.12
CA TYR A 215 9.42 11.40 12.92
C TYR A 215 10.08 10.51 11.84
N MET A 216 9.48 10.32 10.66
CA MET A 216 8.10 10.59 10.29
C MET A 216 7.63 9.53 9.29
N GLY A 217 6.34 9.51 8.98
CA GLY A 217 5.77 8.53 8.06
C GLY A 217 5.60 7.11 8.61
N TYR A 218 5.61 6.98 9.93
CA TYR A 218 5.58 5.68 10.63
C TYR A 218 4.26 4.91 10.45
N GLY A 219 3.17 5.65 10.24
CA GLY A 219 1.84 5.08 10.25
C GLY A 219 1.28 4.47 8.98
N VAL A 220 2.10 4.42 7.91
CA VAL A 220 1.67 3.88 6.63
C VAL A 220 2.60 2.80 6.07
N PRO A 221 2.88 1.76 6.87
CA PRO A 221 3.60 0.65 6.26
C PRO A 221 2.76 -0.03 5.14
N VAL A 222 3.43 -0.46 4.08
CA VAL A 222 2.76 -1.00 2.89
C VAL A 222 1.95 -2.25 3.25
N SER A 223 2.53 -3.10 4.09
CA SER A 223 1.85 -4.34 4.55
C SER A 223 0.90 -4.18 5.75
N GLY A 224 0.90 -3.01 6.41
CA GLY A 224 0.15 -2.84 7.66
C GLY A 224 0.87 -3.30 8.90
N LYS A 225 1.98 -4.04 8.74
CA LYS A 225 2.75 -4.56 9.87
C LYS A 225 3.70 -3.50 10.39
N ASP A 226 3.78 -3.41 11.70
CA ASP A 226 4.58 -2.41 12.38
C ASP A 226 6.06 -2.52 12.01
N ARG A 227 6.71 -1.37 11.79
CA ARG A 227 8.16 -1.34 11.51
C ARG A 227 8.55 -2.14 10.25
N THR A 228 7.68 -2.09 9.24
CA THR A 228 7.98 -2.60 7.92
C THR A 228 7.87 -1.41 6.95
N PRO A 229 8.43 -1.52 5.72
CA PRO A 229 8.65 -0.31 4.96
C PRO A 229 7.37 0.40 4.52
N SER A 230 7.41 1.72 4.61
CA SER A 230 6.39 2.55 4.01
C SER A 230 6.85 2.84 2.58
N SER A 231 5.96 3.42 1.79
CA SER A 231 6.31 3.84 0.41
C SER A 231 5.62 5.18 0.13
N ILE A 232 6.24 6.23 0.68
CA ILE A 232 5.57 7.51 0.80
C ILE A 232 5.96 8.38 -0.37
N SER A 233 4.97 9.02 -1.00
CA SER A 233 5.23 9.90 -2.16
C SER A 233 5.92 11.16 -1.70
N ARG A 234 6.67 11.78 -2.59
CA ARG A 234 7.35 13.01 -2.33
C ARG A 234 6.39 14.10 -1.81
N SER A 235 5.23 14.26 -2.46
CA SER A 235 4.24 15.26 -2.02
C SER A 235 3.62 14.95 -0.67
N ASP A 236 3.31 13.68 -0.41
CA ASP A 236 2.73 13.29 0.89
C ASP A 236 3.72 13.50 2.05
N MET A 237 5.01 13.30 1.81
CA MET A 237 5.99 13.42 2.90
C MET A 237 6.02 14.87 3.41
N ARG A 238 6.13 15.83 2.50
CA ARG A 238 6.18 17.26 2.84
C ARG A 238 4.83 17.80 3.33
N GLU A 239 3.78 17.53 2.55
CA GLU A 239 2.48 18.13 2.78
C GLU A 239 1.78 17.52 4.00
N LYS A 240 1.90 16.21 4.21
CA LYS A 240 1.08 15.57 5.24
C LYS A 240 1.88 15.04 6.41
N HIS A 241 2.76 14.07 6.19
CA HIS A 241 3.49 13.44 7.27
C HIS A 241 4.35 14.43 8.06
N PHE A 242 4.96 15.39 7.38
CA PHE A 242 5.78 16.42 8.02
C PHE A 242 4.94 17.45 8.78
N ALA A 243 3.69 17.64 8.38
CA ALA A 243 2.91 18.81 8.81
C ALA A 243 2.80 18.98 10.36
N PRO A 244 2.49 17.91 11.09
CA PRO A 244 2.37 18.05 12.52
C PRO A 244 3.69 18.31 13.24
N PHE A 245 4.78 17.82 12.66
CA PHE A 245 6.10 18.05 13.23
C PHE A 245 6.52 19.49 12.98
N LEU A 246 6.26 19.99 11.78
CA LEU A 246 6.50 21.39 11.48
C LEU A 246 5.71 22.31 12.44
N ALA A 247 4.42 22.03 12.61
CA ALA A 247 3.58 22.89 13.46
C ALA A 247 4.05 22.87 14.94
N ALA A 248 4.38 21.68 15.44
CA ALA A 248 4.81 21.53 16.85
C ALA A 248 6.18 22.16 17.15
N VAL A 249 7.12 21.98 16.23
CA VAL A 249 8.44 22.55 16.34
C VAL A 249 8.36 24.08 16.33
N ARG A 250 7.48 24.64 15.50
CA ARG A 250 7.28 26.10 15.47
C ARG A 250 6.63 26.67 16.74
N GLN A 251 5.88 25.83 17.45
CA GLN A 251 5.36 26.16 18.79
C GLN A 251 6.31 25.84 19.95
N GLY A 252 7.51 25.34 19.66
CA GLY A 252 8.56 25.15 20.64
C GLY A 252 8.63 23.77 21.32
N ALA A 253 8.10 22.73 20.68
CA ALA A 253 8.32 21.38 21.17
C ALA A 253 9.81 21.16 21.38
N LEU A 254 10.18 20.63 22.53
CA LEU A 254 11.61 20.55 22.90
C LEU A 254 12.36 19.35 22.39
N SER A 255 11.64 18.31 21.96
CA SER A 255 12.28 17.08 21.52
C SER A 255 11.45 16.31 20.48
N VAL A 256 12.15 15.48 19.73
CA VAL A 256 11.58 14.64 18.68
C VAL A 256 12.18 13.25 18.79
N MET A 257 11.32 12.22 18.72
CA MET A 257 11.76 10.84 18.61
C MET A 257 11.58 10.36 17.16
N VAL A 258 12.56 9.61 16.67
CA VAL A 258 12.63 9.20 15.27
C VAL A 258 11.93 7.86 15.01
N ASN A 259 11.34 7.77 13.82
CA ASN A 259 10.64 6.60 13.29
C ASN A 259 11.58 5.41 13.16
N SER A 260 11.24 4.31 13.82
CA SER A 260 12.03 3.07 13.77
C SER A 260 12.15 2.45 12.39
N GLY A 261 11.13 2.69 11.55
CA GLY A 261 10.98 2.00 10.30
C GLY A 261 11.76 2.57 9.13
N VAL A 262 11.28 2.22 7.95
CA VAL A 262 12.05 2.30 6.71
C VAL A 262 11.17 2.92 5.62
N ASP A 263 11.78 3.69 4.72
CA ASP A 263 11.13 4.16 3.50
C ASP A 263 12.18 4.34 2.43
N ASN A 264 11.85 3.92 1.21
CA ASN A 264 12.76 4.02 0.06
C ASN A 264 14.12 3.41 0.37
N GLY A 265 14.08 2.30 1.09
CA GLY A 265 15.28 1.56 1.44
C GLY A 265 16.12 2.16 2.55
N LEU A 266 15.72 3.29 3.10
CA LEU A 266 16.53 3.98 4.10
C LEU A 266 15.80 3.99 5.42
N PRO A 267 16.40 3.36 6.46
CA PRO A 267 15.83 3.56 7.80
C PRO A 267 15.86 5.04 8.18
N PHE A 268 14.78 5.53 8.79
CA PHE A 268 14.70 6.96 9.14
C PHE A 268 15.82 7.39 10.08
N HIS A 269 16.26 6.48 10.95
CA HIS A 269 17.42 6.76 11.80
C HIS A 269 18.73 7.06 11.06
N ALA A 270 18.79 6.71 9.76
CA ALA A 270 19.97 7.00 8.94
C ALA A 270 19.71 8.11 7.96
N ASN A 271 18.56 8.78 8.06
CA ASN A 271 18.16 9.77 7.04
C ASN A 271 18.65 11.19 7.39
N ARG A 272 19.90 11.47 7.07
CA ARG A 272 20.51 12.76 7.37
C ARG A 272 19.69 13.95 6.83
N GLU A 273 19.18 13.81 5.62
CA GLU A 273 18.38 14.84 4.98
C GLU A 273 17.15 15.21 5.83
N LEU A 274 16.38 14.23 6.26
CA LEU A 274 15.18 14.53 7.05
C LEU A 274 15.49 15.03 8.47
N LEU A 275 16.51 14.47 9.11
CA LEU A 275 16.85 14.80 10.48
C LEU A 275 17.64 16.12 10.63
N THR A 276 18.71 16.26 9.87
CA THR A 276 19.57 17.41 9.95
C THR A 276 18.99 18.57 9.12
N GLU A 277 18.55 18.31 7.89
CA GLU A 277 18.21 19.42 6.99
C GLU A 277 16.79 19.87 7.21
N TRP A 278 15.82 18.96 7.01
CA TRP A 278 14.38 19.32 7.08
C TRP A 278 13.97 19.81 8.46
N LEU A 279 14.54 19.18 9.49
CA LEU A 279 14.16 19.43 10.87
C LEU A 279 15.06 20.49 11.55
N LYS A 280 16.32 20.13 11.87
CA LYS A 280 17.20 21.02 12.64
C LYS A 280 17.59 22.30 11.89
N GLU A 281 18.06 22.18 10.65
CA GLU A 281 18.59 23.32 9.87
C GLU A 281 17.53 24.20 9.19
N ASP A 282 16.57 23.61 8.48
CA ASP A 282 15.53 24.40 7.83
C ASP A 282 14.70 25.20 8.83
N LEU A 283 14.38 24.61 9.97
CA LEU A 283 13.54 25.27 10.98
C LEU A 283 14.36 26.05 12.03
N ASN A 284 15.68 25.96 11.98
CA ASN A 284 16.60 26.56 12.98
C ASN A 284 16.09 26.23 14.40
N TRP A 285 16.08 24.93 14.68
CA TRP A 285 15.50 24.39 15.89
C TRP A 285 16.61 23.77 16.71
N ASP A 286 16.73 24.23 17.96
CA ASP A 286 17.83 23.83 18.84
C ASP A 286 17.45 22.72 19.86
N GLY A 287 16.36 21.99 19.58
CA GLY A 287 15.90 20.90 20.45
C GLY A 287 16.68 19.60 20.26
N LEU A 288 16.16 18.54 20.89
CA LEU A 288 16.86 17.26 21.03
C LEU A 288 16.22 16.20 20.17
N ILE A 289 17.05 15.47 19.42
CA ILE A 289 16.57 14.28 18.69
C ILE A 289 17.04 13.05 19.42
N VAL A 290 16.09 12.19 19.77
CA VAL A 290 16.35 10.92 20.46
C VAL A 290 15.91 9.79 19.54
N THR A 291 16.63 8.67 19.61
CA THR A 291 16.24 7.50 18.86
C THR A 291 15.04 6.87 19.56
N ASP A 292 14.32 6.04 18.82
CA ASP A 292 13.42 5.06 19.40
C ASP A 292 14.26 3.84 19.85
N TRP A 293 13.56 2.84 20.37
CA TRP A 293 14.15 1.77 21.16
C TRP A 293 15.05 0.84 20.33
N ALA A 294 16.33 0.79 20.68
CA ALA A 294 17.32 -0.12 20.02
C ALA A 294 17.62 0.19 18.55
N ASP A 295 17.28 1.39 18.09
CA ASP A 295 17.24 1.65 16.65
C ASP A 295 18.61 1.90 15.99
N ILE A 296 19.62 2.29 16.77
CA ILE A 296 20.98 2.30 16.22
C ILE A 296 21.36 0.85 15.95
N ASN A 297 21.19 -0.02 16.94
CA ASN A 297 21.58 -1.44 16.75
C ASN A 297 20.77 -2.14 15.64
N ASN A 298 19.53 -1.71 15.44
CA ASN A 298 18.69 -2.24 14.37
C ASN A 298 19.28 -2.01 12.97
N LEU A 299 20.08 -0.94 12.78
CA LEU A 299 20.75 -0.72 11.48
C LEU A 299 21.65 -1.90 11.12
N CYS A 300 22.30 -2.45 12.14
CA CYS A 300 23.11 -3.66 12.00
C CYS A 300 22.27 -4.95 11.94
N THR A 301 21.55 -5.25 13.02
CA THR A 301 20.92 -6.57 13.20
C THR A 301 19.62 -6.81 12.43
N ARG A 302 18.83 -5.77 12.22
CA ARG A 302 17.55 -5.87 11.51
C ARG A 302 17.67 -5.54 10.02
N ASP A 303 18.25 -4.37 9.70
CA ASP A 303 18.20 -3.80 8.34
C ASP A 303 19.45 -4.05 7.49
N HIS A 304 20.54 -4.40 8.15
CA HIS A 304 21.78 -4.70 7.46
C HIS A 304 22.28 -3.54 6.57
N ILE A 305 22.18 -2.31 7.06
CA ILE A 305 22.94 -1.21 6.44
C ILE A 305 24.25 -0.89 7.15
N ALA A 306 24.55 -1.61 8.23
CA ALA A 306 25.81 -1.47 8.94
C ALA A 306 26.34 -2.87 9.25
N ALA A 307 27.63 -3.09 9.03
CA ALA A 307 28.24 -4.41 9.28
C ALA A 307 28.37 -4.67 10.77
N THR A 308 28.66 -3.64 11.55
CA THR A 308 28.85 -3.76 12.99
C THR A 308 27.94 -2.75 13.69
N LYS A 309 27.76 -2.93 14.99
CA LYS A 309 27.02 -1.94 15.81
C LYS A 309 27.76 -0.60 15.81
N LYS A 310 29.07 -0.67 15.92
CA LYS A 310 29.92 0.51 15.85
C LYS A 310 29.71 1.32 14.56
N GLU A 311 29.60 0.65 13.41
CA GLU A 311 29.32 1.35 12.13
C GLU A 311 27.92 2.00 12.19
N ALA A 312 26.98 1.33 12.83
CA ALA A 312 25.65 1.90 13.02
C ALA A 312 25.67 3.17 13.87
N VAL A 313 26.45 3.19 14.95
CA VAL A 313 26.63 4.38 15.76
C VAL A 313 27.14 5.54 14.89
N LYS A 314 28.17 5.29 14.07
CA LYS A 314 28.72 6.31 13.18
C LYS A 314 27.64 6.90 12.27
N ILE A 315 26.84 6.03 11.65
CA ILE A 315 25.82 6.45 10.70
C ILE A 315 24.77 7.34 11.35
N VAL A 316 24.25 6.87 12.48
CA VAL A 316 23.13 7.53 13.13
C VAL A 316 23.52 8.88 13.78
N ILE A 317 24.65 8.88 14.49
CA ILE A 317 25.16 10.12 15.08
C ILE A 317 25.49 11.14 13.99
N ASN A 318 26.14 10.71 12.90
CA ASN A 318 26.42 11.64 11.79
C ASN A 318 25.16 12.11 11.04
N ALA A 319 24.11 11.32 11.09
CA ALA A 319 22.81 11.70 10.52
C ALA A 319 22.08 12.79 11.31
N GLY A 320 22.50 13.03 12.55
CA GLY A 320 21.98 14.13 13.37
C GLY A 320 21.23 13.74 14.63
N ILE A 321 21.26 12.48 15.01
CA ILE A 321 20.76 12.03 16.29
C ILE A 321 21.62 12.53 17.47
N ASP A 322 20.98 12.99 18.54
CA ASP A 322 21.68 13.51 19.71
C ASP A 322 21.81 12.54 20.89
N MET A 323 20.83 11.65 21.08
CA MET A 323 20.79 10.73 22.20
C MET A 323 20.35 9.36 21.71
N SER A 324 21.11 8.32 22.06
CA SER A 324 20.75 6.96 21.69
C SER A 324 19.97 6.24 22.81
N MET A 325 18.75 5.81 22.51
CA MET A 325 18.00 4.89 23.37
C MET A 325 18.55 3.49 23.08
N VAL A 326 19.63 3.14 23.76
CA VAL A 326 20.47 2.00 23.35
C VAL A 326 19.68 0.68 23.27
N PRO A 327 18.94 0.26 24.31
CA PRO A 327 18.90 0.85 25.64
C PRO A 327 19.51 -0.04 26.75
N TYR A 328 20.24 -1.10 26.38
CA TYR A 328 20.77 -2.05 27.35
C TYR A 328 22.29 -1.97 27.57
N GLU A 329 23.02 -1.35 26.64
CA GLU A 329 24.44 -1.60 26.46
C GLU A 329 25.26 -0.32 26.57
N VAL A 330 25.94 -0.17 27.72
CA VAL A 330 26.90 0.91 27.89
C VAL A 330 28.05 0.85 26.85
N SER A 331 28.25 -0.31 26.19
CA SER A 331 29.24 -0.41 25.09
C SER A 331 29.07 0.62 23.94
N PHE A 332 27.87 1.16 23.74
CA PHE A 332 27.64 2.35 22.91
C PHE A 332 28.72 3.41 23.13
N CYS A 333 29.00 3.68 24.41
CA CYS A 333 29.98 4.69 24.80
C CYS A 333 31.39 4.36 24.34
N ASP A 334 31.76 3.07 24.44
CA ASP A 334 33.05 2.63 23.93
C ASP A 334 33.14 2.83 22.41
N TYR A 335 32.09 2.42 21.70
CA TYR A 335 32.08 2.49 20.25
C TYR A 335 32.19 3.94 19.77
N LEU A 336 31.42 4.83 20.39
CA LEU A 336 31.44 6.24 19.97
C LEU A 336 32.78 6.88 20.23
N LYS A 337 33.37 6.56 21.38
CA LYS A 337 34.70 7.07 21.74
C LYS A 337 35.75 6.64 20.70
N GLU A 338 35.70 5.37 20.31
CA GLU A 338 36.62 4.87 19.29
C GLU A 338 36.44 5.60 17.97
N LEU A 339 35.18 5.83 17.57
CA LEU A 339 34.88 6.57 16.37
C LEU A 339 35.39 8.00 16.40
N VAL A 340 35.21 8.69 17.54
CA VAL A 340 35.74 10.05 17.69
C VAL A 340 37.26 10.04 17.60
N GLU A 341 37.91 9.11 18.29
CA GLU A 341 39.39 8.99 18.23
C GLU A 341 39.91 8.67 16.82
N GLU A 342 39.12 7.96 16.02
CA GLU A 342 39.46 7.61 14.64
C GLU A 342 39.17 8.72 13.61
N GLY A 343 38.41 9.74 14.00
CA GLY A 343 38.04 10.82 13.09
C GLY A 343 36.78 10.54 12.29
N GLU A 344 36.05 9.49 12.64
CA GLU A 344 34.80 9.10 11.94
C GLU A 344 33.60 9.94 12.37
N VAL A 345 33.63 10.40 13.60
CA VAL A 345 32.60 11.31 14.11
C VAL A 345 33.37 12.50 14.65
N SER A 346 33.01 13.69 14.21
CA SER A 346 33.79 14.89 14.56
C SER A 346 33.38 15.38 15.94
N MET A 347 34.30 16.11 16.55
CA MET A 347 34.01 16.83 17.77
C MET A 347 32.92 17.88 17.60
N GLU A 348 32.85 18.53 16.44
CA GLU A 348 31.76 19.49 16.16
C GLU A 348 30.38 18.80 16.37
N ARG A 349 30.26 17.58 15.86
CA ARG A 349 29.02 16.80 15.97
C ARG A 349 28.75 16.31 17.41
N ILE A 350 29.79 15.84 18.09
CA ILE A 350 29.67 15.47 19.52
C ILE A 350 29.25 16.72 20.34
N ASP A 351 29.97 17.84 20.17
CA ASP A 351 29.66 19.06 20.93
C ASP A 351 28.26 19.56 20.68
N ASP A 352 27.78 19.42 19.45
CA ASP A 352 26.41 19.83 19.11
C ASP A 352 25.38 18.92 19.79
N ALA A 353 25.63 17.62 19.81
CA ALA A 353 24.70 16.68 20.49
C ALA A 353 24.60 16.98 21.98
N VAL A 354 25.76 17.14 22.61
CA VAL A 354 25.83 17.44 24.04
C VAL A 354 25.18 18.79 24.36
N ALA A 355 25.43 19.80 23.52
CA ALA A 355 24.78 21.10 23.67
C ALA A 355 23.27 20.93 23.75
N ARG A 356 22.72 20.09 22.88
CA ARG A 356 21.27 19.86 22.84
C ARG A 356 20.72 19.14 24.06
N VAL A 357 21.49 18.18 24.58
CA VAL A 357 21.13 17.43 25.78
C VAL A 357 21.16 18.38 26.99
N LEU A 358 22.25 19.13 27.14
CA LEU A 358 22.37 20.10 28.25
C LEU A 358 21.30 21.19 28.18
N ARG A 359 21.04 21.70 26.98
CA ARG A 359 20.02 22.74 26.76
C ARG A 359 18.65 22.28 27.29
N LEU A 360 18.28 21.04 26.98
CA LEU A 360 17.02 20.48 27.43
C LEU A 360 16.98 20.43 28.96
N LYS A 361 18.08 19.94 29.53
CA LYS A 361 18.23 19.83 30.97
C LYS A 361 18.15 21.17 31.68
N TYR A 362 18.75 22.21 31.11
CA TYR A 362 18.61 23.57 31.63
C TYR A 362 17.19 24.10 31.49
N ARG A 363 16.53 23.77 30.39
CA ARG A 363 15.16 24.24 30.17
C ARG A 363 14.20 23.67 31.20
N LEU A 364 14.50 22.46 31.64
CA LEU A 364 13.72 21.76 32.68
C LEU A 364 14.11 22.12 34.12
N GLY A 365 15.06 23.04 34.30
CA GLY A 365 15.48 23.47 35.64
C GLY A 365 16.21 22.42 36.46
N LEU A 366 16.76 21.38 35.80
CA LEU A 366 17.26 20.19 36.50
C LEU A 366 18.59 20.39 37.23
N PHE A 367 19.37 21.38 36.82
CA PHE A 367 20.62 21.73 37.52
C PHE A 367 20.35 22.31 38.92
N ASP A 368 19.44 23.28 38.96
CA ASP A 368 18.95 23.84 40.23
C ASP A 368 18.04 22.87 41.01
N HIS A 369 17.19 22.10 40.32
CA HIS A 369 16.19 21.23 40.95
C HIS A 369 16.17 19.86 40.24
N PRO A 370 17.17 19.01 40.53
CA PRO A 370 17.23 17.68 39.91
C PRO A 370 16.07 16.74 40.35
N TYR A 371 15.66 16.85 41.61
CA TYR A 371 14.45 16.21 42.15
C TYR A 371 13.84 17.22 43.08
N TRP A 372 12.67 16.92 43.63
CA TRP A 372 11.95 17.90 44.47
C TRP A 372 10.92 17.17 45.33
N ASP A 373 10.50 17.84 46.37
CA ASP A 373 9.40 17.37 47.21
C ASP A 373 8.12 17.30 46.40
N ILE A 374 7.38 16.19 46.54
CA ILE A 374 6.15 15.95 45.80
C ILE A 374 4.86 16.19 46.59
N LYS A 375 4.96 16.61 47.86
CA LYS A 375 3.79 16.83 48.72
C LYS A 375 2.81 17.84 48.14
N LYS A 376 3.36 18.86 47.47
CA LYS A 376 2.57 19.99 46.96
C LYS A 376 1.71 19.66 45.75
N TYR A 377 1.92 18.50 45.15
CA TYR A 377 1.15 18.10 43.97
C TYR A 377 -0.14 17.44 44.45
N ASP A 378 -0.92 18.17 45.25
CA ASP A 378 -2.08 17.61 45.95
C ASP A 378 -3.36 17.52 45.09
N LYS A 379 -3.32 18.01 43.85
CA LYS A 379 -4.43 17.79 42.90
C LYS A 379 -4.31 16.46 42.16
N PHE A 380 -3.25 15.69 42.42
CA PHE A 380 -3.04 14.39 41.79
C PHE A 380 -4.25 13.48 42.00
N GLY A 381 -4.80 12.96 40.91
CA GLY A 381 -5.94 12.03 40.98
C GLY A 381 -7.23 12.65 41.49
N SER A 382 -7.34 13.98 41.41
CA SER A 382 -8.45 14.71 42.02
C SER A 382 -9.73 14.61 41.20
N LYS A 383 -10.83 14.93 41.85
CA LYS A 383 -12.18 15.03 41.27
C LYS A 383 -12.21 16.09 40.13
N GLU A 384 -11.55 17.23 40.35
CA GLU A 384 -11.43 18.32 39.34
C GLU A 384 -10.79 17.80 38.04
N PHE A 385 -9.68 17.07 38.18
CA PHE A 385 -8.98 16.47 37.03
C PHE A 385 -9.81 15.38 36.36
N ALA A 386 -10.51 14.58 37.17
CA ALA A 386 -11.32 13.46 36.64
C ALA A 386 -12.50 13.94 35.78
N ALA A 387 -13.14 15.04 36.19
CA ALA A 387 -14.23 15.67 35.44
C ALA A 387 -13.77 16.13 34.05
N VAL A 388 -12.49 16.51 33.91
CA VAL A 388 -11.92 16.84 32.60
C VAL A 388 -11.77 15.59 31.75
N ALA A 389 -11.25 14.51 32.36
CA ALA A 389 -11.14 13.22 31.66
C ALA A 389 -12.50 12.65 31.27
N LEU A 390 -13.49 12.84 32.14
CA LEU A 390 -14.85 12.42 31.85
C LEU A 390 -15.41 13.20 30.66
N GLN A 391 -15.25 14.53 30.67
CA GLN A 391 -15.64 15.36 29.52
C GLN A 391 -15.01 14.84 28.22
N ALA A 392 -13.70 14.60 28.24
CA ALA A 392 -12.98 14.09 27.06
C ALA A 392 -13.60 12.81 26.53
N ALA A 393 -13.89 11.90 27.46
CA ALA A 393 -14.49 10.62 27.13
C ALA A 393 -15.90 10.79 26.52
N GLU A 394 -16.74 11.59 27.16
CA GLU A 394 -18.07 11.92 26.64
C GLU A 394 -17.99 12.51 25.23
N GLU A 395 -17.06 13.45 25.05
CA GLU A 395 -16.91 14.14 23.77
C GLU A 395 -16.26 13.31 22.65
N SER A 396 -15.62 12.18 22.99
CA SER A 396 -14.96 11.32 22.00
C SER A 396 -15.79 10.13 21.48
N GLU A 397 -16.86 9.77 22.17
CA GLU A 397 -17.61 8.56 21.81
C GLU A 397 -18.61 8.93 20.74
N VAL A 398 -18.56 8.26 19.61
CA VAL A 398 -19.30 8.70 18.41
C VAL A 398 -20.57 7.90 18.17
N LEU A 399 -21.70 8.60 18.04
CA LEU A 399 -22.96 7.99 17.64
C LEU A 399 -23.02 7.85 16.14
N LEU A 400 -22.94 6.61 15.66
CA LEU A 400 -22.88 6.32 14.23
C LEU A 400 -24.21 5.91 13.62
N LYS A 401 -25.14 5.46 14.45
CA LYS A 401 -26.42 4.99 13.96
C LYS A 401 -27.44 5.02 15.11
N ASN A 402 -28.67 5.47 14.83
CA ASN A 402 -29.72 5.56 15.81
C ASN A 402 -31.10 5.48 15.17
N ASP A 403 -31.46 4.30 14.68
CA ASP A 403 -32.75 4.13 13.98
C ASP A 403 -33.88 4.10 14.99
N GLY A 404 -34.97 4.75 14.63
CA GLY A 404 -36.16 4.86 15.49
C GLY A 404 -35.95 5.67 16.76
N ASN A 405 -34.84 6.40 16.84
CA ASN A 405 -34.41 7.03 18.09
C ASN A 405 -34.52 6.05 19.26
N ILE A 406 -33.93 4.86 19.12
CA ILE A 406 -33.91 3.91 20.24
C ILE A 406 -33.06 4.44 21.40
N LEU A 407 -32.05 5.27 21.10
CA LEU A 407 -31.31 6.01 22.12
C LEU A 407 -31.83 7.46 22.18
N PRO A 408 -31.92 8.06 23.38
CA PRO A 408 -31.48 7.45 24.63
C PRO A 408 -32.44 6.38 25.17
N ILE A 409 -31.91 5.54 26.07
CA ILE A 409 -32.66 4.47 26.71
C ILE A 409 -33.21 4.98 28.06
N ALA A 410 -34.53 4.91 28.21
CA ALA A 410 -35.22 5.40 29.40
C ALA A 410 -34.88 4.56 30.64
N LYS A 411 -34.79 5.23 31.81
CA LYS A 411 -34.51 4.56 33.07
C LYS A 411 -35.76 3.71 33.39
N GLY A 412 -35.56 2.44 33.71
CA GLY A 412 -36.65 1.47 33.86
C GLY A 412 -36.63 0.31 32.86
N LYS A 413 -36.04 0.52 31.68
CA LYS A 413 -35.91 -0.55 30.66
C LYS A 413 -34.87 -1.60 31.10
N LYS A 414 -35.13 -2.87 30.80
CA LYS A 414 -34.23 -3.97 31.15
C LYS A 414 -33.25 -4.23 29.99
N ILE A 415 -31.97 -4.20 30.31
CA ILE A 415 -30.89 -4.22 29.33
C ILE A 415 -30.13 -5.53 29.47
N LEU A 416 -30.02 -6.26 28.36
CA LEU A 416 -29.14 -7.40 28.27
C LEU A 416 -27.79 -6.91 27.78
N LEU A 417 -26.78 -6.97 28.64
CA LEU A 417 -25.43 -6.56 28.32
C LEU A 417 -24.61 -7.79 27.92
N THR A 418 -24.02 -7.73 26.72
CA THR A 418 -23.33 -8.86 26.11
C THR A 418 -22.02 -8.43 25.49
N GLY A 419 -21.21 -9.41 25.09
CA GLY A 419 -19.96 -9.19 24.36
C GLY A 419 -18.73 -9.15 25.26
N PRO A 420 -17.54 -9.34 24.66
CA PRO A 420 -16.31 -9.49 25.44
C PRO A 420 -15.69 -8.19 25.95
N ASN A 421 -16.14 -7.03 25.46
CA ASN A 421 -15.65 -5.74 25.95
C ASN A 421 -16.56 -5.11 27.04
N ALA A 422 -17.50 -5.88 27.57
CA ALA A 422 -18.55 -5.35 28.44
C ALA A 422 -18.15 -5.13 29.90
N ASN A 423 -17.09 -5.77 30.39
CA ASN A 423 -16.75 -5.69 31.81
C ASN A 423 -15.25 -5.75 32.15
N SER A 424 -14.49 -4.83 31.59
CA SER A 424 -13.07 -4.79 31.77
C SER A 424 -12.52 -3.39 31.51
N MET A 425 -11.55 -2.97 32.33
CA MET A 425 -10.82 -1.71 32.13
C MET A 425 -9.66 -1.84 31.12
N ARG A 426 -9.17 -3.07 30.92
CA ARG A 426 -8.14 -3.37 29.92
C ARG A 426 -8.60 -2.99 28.50
N CYS A 427 -9.79 -3.45 28.12
CA CYS A 427 -10.48 -3.10 26.86
C CYS A 427 -10.59 -1.61 26.62
N LEU A 428 -11.11 -0.92 27.63
CA LEU A 428 -11.39 0.52 27.56
C LEU A 428 -10.12 1.34 27.36
N ASN A 429 -9.02 0.89 27.96
CA ASN A 429 -7.76 1.62 27.94
C ASN A 429 -6.90 1.36 26.70
N GLY A 430 -6.78 0.10 26.31
CA GLY A 430 -5.80 -0.32 25.30
C GLY A 430 -4.40 -0.29 25.86
N GLY A 431 -3.41 -0.23 24.96
CA GLY A 431 -1.99 -0.25 25.37
C GLY A 431 -1.56 1.03 26.07
N TRP A 432 -0.30 1.10 26.48
CA TRP A 432 0.24 2.24 27.24
C TRP A 432 -0.69 2.58 28.41
N SER A 433 -1.03 1.53 29.18
CA SER A 433 -1.97 1.65 30.31
C SER A 433 -1.61 0.66 31.42
N TYR A 434 -0.90 1.15 32.44
CA TYR A 434 -0.42 0.38 33.60
C TYR A 434 0.72 -0.57 33.24
N SER A 435 0.56 -1.35 32.18
CA SER A 435 1.69 -2.02 31.51
C SER A 435 1.71 -1.61 30.04
N TRP A 436 2.79 -1.98 29.36
CA TRP A 436 2.99 -1.61 27.93
C TRP A 436 1.85 -2.15 27.06
N GLN A 437 1.55 -3.44 27.22
CA GLN A 437 0.48 -4.08 26.45
C GLN A 437 -0.90 -3.74 26.99
N GLY A 438 -0.95 -3.19 28.21
CA GLY A 438 -2.20 -2.93 28.90
C GLY A 438 -2.81 -4.12 29.62
N HIS A 439 -2.10 -5.25 29.62
CA HIS A 439 -2.63 -6.52 30.14
C HIS A 439 -2.98 -6.54 31.64
N VAL A 440 -2.33 -5.68 32.44
CA VAL A 440 -2.53 -5.65 33.89
C VAL A 440 -3.57 -4.61 34.38
N ALA A 441 -4.27 -3.95 33.45
CA ALA A 441 -5.13 -2.82 33.78
C ALA A 441 -6.18 -3.13 34.84
N ASP A 442 -6.83 -4.28 34.75
CA ASP A 442 -7.81 -4.67 35.77
C ASP A 442 -7.29 -4.88 37.19
N GLU A 443 -6.01 -5.23 37.35
CA GLU A 443 -5.41 -5.31 38.70
C GLU A 443 -5.33 -3.90 39.36
N TYR A 444 -4.94 -2.90 38.56
CA TYR A 444 -4.69 -1.54 39.04
C TYR A 444 -5.79 -0.50 38.77
N ALA A 445 -6.86 -0.86 38.05
CA ALA A 445 -7.90 0.12 37.71
C ALA A 445 -9.26 -0.16 38.38
N GLN A 446 -9.19 -0.74 39.58
CA GLN A 446 -10.36 -1.17 40.33
C GLN A 446 -11.27 -0.01 40.78
N ALA A 447 -10.66 1.15 41.04
CA ALA A 447 -11.39 2.39 41.39
C ALA A 447 -12.30 2.96 40.29
N TYR A 448 -12.13 2.50 39.05
CA TYR A 448 -12.86 3.06 37.92
C TYR A 448 -13.91 2.08 37.40
N HIS A 449 -14.83 2.59 36.57
CA HIS A 449 -16.03 1.85 36.18
C HIS A 449 -15.89 1.20 34.82
N THR A 450 -16.12 -0.10 34.76
CA THR A 450 -16.28 -0.81 33.49
C THR A 450 -17.64 -0.45 32.89
N ILE A 451 -17.88 -0.89 31.66
CA ILE A 451 -19.20 -0.68 31.05
C ILE A 451 -20.32 -1.25 31.94
N TYR A 452 -20.16 -2.49 32.41
CA TYR A 452 -21.14 -3.14 33.29
C TYR A 452 -21.41 -2.31 34.55
N GLU A 453 -20.34 -1.97 35.26
CA GLU A 453 -20.41 -1.20 36.50
C GLU A 453 -21.12 0.14 36.32
N ALA A 454 -20.79 0.85 35.24
CA ALA A 454 -21.39 2.17 34.96
C ALA A 454 -22.88 2.08 34.63
N LEU A 455 -23.25 1.08 33.83
CA LEU A 455 -24.66 0.82 33.51
C LEU A 455 -25.46 0.42 34.74
N CYS A 456 -24.82 -0.31 35.66
CA CYS A 456 -25.45 -0.61 36.94
C CYS A 456 -25.71 0.66 37.77
N GLU A 457 -24.74 1.56 37.83
CA GLU A 457 -24.90 2.84 38.57
C GLU A 457 -26.03 3.68 37.95
N LYS A 458 -26.08 3.75 36.61
CA LYS A 458 -27.14 4.52 35.89
C LYS A 458 -28.53 3.94 35.99
N TYR A 459 -28.66 2.64 35.71
CA TYR A 459 -29.96 1.98 35.57
C TYR A 459 -30.35 1.04 36.73
N GLY A 460 -29.44 0.80 37.68
CA GLY A 460 -29.66 -0.20 38.76
C GLY A 460 -29.18 -1.58 38.34
N LYS A 461 -28.45 -2.28 39.23
CA LYS A 461 -27.97 -3.66 38.99
C LYS A 461 -29.10 -4.62 38.61
N GLU A 462 -30.27 -4.39 39.20
CA GLU A 462 -31.47 -5.18 38.93
C GLU A 462 -32.00 -5.07 37.48
N ASN A 463 -31.76 -3.93 36.83
CA ASN A 463 -32.15 -3.74 35.43
C ASN A 463 -31.08 -4.10 34.39
N ILE A 464 -29.91 -4.56 34.82
CA ILE A 464 -28.85 -5.00 33.91
C ILE A 464 -28.65 -6.52 34.04
N ILE A 465 -28.90 -7.25 32.94
CA ILE A 465 -28.61 -8.67 32.86
C ILE A 465 -27.31 -8.82 32.08
N TYR A 466 -26.27 -9.36 32.72
CA TYR A 466 -24.94 -9.53 32.10
C TYR A 466 -24.69 -10.99 31.77
N GLU A 467 -24.74 -11.32 30.48
CA GLU A 467 -24.34 -12.62 29.97
C GLU A 467 -23.46 -12.35 28.76
N PRO A 468 -22.14 -12.47 28.93
CA PRO A 468 -21.29 -12.02 27.83
C PRO A 468 -21.40 -12.84 26.54
N GLY A 469 -21.56 -14.15 26.64
CA GLY A 469 -21.57 -15.02 25.45
C GLY A 469 -20.17 -15.30 24.91
N VAL A 470 -19.41 -14.26 24.61
CA VAL A 470 -18.01 -14.37 24.21
C VAL A 470 -17.14 -13.48 25.13
N THR A 471 -16.05 -14.06 25.64
CA THR A 471 -15.08 -13.35 26.49
C THR A 471 -13.65 -13.53 25.96
N TYR A 472 -12.77 -12.58 26.28
CA TYR A 472 -11.34 -12.71 25.96
C TYR A 472 -10.67 -13.72 26.89
N ALA A 473 -9.69 -14.44 26.35
CA ALA A 473 -8.92 -15.39 27.12
C ALA A 473 -8.00 -14.65 28.09
N SER A 474 -7.59 -15.34 29.15
CA SER A 474 -6.56 -14.83 30.10
C SER A 474 -5.26 -14.55 29.40
N TYR A 475 -4.53 -13.55 29.89
CA TYR A 475 -3.30 -13.13 29.23
C TYR A 475 -2.20 -14.22 29.29
N LYS A 476 -1.64 -14.56 28.13
CA LYS A 476 -0.44 -15.43 28.01
C LYS A 476 0.26 -15.02 26.70
N ASN A 477 1.50 -14.53 26.78
CA ASN A 477 2.33 -14.25 25.60
C ASN A 477 1.66 -13.37 24.53
N ASP A 478 1.10 -12.25 24.98
CA ASP A 478 0.52 -11.24 24.10
C ASP A 478 -0.57 -11.80 23.16
N ASN A 479 -1.44 -12.64 23.73
CA ASN A 479 -2.55 -13.27 23.01
C ASN A 479 -3.79 -12.37 23.01
N TRP A 480 -3.58 -11.12 22.62
CA TRP A 480 -4.62 -10.10 22.62
C TRP A 480 -5.84 -10.50 21.77
N TRP A 481 -5.58 -11.29 20.74
CA TRP A 481 -6.59 -11.80 19.79
C TRP A 481 -7.43 -12.97 20.32
N GLU A 482 -6.92 -13.68 21.31
CA GLU A 482 -7.49 -14.97 21.71
C GLU A 482 -8.73 -14.78 22.57
N GLU A 483 -9.77 -15.56 22.26
CA GLU A 483 -11.00 -15.57 23.00
C GLU A 483 -11.18 -16.96 23.58
N ASN A 484 -12.04 -17.10 24.59
CA ASN A 484 -12.46 -18.43 25.07
C ASN A 484 -13.50 -19.00 24.13
N LYS A 485 -13.80 -20.28 24.28
CA LYS A 485 -14.84 -20.95 23.50
C LYS A 485 -16.14 -20.14 23.63
N PRO A 486 -16.80 -19.79 22.51
CA PRO A 486 -18.09 -19.10 22.61
C PRO A 486 -19.20 -19.94 23.27
N GLU A 487 -20.00 -19.29 24.11
CA GLU A 487 -21.19 -19.86 24.74
C GLU A 487 -22.38 -18.93 24.42
N THR A 488 -22.55 -18.67 23.13
CA THR A 488 -23.64 -17.86 22.58
C THR A 488 -25.05 -18.32 23.02
N GLU A 489 -25.20 -19.63 23.26
CA GLU A 489 -26.42 -20.21 23.84
C GLU A 489 -27.00 -19.43 25.06
N LYS A 490 -26.13 -18.86 25.91
CA LYS A 490 -26.55 -18.24 27.18
C LYS A 490 -27.27 -16.88 27.08
N PRO A 491 -26.66 -15.88 26.40
CA PRO A 491 -27.37 -14.60 26.28
C PRO A 491 -28.64 -14.65 25.39
N VAL A 492 -28.62 -15.54 24.39
CA VAL A 492 -29.81 -15.79 23.57
C VAL A 492 -30.98 -16.16 24.48
N ALA A 493 -30.78 -17.14 25.36
CA ALA A 493 -31.83 -17.59 26.28
C ALA A 493 -32.31 -16.46 27.21
N ALA A 494 -31.36 -15.67 27.70
CA ALA A 494 -31.65 -14.55 28.62
C ALA A 494 -32.37 -13.36 27.95
N ALA A 495 -32.29 -13.26 26.62
CA ALA A 495 -32.88 -12.16 25.87
C ALA A 495 -34.38 -11.98 26.09
N ALA A 496 -35.14 -13.07 26.24
CA ALA A 496 -36.59 -13.01 26.50
C ALA A 496 -36.99 -12.13 27.70
N GLN A 497 -36.08 -11.95 28.67
CA GLN A 497 -36.30 -11.08 29.82
C GLN A 497 -35.89 -9.59 29.61
N ALA A 498 -35.36 -9.21 28.45
CA ALA A 498 -34.85 -7.83 28.21
C ALA A 498 -35.70 -7.03 27.21
N ASP A 499 -35.58 -5.70 27.26
CA ASP A 499 -36.19 -4.79 26.27
C ASP A 499 -35.23 -4.47 25.12
N ILE A 500 -33.93 -4.56 25.41
CA ILE A 500 -32.94 -4.09 24.49
C ILE A 500 -31.62 -4.80 24.82
N ILE A 501 -30.80 -5.00 23.80
CA ILE A 501 -29.54 -5.70 23.92
C ILE A 501 -28.48 -4.70 23.55
N ILE A 502 -27.42 -4.61 24.36
CA ILE A 502 -26.24 -3.79 24.03
C ILE A 502 -25.09 -4.82 23.96
N THR A 503 -24.35 -4.81 22.87
CA THR A 503 -23.32 -5.83 22.61
C THR A 503 -22.00 -5.09 22.42
N CYS A 504 -21.03 -5.37 23.30
CA CYS A 504 -19.75 -4.66 23.32
C CYS A 504 -18.67 -5.49 22.66
N ILE A 505 -18.13 -5.01 21.54
CA ILE A 505 -17.28 -5.79 20.64
C ILE A 505 -16.08 -4.96 20.19
N GLY A 506 -15.09 -5.65 19.62
CA GLY A 506 -13.92 -5.04 19.03
C GLY A 506 -12.67 -5.84 19.35
N GLU A 507 -11.74 -5.21 20.07
CA GLU A 507 -10.44 -5.78 20.41
C GLU A 507 -10.12 -5.67 21.90
N ASN A 508 -9.25 -6.57 22.34
CA ASN A 508 -8.58 -6.46 23.64
C ASN A 508 -7.30 -5.62 23.46
N SER A 509 -6.63 -5.27 24.56
CA SER A 509 -5.48 -4.37 24.49
C SER A 509 -4.21 -5.03 23.90
N TYR A 510 -3.44 -4.21 23.21
CA TYR A 510 -2.14 -4.57 22.63
C TYR A 510 -1.34 -3.28 22.45
N CYS A 511 -0.07 -3.43 22.11
CA CYS A 511 0.77 -2.29 21.80
C CYS A 511 1.85 -2.69 20.82
N GLU A 512 2.11 -1.84 19.81
CA GLU A 512 3.21 -2.04 18.86
C GLU A 512 3.19 -3.42 18.17
N THR A 513 4.37 -3.97 17.91
CA THR A 513 4.50 -5.11 17.02
C THR A 513 3.71 -6.34 17.45
N PRO A 514 3.61 -6.62 18.77
CA PRO A 514 2.78 -7.77 19.14
C PRO A 514 1.30 -7.64 18.73
N GLY A 515 0.82 -6.40 18.56
CA GLY A 515 -0.54 -6.15 18.07
C GLY A 515 -0.79 -6.29 16.58
N ASN A 516 0.24 -6.61 15.79
CA ASN A 516 0.05 -6.92 14.35
C ASN A 516 -1.10 -7.87 14.13
N LEU A 517 -1.92 -7.61 13.12
CA LEU A 517 -3.00 -8.52 12.75
C LEU A 517 -2.71 -9.18 11.38
N THR A 518 -3.46 -10.26 11.12
CA THR A 518 -3.44 -10.93 9.81
C THR A 518 -4.77 -10.83 9.05
N ASP A 519 -5.77 -10.20 9.65
CA ASP A 519 -7.13 -10.14 9.06
C ASP A 519 -7.90 -9.05 9.81
N LEU A 520 -8.20 -7.95 9.12
CA LEU A 520 -8.91 -6.83 9.74
C LEU A 520 -10.34 -7.13 10.11
N THR A 521 -10.92 -8.20 9.55
CA THR A 521 -12.30 -8.59 9.86
C THR A 521 -12.46 -8.81 11.36
N LEU A 522 -13.55 -8.30 11.94
CA LEU A 522 -13.90 -8.61 13.34
C LEU A 522 -13.95 -10.12 13.51
N SER A 523 -13.52 -10.53 14.70
CA SER A 523 -13.52 -11.93 15.11
C SER A 523 -14.79 -12.63 14.70
N GLU A 524 -14.65 -13.81 14.15
CA GLU A 524 -15.81 -14.62 13.72
C GLU A 524 -16.80 -14.93 14.88
N ASN A 525 -16.26 -15.29 16.06
CA ASN A 525 -17.12 -15.56 17.24
C ASN A 525 -17.92 -14.31 17.65
N GLN A 526 -17.30 -13.14 17.59
CA GLN A 526 -18.00 -11.90 17.92
C GLN A 526 -19.12 -11.61 16.93
N ARG A 527 -18.87 -11.87 15.65
CA ARG A 527 -19.90 -11.66 14.62
C ARG A 527 -21.04 -12.65 14.79
N ASN A 528 -20.71 -13.91 15.08
CA ASN A 528 -21.78 -14.92 15.34
C ASN A 528 -22.62 -14.62 16.57
N LEU A 529 -22.01 -14.01 17.59
CA LEU A 529 -22.74 -13.56 18.78
C LEU A 529 -23.79 -12.54 18.41
N VAL A 530 -23.40 -11.54 17.64
CA VAL A 530 -24.35 -10.51 17.20
C VAL A 530 -25.47 -11.13 16.33
N LYS A 531 -25.13 -12.09 15.46
CA LYS A 531 -26.15 -12.76 14.61
C LYS A 531 -27.12 -13.59 15.40
N ALA A 532 -26.61 -14.35 16.37
CA ALA A 532 -27.48 -15.15 17.22
C ALA A 532 -28.47 -14.30 18.01
N LEU A 533 -28.00 -13.16 18.50
CA LEU A 533 -28.84 -12.24 19.27
C LEU A 533 -29.87 -11.54 18.37
N ALA A 534 -29.46 -11.14 17.16
CA ALA A 534 -30.38 -10.50 16.21
C ALA A 534 -31.63 -11.33 16.00
N ALA A 535 -31.45 -12.65 15.90
CA ALA A 535 -32.53 -13.60 15.66
C ALA A 535 -33.53 -13.78 16.81
N THR A 536 -33.26 -13.20 17.98
CA THR A 536 -34.26 -13.13 19.05
C THR A 536 -35.36 -12.11 18.75
N GLY A 537 -35.12 -11.20 17.79
CA GLY A 537 -36.09 -10.15 17.48
C GLY A 537 -35.98 -8.90 18.32
N LYS A 538 -35.15 -8.93 19.37
CA LYS A 538 -34.89 -7.75 20.22
C LYS A 538 -33.95 -6.76 19.53
N PRO A 539 -34.15 -5.47 19.77
CA PRO A 539 -33.23 -4.50 19.19
C PRO A 539 -31.83 -4.57 19.80
N ILE A 540 -30.82 -4.27 18.98
CA ILE A 540 -29.43 -4.42 19.34
C ILE A 540 -28.70 -3.11 19.16
N VAL A 541 -27.91 -2.74 20.17
CA VAL A 541 -27.04 -1.58 20.14
C VAL A 541 -25.60 -2.07 20.17
N LEU A 542 -24.83 -1.79 19.12
CA LEU A 542 -23.41 -2.19 19.09
C LEU A 542 -22.53 -1.10 19.71
N VAL A 543 -21.62 -1.52 20.58
CA VAL A 543 -20.62 -0.66 21.18
C VAL A 543 -19.27 -1.15 20.69
N LEU A 544 -18.59 -0.31 19.91
CA LEU A 544 -17.29 -0.65 19.33
C LEU A 544 -16.18 -0.09 20.18
N ASN A 545 -15.35 -1.01 20.71
CA ASN A 545 -14.26 -0.67 21.64
C ASN A 545 -13.02 -1.41 21.14
N GLN A 546 -12.11 -0.65 20.54
CA GLN A 546 -11.05 -1.21 19.69
C GLN A 546 -10.07 -0.13 19.31
N GLY A 547 -8.83 -0.55 19.07
CA GLY A 547 -7.77 0.33 18.59
C GLY A 547 -7.75 0.49 17.07
N ARG A 548 -8.42 -0.42 16.36
CA ARG A 548 -8.55 -0.36 14.90
C ARG A 548 -9.98 -0.63 14.50
N PRO A 549 -10.43 -0.05 13.39
CA PRO A 549 -11.81 -0.26 12.95
C PRO A 549 -12.01 -1.62 12.30
N ARG A 550 -12.40 -2.59 13.11
CA ARG A 550 -12.60 -3.94 12.61
C ARG A 550 -13.75 -4.02 11.65
N ILE A 551 -13.61 -4.85 10.61
CA ILE A 551 -14.61 -4.88 9.54
C ILE A 551 -15.88 -5.58 10.05
N ILE A 552 -17.01 -4.89 9.95
CA ILE A 552 -18.28 -5.33 10.55
C ILE A 552 -19.49 -5.18 9.61
N ASN A 553 -19.23 -5.23 8.30
CA ASN A 553 -20.27 -5.01 7.27
C ASN A 553 -21.46 -5.96 7.35
N ASP A 554 -21.24 -7.18 7.85
CA ASP A 554 -22.32 -8.18 7.99
C ASP A 554 -23.17 -8.02 9.24
N ILE A 555 -22.74 -7.21 10.21
CA ILE A 555 -23.52 -7.03 11.45
C ILE A 555 -24.11 -5.63 11.67
N VAL A 556 -23.60 -4.62 10.97
CA VAL A 556 -24.20 -3.26 11.07
C VAL A 556 -25.68 -3.23 10.62
N PRO A 557 -26.05 -3.97 9.57
CA PRO A 557 -27.47 -4.02 9.21
C PRO A 557 -28.39 -4.64 10.27
N LEU A 558 -27.85 -5.46 11.18
CA LEU A 558 -28.65 -6.13 12.22
C LEU A 558 -28.83 -5.29 13.50
N ALA A 559 -28.18 -4.13 13.56
CA ALA A 559 -28.14 -3.30 14.75
C ALA A 559 -29.00 -2.03 14.58
N LYS A 560 -29.85 -1.74 15.55
CA LYS A 560 -30.65 -0.53 15.52
C LYS A 560 -29.79 0.70 15.80
N ALA A 561 -28.74 0.55 16.62
CA ALA A 561 -27.82 1.63 16.92
C ALA A 561 -26.40 1.13 17.05
N VAL A 562 -25.46 2.06 16.84
CA VAL A 562 -24.05 1.77 16.92
C VAL A 562 -23.36 2.96 17.58
N VAL A 563 -22.55 2.69 18.61
CA VAL A 563 -21.75 3.71 19.26
C VAL A 563 -20.30 3.25 19.19
N ASN A 564 -19.43 4.12 18.66
CA ASN A 564 -18.00 3.87 18.57
C ASN A 564 -17.28 4.61 19.70
N ILE A 565 -16.81 3.86 20.69
CA ILE A 565 -16.09 4.43 21.83
C ILE A 565 -14.56 4.40 21.69
N MET A 566 -14.05 3.65 20.70
CA MET A 566 -12.63 3.55 20.42
C MET A 566 -11.91 3.11 21.71
N LEU A 567 -10.97 3.89 22.25
CA LEU A 567 -10.28 3.55 23.50
C LEU A 567 -10.44 4.71 24.50
N PRO A 568 -11.61 4.77 25.16
CA PRO A 568 -11.95 5.94 25.99
C PRO A 568 -11.35 5.94 27.39
N SER A 569 -10.70 4.84 27.78
CA SER A 569 -9.98 4.75 29.05
C SER A 569 -10.92 4.83 30.27
N ASN A 570 -10.41 5.32 31.40
CA ASN A 570 -11.00 5.01 32.70
C ASN A 570 -12.35 5.63 32.96
N TYR A 571 -12.68 6.70 32.25
CA TYR A 571 -14.01 7.33 32.38
C TYR A 571 -14.91 7.04 31.18
N GLY A 572 -14.51 6.07 30.36
CA GLY A 572 -15.23 5.73 29.14
C GLY A 572 -16.51 4.95 29.35
N GLY A 573 -16.50 4.12 30.40
CA GLY A 573 -17.71 3.41 30.85
C GLY A 573 -18.74 4.36 31.42
N ASP A 574 -18.29 5.29 32.26
CA ASP A 574 -19.18 6.32 32.81
C ASP A 574 -19.73 7.19 31.70
N ALA A 575 -18.86 7.60 30.79
CA ALA A 575 -19.28 8.46 29.65
C ALA A 575 -20.35 7.76 28.85
N LEU A 576 -20.17 6.48 28.58
CA LEU A 576 -21.10 5.72 27.77
C LEU A 576 -22.47 5.69 28.43
N ALA A 577 -22.49 5.34 29.70
CA ALA A 577 -23.75 5.32 30.48
C ALA A 577 -24.46 6.68 30.50
N ASN A 578 -23.69 7.76 30.69
CA ASN A 578 -24.23 9.12 30.65
C ASN A 578 -24.82 9.46 29.28
N LEU A 579 -24.14 9.04 28.21
CA LEU A 579 -24.62 9.26 26.84
C LEU A 579 -25.85 8.43 26.52
N LEU A 580 -25.80 7.14 26.83
CA LEU A 580 -26.93 6.25 26.59
C LEU A 580 -28.22 6.71 27.29
N ALA A 581 -28.10 7.33 28.47
CA ALA A 581 -29.28 7.82 29.19
C ALA A 581 -29.69 9.26 28.85
N GLY A 582 -28.91 9.95 28.04
CA GLY A 582 -29.24 11.32 27.69
C GLY A 582 -28.83 12.39 28.71
N ASP A 583 -28.06 12.00 29.73
CA ASP A 583 -27.56 12.97 30.71
C ASP A 583 -26.40 13.76 30.13
N ALA A 584 -25.75 13.20 29.13
CA ALA A 584 -24.87 13.93 28.22
C ALA A 584 -25.41 13.69 26.81
N ASN A 585 -25.10 14.63 25.91
CA ASN A 585 -25.48 14.52 24.51
C ASN A 585 -24.23 14.24 23.70
N PHE A 586 -24.34 13.34 22.72
CA PHE A 586 -23.23 13.04 21.80
C PHE A 586 -22.73 14.28 21.04
N SER A 587 -21.41 14.36 20.86
CA SER A 587 -20.76 15.41 20.07
C SER A 587 -19.57 14.96 19.22
N GLY A 588 -19.01 13.78 19.51
CA GLY A 588 -17.86 13.25 18.78
C GLY A 588 -18.13 12.99 17.31
N LYS A 589 -17.10 13.20 16.49
CA LYS A 589 -17.15 12.87 15.06
C LYS A 589 -15.95 12.01 14.66
N MET A 590 -16.14 11.14 13.66
CA MET A 590 -15.08 10.26 13.20
C MET A 590 -13.84 11.04 12.75
N PRO A 591 -12.68 10.74 13.37
CA PRO A 591 -11.39 11.28 12.96
C PRO A 591 -10.64 10.40 11.98
N PHE A 592 -11.30 9.33 11.52
CA PHE A 592 -10.80 8.50 10.42
C PHE A 592 -11.97 7.88 9.65
N THR A 593 -11.66 7.28 8.49
CA THR A 593 -12.63 6.64 7.64
C THR A 593 -12.82 5.19 8.12
N TYR A 594 -14.06 4.81 8.46
CA TYR A 594 -14.34 3.43 8.89
C TYR A 594 -14.65 2.57 7.65
N PRO A 595 -13.74 1.63 7.31
CA PRO A 595 -13.95 0.88 6.07
C PRO A 595 -15.05 -0.16 6.20
N ARG A 596 -15.73 -0.43 5.09
CA ARG A 596 -16.79 -1.43 5.01
C ARG A 596 -16.32 -2.77 4.43
N LEU A 597 -15.41 -2.74 3.46
CA LEU A 597 -14.94 -3.92 2.77
C LEU A 597 -13.41 -4.00 2.84
N ILE A 598 -12.91 -5.21 3.05
CA ILE A 598 -11.51 -5.44 3.43
C ILE A 598 -10.50 -5.03 2.36
N ASN A 599 -10.87 -5.14 1.08
CA ASN A 599 -10.03 -4.59 0.00
C ASN A 599 -10.65 -3.37 -0.68
N ALA A 600 -11.34 -2.55 0.11
CA ALA A 600 -11.79 -1.20 -0.30
C ALA A 600 -11.45 -0.14 0.73
N LEU A 601 -10.20 -0.15 1.19
CA LEU A 601 -9.71 0.80 2.19
C LEU A 601 -9.39 2.13 1.53
N ALA A 602 -9.73 3.21 2.21
CA ALA A 602 -9.60 4.56 1.67
C ALA A 602 -9.60 5.57 2.79
N THR A 603 -9.04 6.75 2.53
CA THR A 603 -9.11 7.86 3.46
C THR A 603 -10.05 8.92 2.88
N TYR A 604 -10.45 9.90 3.67
CA TYR A 604 -11.52 10.84 3.26
C TYR A 604 -11.08 11.80 2.14
N ASP A 605 -9.76 11.99 2.03
CA ASP A 605 -9.10 12.93 1.11
C ASP A 605 -8.58 12.23 -0.17
N TYR A 606 -9.28 11.16 -0.57
CA TYR A 606 -8.98 10.42 -1.79
C TYR A 606 -8.91 11.31 -3.04
N LYS A 607 -8.16 10.83 -4.02
CA LYS A 607 -8.09 11.48 -5.34
C LYS A 607 -9.35 11.13 -6.13
N PRO A 608 -9.79 12.03 -7.03
CA PRO A 608 -11.06 11.78 -7.76
C PRO A 608 -11.06 10.56 -8.69
N CYS A 609 -9.89 10.11 -9.15
CA CYS A 609 -9.81 8.79 -9.83
C CYS A 609 -10.27 7.61 -8.95
N GLU A 610 -10.26 7.78 -7.63
CA GLU A 610 -10.73 6.75 -6.72
C GLU A 610 -12.25 6.70 -6.57
N ASN A 611 -12.96 7.67 -7.12
CA ASN A 611 -14.43 7.67 -7.11
C ASN A 611 -15.06 8.05 -8.47
N MET A 612 -14.66 7.35 -9.55
CA MET A 612 -15.04 7.71 -10.93
C MET A 612 -16.32 6.96 -11.34
N MET A 625 -17.21 4.51 -4.24
CA MET A 625 -16.55 4.82 -2.95
C MET A 625 -17.42 4.38 -1.77
N ASP A 626 -17.19 3.13 -1.36
CA ASP A 626 -18.10 2.37 -0.54
C ASP A 626 -17.47 2.07 0.84
N ILE A 627 -17.77 2.93 1.82
CA ILE A 627 -17.20 2.82 3.15
C ILE A 627 -18.32 2.72 4.19
N GLN A 628 -17.97 2.45 5.45
CA GLN A 628 -18.97 2.22 6.48
C GLN A 628 -19.48 3.56 7.05
N TRP A 629 -18.56 4.38 7.54
CA TRP A 629 -18.88 5.74 8.02
C TRP A 629 -17.71 6.64 7.63
N PRO A 630 -18.00 7.87 7.16
CA PRO A 630 -16.91 8.73 6.73
C PRO A 630 -16.30 9.60 7.84
N PHE A 631 -15.10 10.09 7.58
CA PHE A 631 -14.47 11.15 8.38
C PHE A 631 -15.47 12.29 8.60
N GLY A 632 -15.55 12.78 9.83
CA GLY A 632 -16.41 13.93 10.15
C GLY A 632 -17.86 13.62 10.42
N PHE A 633 -18.22 12.35 10.37
CA PHE A 633 -19.58 11.91 10.63
C PHE A 633 -19.78 11.66 12.12
N GLY A 634 -20.95 12.03 12.60
CA GLY A 634 -21.34 11.82 13.97
C GLY A 634 -22.74 12.33 14.15
N LEU A 635 -23.56 11.56 14.84
CA LEU A 635 -24.93 11.95 15.15
C LEU A 635 -25.03 12.52 16.56
N SER A 636 -26.20 13.06 16.89
CA SER A 636 -26.52 13.42 18.27
C SER A 636 -28.02 13.28 18.52
N TYR A 637 -28.46 13.67 19.71
CA TYR A 637 -29.88 13.67 20.10
C TYR A 637 -30.63 14.96 19.73
N THR A 638 -29.96 15.84 19.01
CA THR A 638 -30.55 17.02 18.44
C THR A 638 -30.07 17.18 17.00
N ASN A 639 -30.48 18.26 16.35
CA ASN A 639 -30.07 18.58 14.99
C ASN A 639 -29.55 19.99 14.94
N TYR A 640 -28.72 20.25 13.93
CA TYR A 640 -28.10 21.56 13.70
C TYR A 640 -28.30 22.02 12.26
N LYS A 641 -28.76 23.26 12.07
CA LYS A 641 -28.87 23.91 10.76
C LYS A 641 -27.71 24.89 10.61
N TYR A 642 -27.02 24.78 9.48
CA TYR A 642 -25.97 25.71 9.08
C TYR A 642 -26.61 26.66 8.05
N SER A 643 -26.32 27.95 8.17
CA SER A 643 -26.78 28.96 7.21
C SER A 643 -25.79 30.12 7.09
N ASN A 644 -25.94 30.93 6.04
CA ASN A 644 -25.21 32.19 5.90
C ASN A 644 -23.67 32.03 5.89
N LEU A 645 -23.18 30.98 5.22
CA LEU A 645 -21.74 30.84 5.03
C LEU A 645 -21.23 32.00 4.19
N LYS A 646 -20.37 32.85 4.75
CA LYS A 646 -19.83 34.04 4.10
C LYS A 646 -18.30 34.04 4.25
N VAL A 647 -17.58 34.79 3.41
CA VAL A 647 -16.15 35.06 3.60
C VAL A 647 -15.91 36.54 3.33
N ASN A 648 -14.91 37.12 4.00
CA ASN A 648 -14.56 38.54 3.77
C ASN A 648 -13.95 38.81 2.38
N LYS A 649 -13.12 37.88 1.90
CA LYS A 649 -12.43 38.01 0.60
C LYS A 649 -12.69 36.80 -0.30
N PRO A 650 -13.79 36.83 -1.09
CA PRO A 650 -14.08 35.76 -2.05
C PRO A 650 -13.04 35.63 -3.18
N THR A 651 -12.37 36.74 -3.52
CA THR A 651 -11.23 36.70 -4.43
C THR A 651 -9.99 37.03 -3.59
N PHE A 652 -8.99 36.14 -3.61
CA PHE A 652 -7.86 36.20 -2.67
C PHE A 652 -6.52 35.78 -3.27
N ASN A 653 -5.44 36.04 -2.52
CA ASN A 653 -4.11 35.54 -2.84
C ASN A 653 -3.49 34.93 -1.60
N ALA A 654 -2.29 34.36 -1.76
CA ALA A 654 -1.53 33.69 -0.68
C ALA A 654 -1.45 34.45 0.65
N ASP A 655 -1.23 35.76 0.57
CA ASP A 655 -0.95 36.60 1.75
C ASP A 655 -2.20 37.12 2.47
N ASP A 656 -3.39 36.89 1.90
CA ASP A 656 -4.63 37.38 2.51
C ASP A 656 -4.98 36.54 3.74
N GLU A 657 -5.64 37.16 4.71
CA GLU A 657 -6.37 36.46 5.74
C GLU A 657 -7.84 36.31 5.31
N LEU A 658 -8.29 35.08 5.14
CA LEU A 658 -9.70 34.76 4.88
C LEU A 658 -10.42 34.56 6.21
N ILE A 659 -11.57 35.20 6.37
CA ILE A 659 -12.34 35.09 7.59
C ILE A 659 -13.69 34.55 7.17
N PHE A 660 -13.96 33.30 7.50
CA PHE A 660 -15.26 32.69 7.22
C PHE A 660 -16.15 32.81 8.44
N THR A 661 -17.42 33.09 8.21
CA THR A 661 -18.43 33.04 9.28
C THR A 661 -19.57 32.15 8.83
N VAL A 662 -20.21 31.49 9.78
CA VAL A 662 -21.39 30.67 9.50
C VAL A 662 -22.29 30.67 10.73
N ASP A 663 -23.59 30.74 10.53
CA ASP A 663 -24.55 30.64 11.62
C ASP A 663 -24.91 29.17 11.83
N VAL A 664 -24.83 28.71 13.07
CA VAL A 664 -25.20 27.33 13.42
C VAL A 664 -26.28 27.43 14.50
N THR A 665 -27.42 26.79 14.22
CA THR A 665 -28.58 26.81 15.08
C THR A 665 -28.89 25.41 15.56
N ASN A 666 -29.16 25.26 16.85
CA ASN A 666 -29.61 23.99 17.42
C ASN A 666 -31.11 23.96 17.27
N THR A 667 -31.62 23.12 16.36
CA THR A 667 -33.07 23.06 16.00
C THR A 667 -33.86 21.92 16.66
N GLY A 668 -33.22 21.11 17.50
CA GLY A 668 -33.92 20.07 18.25
C GLY A 668 -34.32 20.55 19.63
N LYS A 669 -34.49 19.59 20.55
CA LYS A 669 -35.10 19.85 21.84
C LYS A 669 -34.13 19.80 23.03
N VAL A 670 -32.88 19.38 22.82
CA VAL A 670 -31.87 19.31 23.89
C VAL A 670 -30.58 20.01 23.50
N ALA A 671 -29.84 20.46 24.51
CA ALA A 671 -28.57 21.13 24.33
C ALA A 671 -27.50 20.17 23.83
N GLY A 672 -26.54 20.69 23.10
CA GLY A 672 -25.39 19.90 22.69
C GLY A 672 -24.27 20.76 22.15
N LYS A 673 -23.17 20.08 21.82
CA LYS A 673 -22.00 20.75 21.27
C LYS A 673 -21.86 20.27 19.84
N GLU A 674 -21.58 21.20 18.93
CA GLU A 674 -21.41 20.86 17.52
C GLU A 674 -19.99 21.20 17.10
N SER A 675 -19.29 20.20 16.56
CA SER A 675 -17.98 20.42 15.99
C SER A 675 -18.18 20.91 14.54
N VAL A 676 -17.79 22.16 14.28
CA VAL A 676 -18.03 22.81 12.99
C VAL A 676 -16.78 22.62 12.15
N LEU A 677 -16.88 21.84 11.07
CA LEU A 677 -15.73 21.53 10.22
C LEU A 677 -15.72 22.34 8.90
N LEU A 678 -14.56 22.90 8.57
CA LEU A 678 -14.43 23.71 7.37
C LEU A 678 -13.54 22.98 6.37
N PHE A 679 -14.12 22.62 5.22
CA PHE A 679 -13.41 21.86 4.20
C PHE A 679 -13.19 22.74 2.97
N SER A 680 -12.14 22.42 2.23
CA SER A 680 -11.89 23.03 0.91
C SER A 680 -11.73 21.99 -0.19
N LYS A 681 -11.93 22.47 -1.41
CA LYS A 681 -11.85 21.66 -2.61
C LYS A 681 -11.27 22.52 -3.74
N ASP A 682 -10.14 22.11 -4.28
CA ASP A 682 -9.48 22.80 -5.39
C ASP A 682 -10.00 22.13 -6.68
N LEU A 683 -10.75 22.85 -7.51
CA LEU A 683 -11.45 22.21 -8.64
C LEU A 683 -10.53 21.71 -9.76
N VAL A 684 -9.43 22.44 -10.00
CA VAL A 684 -8.48 22.11 -11.04
C VAL A 684 -7.07 22.42 -10.51
N ALA A 685 -6.12 21.50 -10.66
CA ALA A 685 -4.75 21.73 -10.16
C ALA A 685 -3.69 20.93 -10.92
N SER A 686 -2.45 21.43 -10.93
CA SER A 686 -1.38 20.77 -11.69
C SER A 686 -0.97 19.39 -11.13
N SER A 687 -1.24 19.14 -9.84
CA SER A 687 -1.31 17.76 -9.27
C SER A 687 -2.77 17.45 -9.06
N THR A 688 -3.18 16.19 -9.28
CA THR A 688 -4.60 15.84 -9.12
C THR A 688 -5.01 16.14 -7.66
N PRO A 689 -6.02 17.01 -7.45
CA PRO A 689 -6.34 17.49 -6.12
C PRO A 689 -7.07 16.49 -5.23
N ASP A 690 -6.79 16.54 -3.93
CA ASP A 690 -7.61 15.80 -2.96
C ASP A 690 -9.08 16.18 -3.19
N ASN A 691 -10.00 15.22 -3.17
CA ASN A 691 -11.42 15.53 -3.45
C ASN A 691 -12.00 16.52 -2.45
N ILE A 692 -11.48 16.51 -1.21
CA ILE A 692 -11.92 17.39 -0.14
C ILE A 692 -10.79 17.40 0.92
N ARG A 693 -10.58 18.53 1.60
CA ARG A 693 -9.60 18.64 2.67
C ARG A 693 -10.09 19.51 3.84
N LEU A 694 -9.94 19.00 5.07
CA LEU A 694 -10.19 19.76 6.28
C LEU A 694 -9.14 20.87 6.42
N ARG A 695 -9.61 22.09 6.67
CA ARG A 695 -8.74 23.25 6.82
C ARG A 695 -8.85 23.98 8.13
N ASN A 696 -9.99 23.86 8.80
CA ASN A 696 -10.16 24.39 10.13
C ASN A 696 -11.38 23.72 10.81
N PHE A 697 -11.46 23.88 12.12
CA PHE A 697 -12.61 23.46 12.89
C PHE A 697 -12.70 24.25 14.20
N GLU A 698 -13.88 24.26 14.77
CA GLU A 698 -14.16 24.96 16.01
C GLU A 698 -15.39 24.31 16.62
N LYS A 699 -15.37 24.06 17.92
CA LYS A 699 -16.50 23.41 18.61
C LYS A 699 -17.27 24.44 19.43
N VAL A 700 -18.59 24.38 19.34
CA VAL A 700 -19.45 25.42 19.93
C VAL A 700 -20.61 24.75 20.72
N SER A 701 -20.94 25.29 21.90
CA SER A 701 -22.10 24.85 22.70
C SER A 701 -23.34 25.63 22.28
N LEU A 702 -24.47 24.94 22.16
CA LEU A 702 -25.73 25.56 21.76
C LEU A 702 -26.91 25.00 22.53
N GLU A 703 -27.70 25.90 23.12
CA GLU A 703 -28.96 25.52 23.75
C GLU A 703 -30.06 25.31 22.69
N PRO A 704 -31.16 24.60 23.05
CA PRO A 704 -32.25 24.38 22.09
C PRO A 704 -32.77 25.69 21.55
N GLY A 705 -32.80 25.84 20.23
CA GLY A 705 -33.26 27.06 19.57
C GLY A 705 -32.21 28.15 19.40
N GLU A 706 -31.00 27.95 19.94
CA GLU A 706 -29.98 29.00 19.95
C GLU A 706 -29.17 28.96 18.65
N THR A 707 -28.92 30.15 18.10
CA THR A 707 -27.99 30.36 16.99
C THR A 707 -26.71 31.05 17.50
N LYS A 708 -25.55 30.66 16.97
CA LYS A 708 -24.29 31.39 17.17
C LYS A 708 -23.58 31.54 15.84
N THR A 709 -22.94 32.68 15.63
CA THR A 709 -22.08 32.91 14.48
C THR A 709 -20.66 32.41 14.82
N VAL A 710 -20.22 31.39 14.09
CA VAL A 710 -18.92 30.75 14.31
C VAL A 710 -17.95 31.34 13.31
N THR A 711 -16.84 31.88 13.81
CA THR A 711 -15.78 32.43 12.97
C THR A 711 -14.60 31.43 12.81
N LEU A 712 -14.19 31.17 11.56
CA LEU A 712 -13.02 30.33 11.24
C LEU A 712 -12.11 31.03 10.24
N LYS A 713 -10.83 31.14 10.58
CA LYS A 713 -9.85 31.89 9.80
C LYS A 713 -8.84 30.98 9.08
N LEU A 714 -8.44 31.37 7.86
CA LEU A 714 -7.37 30.72 7.08
C LEU A 714 -6.45 31.78 6.46
N LYS A 715 -5.20 31.44 6.19
CA LYS A 715 -4.38 32.28 5.28
C LYS A 715 -4.72 31.74 3.87
N GLY A 716 -4.53 32.57 2.85
CA GLY A 716 -4.71 32.11 1.49
C GLY A 716 -3.85 30.90 1.20
N SER A 717 -2.62 30.95 1.72
CA SER A 717 -1.63 29.88 1.56
C SER A 717 -2.01 28.53 2.19
N ASP A 718 -3.04 28.47 3.03
CA ASP A 718 -3.53 27.16 3.53
C ASP A 718 -4.18 26.32 2.45
N LEU A 719 -4.55 26.94 1.32
CA LEU A 719 -5.09 26.21 0.18
C LEU A 719 -4.02 25.83 -0.86
N ALA A 720 -2.76 26.09 -0.52
CA ALA A 720 -1.62 25.59 -1.30
C ALA A 720 -1.49 24.08 -1.16
N PHE A 721 -0.75 23.48 -2.09
CA PHE A 721 -0.44 22.04 -2.04
C PHE A 721 0.99 21.87 -2.49
N VAL A 722 1.56 20.70 -2.18
CA VAL A 722 2.90 20.38 -2.62
C VAL A 722 2.83 19.74 -4.00
N GLY A 723 3.43 20.40 -4.98
CA GLY A 723 3.40 19.94 -6.35
C GLY A 723 4.34 18.77 -6.60
N TYR A 724 4.39 18.31 -7.85
CA TYR A 724 5.20 17.17 -8.27
C TYR A 724 6.70 17.37 -7.96
N ASP A 725 7.21 18.57 -8.22
CA ASP A 725 8.59 18.94 -7.95
C ASP A 725 8.98 19.16 -6.45
N GLY A 726 8.04 18.95 -5.52
CA GLY A 726 8.30 19.07 -4.08
C GLY A 726 8.03 20.46 -3.50
N LYS A 727 7.71 21.44 -4.34
CA LYS A 727 7.50 22.82 -3.90
C LYS A 727 6.03 23.10 -3.61
N TRP A 728 5.78 23.90 -2.58
CA TRP A 728 4.43 24.38 -2.27
C TRP A 728 3.99 25.36 -3.37
N ARG A 729 2.72 25.22 -3.79
CA ARG A 729 2.15 26.18 -4.72
C ARG A 729 0.67 26.41 -4.43
N LEU A 730 0.25 27.66 -4.51
CA LEU A 730 -1.15 28.06 -4.51
C LEU A 730 -1.44 28.57 -5.91
N GLU A 731 -2.39 27.94 -6.62
CA GLU A 731 -2.61 28.26 -8.05
C GLU A 731 -3.86 29.15 -8.26
N LYS A 732 -3.74 30.13 -9.17
CA LYS A 732 -4.91 30.87 -9.74
C LYS A 732 -5.99 29.86 -10.06
N GLY A 733 -7.23 30.14 -9.66
CA GLY A 733 -8.35 29.26 -9.98
C GLY A 733 -9.42 29.16 -8.92
N ASP A 734 -10.40 28.31 -9.18
CA ASP A 734 -11.59 28.16 -8.36
C ASP A 734 -11.41 27.15 -7.25
N PHE A 735 -11.96 27.48 -6.08
CA PHE A 735 -12.10 26.54 -5.00
C PHE A 735 -13.54 26.55 -4.57
N LYS A 736 -13.94 25.48 -3.89
CA LYS A 736 -15.19 25.46 -3.17
C LYS A 736 -14.89 25.25 -1.70
N ILE A 737 -15.72 25.87 -0.84
CA ILE A 737 -15.61 25.72 0.60
C ILE A 737 -16.91 25.08 1.10
N LYS A 738 -16.79 24.07 1.96
CA LYS A 738 -17.93 23.35 2.54
C LYS A 738 -17.85 23.46 4.03
N CYS A 739 -18.96 23.87 4.63
CA CYS A 739 -19.07 23.98 6.07
C CYS A 739 -20.43 23.45 6.45
N GLY A 740 -20.41 22.29 7.10
CA GLY A 740 -21.59 21.51 7.38
C GLY A 740 -22.26 21.13 6.07
N ASP A 741 -23.42 21.71 5.89
CA ASP A 741 -24.34 21.47 4.81
C ASP A 741 -24.09 22.43 3.63
N GLN A 742 -23.27 23.47 3.85
CA GLN A 742 -23.27 24.70 3.02
C GLN A 742 -22.02 24.83 2.16
N TRP A 743 -22.22 25.30 0.93
CA TRP A 743 -21.12 25.46 0.00
C TRP A 743 -21.01 26.91 -0.47
N MET A 744 -19.80 27.40 -0.65
CA MET A 744 -19.58 28.64 -1.36
C MET A 744 -18.38 28.54 -2.31
N ASP A 745 -18.33 29.50 -3.24
CA ASP A 745 -17.28 29.62 -4.24
C ASP A 745 -16.29 30.73 -3.85
N ILE A 746 -15.00 30.43 -3.95
CA ILE A 746 -13.94 31.47 -3.85
C ILE A 746 -12.93 31.27 -4.98
N VAL A 747 -12.18 32.34 -5.26
CA VAL A 747 -11.25 32.36 -6.39
C VAL A 747 -9.90 32.89 -5.92
N CYS A 748 -8.84 32.12 -6.15
CA CYS A 748 -7.48 32.66 -6.04
C CYS A 748 -7.13 33.37 -7.34
N ASP A 749 -6.71 34.63 -7.26
CA ASP A 749 -6.49 35.44 -8.49
C ASP A 749 -5.07 35.42 -9.05
N GLN A 750 -4.16 34.70 -8.38
CA GLN A 750 -2.78 34.61 -8.85
C GLN A 750 -2.02 33.48 -8.19
N THR A 751 -1.14 32.88 -8.97
CA THR A 751 -0.34 31.78 -8.56
C THR A 751 0.87 32.28 -7.76
N LYS A 752 1.20 31.55 -6.70
CA LYS A 752 2.47 31.69 -5.99
C LYS A 752 3.12 30.31 -5.86
N VAL A 753 4.41 30.24 -6.18
CA VAL A 753 5.25 29.07 -5.94
C VAL A 753 6.33 29.49 -4.94
N TRP A 754 6.44 28.73 -3.85
CA TRP A 754 7.41 28.97 -2.77
C TRP A 754 8.76 28.35 -3.13
N ASN A 755 9.83 29.12 -2.97
CA ASN A 755 11.19 28.59 -3.11
C ASN A 755 11.80 28.12 -1.79
N THR A 756 11.23 28.54 -0.68
CA THR A 756 11.57 28.01 0.60
C THR A 756 10.97 26.60 0.74
N PRO A 757 11.66 25.73 1.49
CA PRO A 757 11.08 24.41 1.67
C PRO A 757 9.68 24.41 2.32
N ASN A 758 9.44 25.33 3.25
CA ASN A 758 8.12 25.45 3.91
C ASN A 758 7.50 26.82 3.64
N LYS A 759 6.19 26.92 3.84
CA LYS A 759 5.50 28.22 3.79
C LYS A 759 5.71 29.03 5.10
N ASN A 760 5.45 30.35 5.06
CA ASN A 760 5.17 31.16 6.29
C ASN A 760 6.34 31.28 7.27
N SER B 4 24.23 6.77 -27.67
CA SER B 4 24.14 6.22 -29.06
C SER B 4 22.73 5.64 -29.30
N PRO B 5 22.16 5.79 -30.53
CA PRO B 5 20.76 5.34 -30.74
C PRO B 5 20.52 3.84 -30.44
N VAL B 6 19.44 3.51 -29.74
CA VAL B 6 19.18 2.09 -29.40
C VAL B 6 18.76 1.27 -30.62
N ILE B 7 18.00 1.89 -31.52
CA ILE B 7 17.70 1.31 -32.83
C ILE B 7 18.53 2.09 -33.83
N PRO B 8 19.29 1.38 -34.70
CA PRO B 8 20.08 2.12 -35.70
C PRO B 8 19.22 2.97 -36.65
N THR B 9 19.84 4.05 -37.14
CA THR B 9 19.18 4.99 -38.03
C THR B 9 19.19 4.35 -39.42
N ASP B 10 18.03 4.27 -40.07
CA ASP B 10 17.95 3.92 -41.51
C ASP B 10 17.85 5.25 -42.27
N PRO B 11 18.92 5.66 -42.99
CA PRO B 11 18.92 6.99 -43.68
C PRO B 11 17.84 7.18 -44.76
N ALA B 12 17.48 6.09 -45.45
CA ALA B 12 16.43 6.12 -46.47
C ALA B 12 15.05 6.41 -45.87
N ILE B 13 14.78 5.85 -44.70
CA ILE B 13 13.56 6.17 -43.97
C ILE B 13 13.58 7.64 -43.50
N GLU B 14 14.70 8.07 -42.92
CA GLU B 14 14.80 9.44 -42.42
C GLU B 14 14.67 10.47 -43.55
N THR B 15 15.25 10.15 -44.71
CA THR B 15 15.09 10.98 -45.90
C THR B 15 13.61 11.08 -46.29
N HIS B 16 12.91 9.94 -46.40
CA HIS B 16 11.47 9.94 -46.69
C HIS B 16 10.67 10.77 -45.67
N ILE B 17 11.00 10.62 -44.39
CA ILE B 17 10.35 11.39 -43.33
C ILE B 17 10.58 12.91 -43.53
N ARG B 18 11.83 13.31 -43.77
CA ARG B 18 12.17 14.74 -43.95
C ARG B 18 11.32 15.35 -45.09
N GLU B 19 11.14 14.59 -46.18
CA GLU B 19 10.35 15.07 -47.31
C GLU B 19 8.81 14.97 -47.10
N TRP B 20 8.33 14.07 -46.25
CA TRP B 20 6.91 14.13 -45.83
C TRP B 20 6.64 15.42 -45.00
N LEU B 21 7.55 15.73 -44.08
CA LEU B 21 7.40 16.89 -43.19
C LEU B 21 7.49 18.25 -43.90
N GLN B 22 8.29 18.33 -44.98
CA GLN B 22 8.35 19.56 -45.82
C GLN B 22 7.04 19.80 -46.63
N LYS B 23 6.33 18.75 -46.99
CA LYS B 23 5.15 18.80 -47.90
C LYS B 23 3.78 18.69 -47.22
N MET B 24 3.72 18.19 -45.98
CA MET B 24 2.42 17.96 -45.32
C MET B 24 1.77 19.23 -44.77
N THR B 25 0.45 19.31 -44.92
CA THR B 25 -0.34 20.36 -44.28
C THR B 25 -0.36 20.12 -42.76
N LEU B 26 -0.67 21.16 -42.02
CA LEU B 26 -0.83 21.05 -40.55
C LEU B 26 -1.94 20.06 -40.17
N GLU B 27 -3.03 20.04 -40.96
CA GLU B 27 -4.15 19.11 -40.76
C GLU B 27 -3.71 17.64 -40.94
N GLN B 28 -2.87 17.39 -41.94
CA GLN B 28 -2.31 16.06 -42.15
C GLN B 28 -1.40 15.64 -41.02
N LYS B 29 -0.52 16.55 -40.61
CA LYS B 29 0.38 16.29 -39.48
C LYS B 29 -0.40 15.94 -38.21
N ILE B 30 -1.38 16.78 -37.89
CA ILE B 30 -2.20 16.54 -36.70
C ILE B 30 -2.96 15.19 -36.82
N GLY B 31 -3.50 14.90 -38.00
CA GLY B 31 -4.23 13.66 -38.23
C GLY B 31 -3.39 12.42 -37.97
N GLN B 32 -2.11 12.48 -38.30
CA GLN B 32 -1.18 11.41 -37.96
C GLN B 32 -0.97 11.18 -36.45
N MET B 33 -1.28 12.17 -35.62
CA MET B 33 -1.17 12.05 -34.15
C MET B 33 -2.49 11.63 -33.49
N CYS B 34 -3.50 11.32 -34.31
CA CYS B 34 -4.85 10.96 -33.84
C CYS B 34 -5.16 9.51 -34.14
N GLU B 35 -5.74 8.79 -33.15
CA GLU B 35 -6.17 7.39 -33.32
C GLU B 35 -7.60 7.26 -32.87
N ILE B 36 -8.40 6.56 -33.67
CA ILE B 36 -9.85 6.48 -33.44
C ILE B 36 -10.25 4.99 -33.40
N THR B 37 -11.11 4.62 -32.45
CA THR B 37 -11.54 3.24 -32.32
C THR B 37 -12.58 2.91 -33.40
N ILE B 38 -12.57 1.63 -33.82
CA ILE B 38 -13.29 1.15 -34.99
C ILE B 38 -14.81 1.40 -34.99
N ASP B 39 -15.44 1.34 -33.80
CA ASP B 39 -16.88 1.66 -33.65
C ASP B 39 -17.26 2.98 -34.29
N VAL B 40 -16.39 3.99 -34.22
CA VAL B 40 -16.73 5.31 -34.76
C VAL B 40 -17.04 5.22 -36.27
N VAL B 41 -16.29 4.38 -37.01
CA VAL B 41 -16.45 4.21 -38.45
C VAL B 41 -17.22 2.94 -38.86
N SER B 42 -17.96 2.33 -37.93
CA SER B 42 -18.72 1.10 -38.18
C SER B 42 -20.19 1.39 -38.49
N ASP B 43 -20.76 0.67 -39.45
CA ASP B 43 -22.20 0.69 -39.70
C ASP B 43 -22.79 -0.51 -38.98
N LEU B 44 -23.30 -0.28 -37.78
CA LEU B 44 -23.72 -1.37 -36.89
C LEU B 44 -24.96 -2.13 -37.32
N GLU B 45 -25.97 -1.43 -37.84
CA GLU B 45 -27.20 -2.08 -38.27
C GLU B 45 -26.97 -2.98 -39.48
N THR B 46 -26.25 -2.50 -40.48
CA THR B 46 -25.83 -3.34 -41.60
C THR B 46 -24.93 -4.49 -41.14
N SER B 47 -24.05 -4.25 -40.17
CA SER B 47 -23.22 -5.31 -39.59
C SER B 47 -24.02 -6.45 -38.92
N ARG B 48 -25.08 -6.10 -38.18
CA ARG B 48 -25.98 -7.06 -37.56
C ARG B 48 -26.56 -8.03 -38.61
N LYS B 49 -27.06 -7.48 -39.72
CA LYS B 49 -27.72 -8.27 -40.78
C LYS B 49 -26.77 -9.05 -41.73
N LYS B 50 -25.68 -8.41 -42.19
CA LYS B 50 -24.79 -8.98 -43.24
C LYS B 50 -23.32 -9.27 -42.80
N GLY B 51 -23.01 -9.17 -41.50
CA GLY B 51 -21.61 -9.25 -41.03
C GLY B 51 -20.91 -7.89 -41.12
N PHE B 52 -19.72 -7.78 -40.55
CA PHE B 52 -19.11 -6.46 -40.33
C PHE B 52 -19.02 -5.59 -41.61
N CYS B 53 -19.57 -4.39 -41.50
CA CYS B 53 -19.60 -3.44 -42.58
C CYS B 53 -19.21 -2.05 -42.05
N LEU B 54 -18.26 -1.40 -42.75
CA LEU B 54 -17.84 -0.04 -42.45
C LEU B 54 -18.85 1.01 -42.97
N SER B 55 -18.89 2.17 -42.32
CA SER B 55 -19.73 3.30 -42.74
C SER B 55 -18.89 4.18 -43.67
N GLU B 56 -19.31 4.30 -44.94
CA GLU B 56 -18.57 5.13 -45.92
C GLU B 56 -18.53 6.60 -45.43
N ALA B 57 -19.68 7.10 -44.96
CA ALA B 57 -19.80 8.49 -44.52
C ALA B 57 -18.87 8.83 -43.34
N MET B 58 -18.87 7.95 -42.35
CA MET B 58 -17.98 8.11 -41.22
C MET B 58 -16.48 7.95 -41.59
N LEU B 59 -16.17 7.07 -42.54
CA LEU B 59 -14.79 7.01 -43.07
C LEU B 59 -14.41 8.34 -43.72
N ASP B 60 -15.37 8.96 -44.39
CA ASP B 60 -15.14 10.23 -45.07
C ASP B 60 -14.83 11.37 -44.07
N THR B 61 -15.55 11.39 -42.95
CA THR B 61 -15.28 12.31 -41.85
C THR B 61 -13.92 12.04 -41.19
N VAL B 62 -13.73 10.80 -40.75
CA VAL B 62 -12.56 10.46 -39.96
C VAL B 62 -11.25 10.54 -40.79
N ILE B 63 -11.22 9.86 -41.92
CA ILE B 63 -10.00 9.76 -42.76
C ILE B 63 -9.93 10.91 -43.78
N GLY B 64 -11.04 11.22 -44.44
CA GLY B 64 -11.06 12.25 -45.50
C GLY B 64 -10.95 13.69 -45.04
N LYS B 65 -11.77 14.07 -44.05
CA LYS B 65 -11.73 15.45 -43.55
C LYS B 65 -10.63 15.62 -42.49
N TYR B 66 -10.60 14.74 -41.49
CA TYR B 66 -9.66 14.89 -40.39
C TYR B 66 -8.27 14.23 -40.61
N LYS B 67 -8.08 13.47 -41.69
CA LYS B 67 -6.80 12.87 -42.02
C LYS B 67 -6.29 11.91 -40.94
N VAL B 68 -7.20 11.23 -40.25
CA VAL B 68 -6.80 10.39 -39.12
C VAL B 68 -5.88 9.27 -39.64
N GLY B 69 -4.74 9.10 -38.96
CA GLY B 69 -3.70 8.18 -39.39
C GLY B 69 -3.74 6.77 -38.82
N SER B 70 -4.67 6.50 -37.90
CA SER B 70 -4.69 5.24 -37.16
C SER B 70 -6.07 4.90 -36.65
N LEU B 71 -6.39 3.63 -36.74
CA LEU B 71 -7.59 3.06 -36.19
C LEU B 71 -7.16 1.94 -35.29
N LEU B 72 -8.03 1.57 -34.35
CA LEU B 72 -7.77 0.42 -33.45
C LEU B 72 -9.03 -0.36 -33.11
N ASN B 73 -8.82 -1.49 -32.44
CA ASN B 73 -9.85 -2.32 -31.79
C ASN B 73 -10.55 -3.29 -32.74
N VAL B 74 -11.33 -4.20 -32.13
CA VAL B 74 -11.97 -5.29 -32.84
C VAL B 74 -13.33 -4.84 -33.37
N PRO B 75 -13.61 -5.12 -34.65
CA PRO B 75 -14.95 -4.83 -35.17
C PRO B 75 -16.07 -5.51 -34.36
N LEU B 76 -17.08 -4.74 -33.98
CA LEU B 76 -18.27 -5.22 -33.22
C LEU B 76 -18.00 -5.74 -31.81
N GLY B 77 -16.84 -5.46 -31.25
CA GLY B 77 -16.50 -5.96 -29.92
C GLY B 77 -16.28 -7.49 -29.81
N VAL B 78 -16.13 -8.17 -30.94
CA VAL B 78 -15.98 -9.61 -30.90
C VAL B 78 -15.08 -10.07 -32.03
N ALA B 79 -14.20 -11.00 -31.72
CA ALA B 79 -13.31 -11.62 -32.72
C ALA B 79 -13.98 -11.87 -34.05
N GLN B 80 -13.25 -11.53 -35.11
CA GLN B 80 -13.68 -11.70 -36.49
C GLN B 80 -12.79 -12.71 -37.21
N LYS B 81 -13.32 -13.29 -38.29
CA LYS B 81 -12.51 -14.10 -39.20
C LYS B 81 -11.40 -13.23 -39.80
N LYS B 82 -10.25 -13.85 -40.06
CA LYS B 82 -9.13 -13.18 -40.75
C LYS B 82 -9.50 -12.57 -42.13
N GLU B 83 -10.38 -13.24 -42.86
CA GLU B 83 -10.86 -12.76 -44.16
C GLU B 83 -11.63 -11.45 -44.00
N LYS B 84 -12.43 -11.35 -42.94
CA LYS B 84 -13.16 -10.14 -42.63
C LYS B 84 -12.23 -8.98 -42.23
N TRP B 85 -11.29 -9.26 -41.34
CA TRP B 85 -10.22 -8.31 -41.01
C TRP B 85 -9.56 -7.72 -42.26
N ALA B 86 -9.16 -8.62 -43.17
CA ALA B 86 -8.41 -8.25 -44.36
C ALA B 86 -9.22 -7.38 -45.32
N GLU B 87 -10.48 -7.77 -45.54
CA GLU B 87 -11.42 -6.96 -46.33
C GLU B 87 -11.59 -5.54 -45.71
N ALA B 88 -11.73 -5.46 -44.38
CA ALA B 88 -11.93 -4.16 -43.70
C ALA B 88 -10.72 -3.24 -43.80
N ILE B 89 -9.55 -3.79 -43.50
CA ILE B 89 -8.29 -3.05 -43.58
C ILE B 89 -7.98 -2.64 -45.03
N LYS B 90 -8.33 -3.49 -46.00
CA LYS B 90 -8.21 -3.11 -47.40
C LYS B 90 -9.03 -1.86 -47.74
N GLN B 91 -10.30 -1.84 -47.35
CA GLN B 91 -11.18 -0.66 -47.59
C GLN B 91 -10.62 0.60 -46.88
N ILE B 92 -10.15 0.42 -45.64
CA ILE B 92 -9.51 1.48 -44.86
C ILE B 92 -8.27 2.04 -45.57
N GLN B 93 -7.45 1.15 -46.14
CA GLN B 93 -6.24 1.58 -46.85
C GLN B 93 -6.53 2.25 -48.18
N GLU B 94 -7.47 1.71 -48.94
CA GLU B 94 -7.92 2.39 -50.17
C GLU B 94 -8.32 3.83 -49.88
N LYS B 95 -9.02 4.04 -48.78
CA LYS B 95 -9.47 5.39 -48.38
C LYS B 95 -8.29 6.26 -47.91
N SER B 96 -7.40 5.68 -47.10
CA SER B 96 -6.25 6.40 -46.58
C SER B 96 -5.28 6.83 -47.71
N MET B 97 -4.97 5.92 -48.64
CA MET B 97 -4.07 6.27 -49.75
C MET B 97 -4.71 7.30 -50.70
N LYS B 98 -6.03 7.28 -50.85
CA LYS B 98 -6.73 8.24 -51.71
C LYS B 98 -6.73 9.63 -51.10
N GLU B 99 -7.13 9.74 -49.84
CA GLU B 99 -7.38 11.04 -49.18
C GLU B 99 -6.17 11.68 -48.47
N ILE B 100 -5.21 10.87 -48.03
CA ILE B 100 -4.00 11.35 -47.33
C ILE B 100 -2.68 11.07 -48.09
N GLY B 101 -2.56 9.87 -48.68
CA GLY B 101 -1.30 9.41 -49.28
C GLY B 101 -0.41 8.65 -48.31
N ILE B 102 -0.83 8.55 -47.04
CA ILE B 102 -0.11 7.84 -45.98
C ILE B 102 -0.98 6.67 -45.52
N PRO B 103 -0.40 5.46 -45.41
CA PRO B 103 -1.20 4.32 -45.02
C PRO B 103 -1.61 4.40 -43.56
N CYS B 104 -2.81 3.89 -43.26
CA CYS B 104 -3.26 3.76 -41.86
C CYS B 104 -2.41 2.71 -41.14
N ILE B 105 -2.16 2.95 -39.85
CA ILE B 105 -1.65 1.92 -38.94
C ILE B 105 -2.79 1.44 -38.01
N TYR B 106 -3.12 0.16 -38.11
CA TYR B 106 -4.24 -0.44 -37.40
C TYR B 106 -3.66 -1.22 -36.24
N GLY B 107 -4.00 -0.80 -35.03
CA GLY B 107 -3.54 -1.45 -33.81
C GLY B 107 -4.61 -2.36 -33.20
N VAL B 108 -4.18 -3.53 -32.73
CA VAL B 108 -5.09 -4.49 -32.09
C VAL B 108 -4.45 -5.14 -30.83
N ASP B 109 -5.27 -5.35 -29.81
CA ASP B 109 -4.92 -6.09 -28.61
C ASP B 109 -4.89 -7.62 -28.85
N GLN B 110 -3.88 -8.09 -29.57
CA GLN B 110 -3.62 -9.53 -29.71
C GLN B 110 -2.68 -9.90 -28.57
N ILE B 111 -3.27 -10.30 -27.44
CA ILE B 111 -2.58 -10.34 -26.14
C ILE B 111 -1.87 -11.65 -25.80
N HIS B 112 -2.45 -12.78 -26.20
CA HIS B 112 -1.88 -14.12 -25.90
C HIS B 112 -2.18 -15.09 -27.06
N GLY B 113 -1.65 -14.72 -28.22
CA GLY B 113 -2.21 -15.16 -29.47
C GLY B 113 -3.29 -14.19 -29.89
N THR B 114 -3.97 -14.50 -30.99
CA THR B 114 -4.92 -13.58 -31.61
C THR B 114 -6.25 -13.52 -30.87
N THR B 115 -6.24 -12.77 -29.78
CA THR B 115 -7.43 -12.39 -29.01
C THR B 115 -8.67 -12.09 -29.86
N TYR B 116 -8.47 -11.35 -30.95
CA TYR B 116 -9.57 -10.85 -31.74
C TYR B 116 -9.65 -11.38 -33.19
N THR B 117 -8.94 -12.47 -33.48
CA THR B 117 -9.05 -13.18 -34.73
C THR B 117 -9.49 -14.61 -34.46
N LEU B 118 -10.61 -15.01 -35.05
CA LEU B 118 -11.20 -16.31 -34.79
C LEU B 118 -10.30 -17.43 -35.25
N ASP B 119 -10.34 -18.53 -34.49
CA ASP B 119 -9.67 -19.80 -34.85
C ASP B 119 -8.14 -19.75 -34.75
N GLY B 120 -7.60 -18.70 -34.14
CA GLY B 120 -6.17 -18.60 -33.94
C GLY B 120 -5.68 -19.50 -32.81
N THR B 121 -4.35 -19.53 -32.67
CA THR B 121 -3.66 -20.28 -31.66
C THR B 121 -3.55 -19.42 -30.40
N MET B 122 -4.28 -19.80 -29.35
CA MET B 122 -4.31 -19.08 -28.08
C MET B 122 -3.40 -19.70 -27.00
N PHE B 123 -2.55 -18.85 -26.43
CA PHE B 123 -1.51 -19.27 -25.51
C PHE B 123 -1.95 -18.99 -24.09
N PRO B 124 -1.29 -19.65 -23.12
CA PRO B 124 -1.48 -19.19 -21.74
C PRO B 124 -1.17 -17.68 -21.60
N GLN B 125 -1.83 -17.05 -20.63
CA GLN B 125 -1.65 -15.61 -20.37
C GLN B 125 -0.24 -15.33 -19.83
N GLY B 126 0.09 -14.06 -19.72
CA GLY B 126 1.43 -13.63 -19.30
C GLY B 126 1.97 -14.32 -18.06
N ILE B 127 1.12 -14.40 -17.02
CA ILE B 127 1.52 -14.95 -15.73
C ILE B 127 1.93 -16.41 -15.88
N ASN B 128 1.20 -17.13 -16.71
CA ASN B 128 1.58 -18.50 -17.08
C ASN B 128 2.93 -18.59 -17.82
N MET B 129 3.16 -17.69 -18.78
CA MET B 129 4.44 -17.69 -19.51
C MET B 129 5.61 -17.38 -18.57
N GLY B 130 5.40 -16.50 -17.59
CA GLY B 130 6.41 -16.28 -16.56
C GLY B 130 6.77 -17.57 -15.83
N ALA B 131 5.74 -18.33 -15.45
CA ALA B 131 5.91 -19.58 -14.70
C ALA B 131 6.67 -20.68 -15.47
N THR B 132 6.73 -20.57 -16.79
CA THR B 132 7.52 -21.51 -17.60
C THR B 132 9.01 -21.30 -17.46
N PHE B 133 9.42 -20.10 -17.05
CA PHE B 133 10.84 -19.69 -17.04
C PHE B 133 11.60 -20.11 -18.31
N ASN B 134 10.88 -20.06 -19.43
CA ASN B 134 11.35 -20.52 -20.71
C ASN B 134 11.24 -19.38 -21.76
N ARG B 135 12.33 -18.63 -21.90
CA ARG B 135 12.43 -17.51 -22.84
C ARG B 135 12.10 -17.90 -24.27
N GLU B 136 12.69 -19.01 -24.71
CA GLU B 136 12.52 -19.49 -26.07
C GLU B 136 11.05 -19.80 -26.37
N LEU B 137 10.35 -20.34 -25.40
CA LEU B 137 8.93 -20.66 -25.57
C LEU B 137 8.10 -19.38 -25.65
N THR B 138 8.45 -18.39 -24.84
CA THR B 138 7.78 -17.09 -24.89
C THR B 138 8.01 -16.44 -26.27
N ARG B 139 9.23 -16.56 -26.80
CA ARG B 139 9.59 -16.02 -28.11
C ARG B 139 8.77 -16.69 -29.21
N ARG B 140 8.74 -18.02 -29.19
CA ARG B 140 7.99 -18.79 -30.19
C ARG B 140 6.51 -18.51 -30.16
N GLY B 141 5.95 -18.31 -28.96
CA GLY B 141 4.56 -17.91 -28.79
C GLY B 141 4.28 -16.62 -29.50
N ALA B 142 5.14 -15.62 -29.28
CA ALA B 142 4.98 -14.29 -29.90
C ALA B 142 5.17 -14.30 -31.44
N LYS B 143 6.15 -15.07 -31.90
CA LYS B 143 6.36 -15.35 -33.33
C LYS B 143 5.09 -15.92 -34.01
N ILE B 144 4.43 -16.87 -33.33
CA ILE B 144 3.15 -17.43 -33.81
C ILE B 144 2.04 -16.35 -33.81
N SER B 145 1.95 -15.59 -32.74
CA SER B 145 0.91 -14.59 -32.62
C SER B 145 1.09 -13.54 -33.70
N ALA B 146 2.35 -13.18 -33.96
CA ALA B 146 2.65 -12.23 -35.03
C ALA B 146 2.23 -12.76 -36.40
N TYR B 147 2.56 -14.01 -36.67
CA TYR B 147 2.20 -14.65 -37.91
C TYR B 147 0.67 -14.60 -38.12
N GLU B 148 -0.08 -14.99 -37.11
CA GLU B 148 -1.53 -15.06 -37.21
C GLU B 148 -2.19 -13.69 -37.17
N THR B 149 -1.50 -12.72 -36.56
CA THR B 149 -1.97 -11.34 -36.58
C THR B 149 -1.86 -10.77 -38.01
N LYS B 150 -0.69 -10.93 -38.64
CA LYS B 150 -0.51 -10.50 -40.03
C LYS B 150 -1.41 -11.24 -41.02
N ALA B 151 -1.87 -12.44 -40.68
CA ALA B 151 -2.86 -13.16 -41.50
C ALA B 151 -4.20 -12.44 -41.66
N GLY B 152 -4.45 -11.40 -40.83
CA GLY B 152 -5.59 -10.49 -40.99
C GLY B 152 -5.25 -9.08 -41.46
N CYS B 153 -4.03 -8.88 -42.00
CA CYS B 153 -3.54 -7.55 -42.40
C CYS B 153 -3.35 -6.53 -41.24
N ILE B 154 -3.20 -7.03 -40.02
CA ILE B 154 -2.93 -6.21 -38.85
C ILE B 154 -1.42 -6.20 -38.66
N PRO B 155 -0.80 -5.01 -38.58
CA PRO B 155 0.67 -4.88 -38.46
C PRO B 155 1.20 -4.54 -37.08
N TRP B 156 0.32 -4.18 -36.15
CA TRP B 156 0.70 -3.61 -34.87
C TRP B 156 -0.09 -4.26 -33.76
N THR B 157 0.60 -4.91 -32.80
CA THR B 157 -0.06 -5.47 -31.62
C THR B 157 0.23 -4.67 -30.34
N PHE B 158 -0.81 -4.46 -29.54
CA PHE B 158 -0.66 -3.79 -28.24
C PHE B 158 -0.22 -4.82 -27.21
N ALA B 159 1.04 -5.24 -27.34
CA ALA B 159 1.64 -6.25 -26.48
C ALA B 159 3.14 -6.22 -26.76
N PRO B 160 3.99 -6.65 -25.81
CA PRO B 160 3.62 -7.36 -24.57
C PRO B 160 3.46 -6.46 -23.35
N VAL B 161 2.80 -7.01 -22.33
CA VAL B 161 2.59 -6.35 -21.04
C VAL B 161 3.73 -6.72 -20.09
N VAL B 162 4.41 -5.71 -19.52
CA VAL B 162 5.56 -5.90 -18.63
C VAL B 162 5.44 -5.14 -17.30
N ASP B 163 4.21 -4.85 -16.88
CA ASP B 163 3.95 -4.34 -15.54
C ASP B 163 4.43 -5.35 -14.47
N LEU B 164 4.70 -4.86 -13.27
CA LEU B 164 5.08 -5.76 -12.19
C LEU B 164 3.83 -6.17 -11.43
N GLY B 165 3.50 -7.46 -11.51
CA GLY B 165 2.32 -8.01 -10.85
C GLY B 165 2.60 -8.30 -9.39
N ARG B 166 2.81 -7.22 -8.65
CA ARG B 166 3.28 -7.28 -7.28
C ARG B 166 2.13 -7.15 -6.29
N ASP B 167 0.92 -6.98 -6.82
CA ASP B 167 -0.27 -6.72 -6.02
C ASP B 167 -1.34 -7.72 -6.46
N PRO B 168 -1.61 -8.73 -5.61
CA PRO B 168 -2.60 -9.74 -5.98
C PRO B 168 -4.07 -9.28 -5.95
N ARG B 169 -4.33 -8.05 -5.51
CA ARG B 169 -5.69 -7.49 -5.58
C ARG B 169 -6.07 -7.00 -6.99
N TRP B 170 -5.04 -6.72 -7.81
CA TRP B 170 -5.19 -5.97 -9.05
C TRP B 170 -5.74 -6.87 -10.14
N ALA B 171 -6.80 -6.39 -10.80
CA ALA B 171 -7.47 -7.09 -11.89
C ALA B 171 -6.60 -7.41 -13.11
N ARG B 172 -5.45 -6.76 -13.23
CA ARG B 172 -4.55 -7.00 -14.36
C ARG B 172 -3.24 -7.72 -13.97
N MET B 173 -3.21 -8.37 -12.81
CA MET B 173 -2.00 -9.03 -12.32
C MET B 173 -1.54 -10.12 -13.27
N TRP B 174 -2.51 -10.79 -13.88
CA TRP B 174 -2.26 -11.91 -14.78
C TRP B 174 -1.74 -11.55 -16.18
N GLU B 175 -1.84 -10.28 -16.59
CA GLU B 175 -1.43 -9.88 -17.95
C GLU B 175 0.08 -9.85 -18.15
N ASN B 176 0.83 -9.62 -17.08
CA ASN B 176 2.27 -9.51 -17.12
C ASN B 176 2.93 -10.83 -16.68
N TYR B 177 4.26 -10.84 -16.52
CA TYR B 177 4.98 -12.08 -16.18
C TYR B 177 5.24 -12.29 -14.67
N GLY B 178 4.60 -11.48 -13.83
CA GLY B 178 4.60 -11.68 -12.39
C GLY B 178 5.31 -10.59 -11.61
N GLU B 179 5.69 -10.93 -10.38
CA GLU B 179 6.11 -9.95 -9.43
C GLU B 179 7.56 -9.51 -9.56
N ASP B 180 8.36 -10.22 -10.34
CA ASP B 180 9.78 -9.93 -10.44
C ASP B 180 10.12 -9.14 -11.70
N CYS B 181 10.96 -8.13 -11.53
CA CYS B 181 11.29 -7.22 -12.61
C CYS B 181 12.23 -7.84 -13.64
N TYR B 182 13.18 -8.67 -13.21
CA TYR B 182 14.03 -9.45 -14.14
C TYR B 182 13.19 -10.39 -15.05
N VAL B 183 12.24 -11.12 -14.47
CA VAL B 183 11.40 -12.02 -15.25
C VAL B 183 10.65 -11.23 -16.30
N ASN B 184 10.03 -10.11 -15.92
CA ASN B 184 9.30 -9.29 -16.89
C ASN B 184 10.23 -8.72 -17.97
N ALA B 185 11.45 -8.35 -17.59
CA ALA B 185 12.38 -7.78 -18.54
C ALA B 185 12.80 -8.82 -19.59
N GLU B 186 13.19 -10.00 -19.12
CA GLU B 186 13.62 -11.08 -20.00
C GLU B 186 12.54 -11.66 -20.90
N MET B 187 11.38 -11.94 -20.34
CA MET B 187 10.23 -12.41 -21.11
C MET B 187 9.70 -11.35 -22.08
N GLY B 188 9.72 -10.10 -21.65
CA GLY B 188 9.30 -8.99 -22.50
C GLY B 188 10.20 -8.88 -23.72
N VAL B 189 11.50 -9.06 -23.50
CA VAL B 189 12.48 -9.04 -24.56
C VAL B 189 12.25 -10.23 -25.48
N SER B 190 11.96 -11.41 -24.91
CA SER B 190 11.64 -12.59 -25.71
C SER B 190 10.39 -12.40 -26.58
N ALA B 191 9.37 -11.76 -26.03
CA ALA B 191 8.14 -11.49 -26.76
C ALA B 191 8.38 -10.52 -27.90
N VAL B 192 9.14 -9.46 -27.62
CA VAL B 192 9.50 -8.45 -28.63
C VAL B 192 10.27 -9.08 -29.81
N LYS B 193 11.25 -9.93 -29.51
CA LYS B 193 12.01 -10.63 -30.55
C LYS B 193 11.14 -11.55 -31.42
N GLY B 194 10.23 -12.27 -30.78
CA GLY B 194 9.25 -13.07 -31.51
C GLY B 194 8.33 -12.24 -32.38
N PHE B 195 7.75 -11.18 -31.79
CA PHE B 195 6.80 -10.33 -32.50
C PHE B 195 7.48 -9.70 -33.70
N GLN B 196 8.63 -9.08 -33.46
CA GLN B 196 9.22 -8.15 -34.44
C GLN B 196 10.20 -8.80 -35.41
N GLY B 197 10.84 -9.88 -34.98
CA GLY B 197 11.97 -10.43 -35.70
C GLY B 197 13.22 -9.65 -35.33
N GLU B 198 14.30 -9.96 -36.03
CA GLU B 198 15.63 -9.54 -35.64
C GLU B 198 16.03 -8.14 -36.14
N ASP B 199 15.31 -7.59 -37.12
CA ASP B 199 15.60 -6.25 -37.63
C ASP B 199 14.44 -5.26 -37.38
N PRO B 200 14.57 -4.39 -36.34
CA PRO B 200 13.49 -3.43 -36.03
C PRO B 200 13.18 -2.45 -37.15
N ASN B 201 14.14 -2.21 -38.03
CA ASN B 201 13.94 -1.34 -39.20
C ASN B 201 13.19 -1.97 -40.40
N ARG B 202 13.15 -3.29 -40.48
CA ARG B 202 12.43 -4.02 -41.55
C ARG B 202 11.61 -5.15 -40.89
N ILE B 203 10.39 -4.82 -40.48
CA ILE B 203 9.46 -5.80 -39.93
C ILE B 203 8.90 -6.57 -41.12
N GLY B 204 9.26 -7.85 -41.25
CA GLY B 204 8.86 -8.66 -42.41
C GLY B 204 7.39 -9.00 -42.44
N GLU B 205 7.01 -9.75 -43.48
CA GLU B 205 5.66 -10.31 -43.71
C GLU B 205 4.95 -10.98 -42.53
N TYR B 206 5.72 -11.74 -41.74
CA TYR B 206 5.18 -12.57 -40.67
C TYR B 206 5.37 -12.00 -39.27
N ASN B 207 5.94 -10.80 -39.19
CA ASN B 207 6.19 -10.11 -37.90
C ASN B 207 5.28 -8.89 -37.74
N VAL B 208 5.20 -8.39 -36.51
CA VAL B 208 4.46 -7.16 -36.18
C VAL B 208 5.30 -6.27 -35.31
N ALA B 209 4.92 -5.00 -35.25
CA ALA B 209 5.47 -4.10 -34.27
C ALA B 209 4.89 -4.46 -32.92
N ALA B 210 5.75 -4.50 -31.92
CA ALA B 210 5.34 -4.66 -30.52
C ALA B 210 5.06 -3.29 -29.88
N CYS B 211 4.32 -3.33 -28.78
CA CYS B 211 4.03 -2.18 -27.96
C CYS B 211 4.19 -2.54 -26.49
N MET B 212 5.16 -1.93 -25.79
CA MET B 212 5.37 -2.21 -24.37
C MET B 212 4.31 -1.48 -23.54
N LYS B 213 3.61 -2.21 -22.67
CA LYS B 213 2.55 -1.67 -21.81
C LYS B 213 2.80 -2.02 -20.33
N HIS B 214 2.44 -1.17 -19.36
CA HIS B 214 1.88 0.18 -19.50
C HIS B 214 2.82 1.13 -18.72
N TYR B 215 3.60 1.95 -19.44
CA TYR B 215 4.72 2.71 -18.90
C TYR B 215 4.31 3.81 -17.92
N MET B 216 4.65 3.75 -16.62
CA MET B 216 5.13 2.58 -15.88
C MET B 216 4.57 2.63 -14.45
N GLY B 217 4.74 1.54 -13.70
CA GLY B 217 4.24 1.48 -12.31
C GLY B 217 2.75 1.20 -12.15
N TYR B 218 2.12 0.73 -13.23
CA TYR B 218 0.66 0.54 -13.30
C TYR B 218 0.14 -0.56 -12.36
N GLY B 219 0.99 -1.53 -12.04
CA GLY B 219 0.56 -2.70 -11.27
C GLY B 219 0.56 -2.64 -9.76
N VAL B 220 0.86 -1.48 -9.17
CA VAL B 220 0.90 -1.31 -7.72
C VAL B 220 0.03 -0.16 -7.18
N PRO B 221 -1.26 -0.13 -7.55
CA PRO B 221 -2.10 0.85 -6.90
C PRO B 221 -2.22 0.58 -5.37
N VAL B 222 -2.27 1.64 -4.58
CA VAL B 222 -2.26 1.54 -3.12
C VAL B 222 -3.47 0.72 -2.63
N SER B 223 -4.63 0.97 -3.22
CA SER B 223 -5.87 0.28 -2.87
C SER B 223 -6.10 -1.07 -3.54
N GLY B 224 -5.29 -1.42 -4.53
CA GLY B 224 -5.55 -2.58 -5.36
C GLY B 224 -6.53 -2.35 -6.52
N LYS B 225 -7.25 -1.23 -6.51
CA LYS B 225 -8.21 -0.92 -7.54
C LYS B 225 -7.51 -0.34 -8.76
N ASP B 226 -7.95 -0.79 -9.94
CA ASP B 226 -7.34 -0.39 -11.22
C ASP B 226 -7.41 1.10 -11.43
N ARG B 227 -6.33 1.69 -11.95
CA ARG B 227 -6.32 3.14 -12.29
C ARG B 227 -6.63 4.05 -11.09
N THR B 228 -6.14 3.67 -9.91
CA THR B 228 -6.11 4.50 -8.71
C THR B 228 -4.66 4.67 -8.32
N PRO B 229 -4.33 5.68 -7.51
CA PRO B 229 -2.91 6.07 -7.40
C PRO B 229 -2.00 5.03 -6.79
N SER B 230 -0.81 4.91 -7.38
CA SER B 230 0.28 4.13 -6.82
C SER B 230 1.06 5.08 -5.94
N SER B 231 1.99 4.54 -5.17
CA SER B 231 2.87 5.36 -4.30
C SER B 231 4.25 4.70 -4.34
N ILE B 232 4.97 4.98 -5.42
CA ILE B 232 6.16 4.23 -5.77
C ILE B 232 7.38 4.98 -5.28
N SER B 233 8.29 4.27 -4.61
CA SER B 233 9.50 4.91 -4.09
C SER B 233 10.43 5.23 -5.23
N ARG B 234 11.30 6.21 -5.01
CA ARG B 234 12.28 6.63 -5.98
C ARG B 234 13.14 5.44 -6.45
N SER B 235 13.63 4.62 -5.51
CA SER B 235 14.45 3.45 -5.87
C SER B 235 13.68 2.40 -6.64
N ASP B 236 12.43 2.13 -6.25
CA ASP B 236 11.62 1.11 -6.95
C ASP B 236 11.27 1.53 -8.40
N MET B 237 11.08 2.82 -8.64
CA MET B 237 10.71 3.29 -9.98
C MET B 237 11.83 3.01 -10.99
N ARG B 238 13.05 3.38 -10.63
CA ARG B 238 14.21 3.18 -11.48
C ARG B 238 14.62 1.70 -11.56
N GLU B 239 14.75 1.07 -10.41
CA GLU B 239 15.33 -0.27 -10.35
C GLU B 239 14.38 -1.34 -10.84
N LYS B 240 13.09 -1.20 -10.56
CA LYS B 240 12.17 -2.30 -10.82
C LYS B 240 11.14 -2.00 -11.91
N HIS B 241 10.28 -1.02 -11.69
CA HIS B 241 9.23 -0.74 -12.66
C HIS B 241 9.76 -0.34 -14.03
N PHE B 242 10.88 0.37 -14.07
CA PHE B 242 11.51 0.82 -15.34
C PHE B 242 12.24 -0.30 -16.05
N ALA B 243 12.69 -1.30 -15.29
CA ALA B 243 13.65 -2.30 -15.82
C ALA B 243 13.20 -3.03 -17.12
N PRO B 244 11.96 -3.51 -17.18
CA PRO B 244 11.52 -4.18 -18.41
C PRO B 244 11.37 -3.27 -19.62
N PHE B 245 11.04 -2.01 -19.37
CA PHE B 245 10.97 -1.04 -20.45
C PHE B 245 12.35 -0.70 -20.96
N LEU B 246 13.28 -0.50 -20.05
CA LEU B 246 14.68 -0.29 -20.43
C LEU B 246 15.21 -1.45 -21.27
N ALA B 247 14.98 -2.68 -20.81
CA ALA B 247 15.51 -3.84 -21.53
C ALA B 247 14.89 -3.99 -22.94
N ALA B 248 13.59 -3.80 -23.03
CA ALA B 248 12.86 -3.96 -24.31
C ALA B 248 13.23 -2.88 -25.34
N VAL B 249 13.36 -1.65 -24.86
CA VAL B 249 13.73 -0.51 -25.68
C VAL B 249 15.15 -0.72 -26.23
N ARG B 250 16.07 -1.26 -25.41
CA ARG B 250 17.43 -1.56 -25.85
C ARG B 250 17.53 -2.69 -26.86
N GLN B 251 16.53 -3.58 -26.87
CA GLN B 251 16.36 -4.59 -27.92
C GLN B 251 15.52 -4.16 -29.14
N GLY B 252 15.06 -2.92 -29.17
CA GLY B 252 14.41 -2.32 -30.34
C GLY B 252 12.89 -2.39 -30.41
N ALA B 253 12.23 -2.54 -29.25
CA ALA B 253 10.76 -2.43 -29.23
C ALA B 253 10.36 -1.11 -29.90
N LEU B 254 9.39 -1.17 -30.80
CA LEU B 254 9.08 -0.03 -31.65
C LEU B 254 8.10 0.97 -31.06
N SER B 255 7.36 0.56 -30.03
CA SER B 255 6.37 1.44 -29.41
C SER B 255 6.12 1.13 -27.92
N VAL B 256 5.57 2.15 -27.24
CA VAL B 256 5.27 2.12 -25.81
C VAL B 256 3.92 2.75 -25.61
N MET B 257 3.08 2.09 -24.82
CA MET B 257 1.83 2.66 -24.35
C MET B 257 1.96 3.09 -22.88
N VAL B 258 1.39 4.24 -22.55
CA VAL B 258 1.56 4.87 -21.26
C VAL B 258 0.49 4.44 -20.25
N ASN B 259 0.90 4.37 -19.00
CA ASN B 259 0.07 4.04 -17.84
C ASN B 259 -1.04 5.08 -17.64
N SER B 260 -2.28 4.59 -17.63
CA SER B 260 -3.46 5.42 -17.40
C SER B 260 -3.52 6.10 -16.03
N GLY B 261 -2.89 5.49 -15.03
CA GLY B 261 -3.01 5.92 -13.65
C GLY B 261 -2.12 7.06 -13.20
N VAL B 262 -1.96 7.12 -11.89
CA VAL B 262 -1.44 8.29 -11.18
C VAL B 262 -0.39 7.86 -10.17
N ASP B 263 0.63 8.71 -9.97
CA ASP B 263 1.58 8.55 -8.88
C ASP B 263 2.07 9.91 -8.45
N ASN B 264 2.20 10.11 -7.14
CA ASN B 264 2.64 11.36 -6.57
C ASN B 264 1.83 12.57 -7.07
N GLY B 265 0.52 12.36 -7.22
CA GLY B 265 -0.37 13.37 -7.73
C GLY B 265 -0.31 13.66 -9.23
N LEU B 266 0.57 12.98 -9.97
CA LEU B 266 0.76 13.27 -11.41
C LEU B 266 0.33 12.09 -12.25
N PRO B 267 -0.71 12.27 -13.09
CA PRO B 267 -1.00 11.22 -14.07
C PRO B 267 0.21 10.96 -14.98
N PHE B 268 0.52 9.70 -15.25
CA PHE B 268 1.71 9.36 -16.06
C PHE B 268 1.65 9.97 -17.46
N HIS B 269 0.44 10.11 -18.00
CA HIS B 269 0.29 10.85 -19.27
C HIS B 269 0.75 12.31 -19.27
N ALA B 270 0.94 12.89 -18.09
CA ALA B 270 1.40 14.27 -17.95
C ALA B 270 2.83 14.34 -17.45
N ASN B 271 3.51 13.20 -17.38
CA ASN B 271 4.82 13.15 -16.76
C ASN B 271 5.92 13.33 -17.80
N ARG B 272 6.22 14.58 -18.11
CA ARG B 272 7.26 14.90 -19.09
C ARG B 272 8.62 14.25 -18.78
N GLU B 273 9.01 14.29 -17.51
CA GLU B 273 10.27 13.72 -17.08
C GLU B 273 10.39 12.23 -17.46
N LEU B 274 9.38 11.45 -17.13
CA LEU B 274 9.42 10.02 -17.43
C LEU B 274 9.30 9.68 -18.92
N LEU B 275 8.46 10.41 -19.63
CA LEU B 275 8.20 10.14 -21.06
C LEU B 275 9.30 10.69 -21.98
N THR B 276 9.65 11.96 -21.80
CA THR B 276 10.61 12.61 -22.68
C THR B 276 12.04 12.34 -22.21
N GLU B 277 12.31 12.48 -20.92
CA GLU B 277 13.71 12.42 -20.46
C GLU B 277 14.16 10.97 -20.26
N TRP B 278 13.47 10.23 -19.38
CA TRP B 278 13.88 8.85 -19.01
C TRP B 278 13.83 7.90 -20.20
N LEU B 279 12.81 8.09 -21.04
CA LEU B 279 12.53 7.16 -22.14
C LEU B 279 13.17 7.61 -23.48
N LYS B 280 12.63 8.67 -24.10
CA LYS B 280 13.09 9.10 -25.43
C LYS B 280 14.52 9.62 -25.45
N GLU B 281 14.85 10.56 -24.56
CA GLU B 281 16.15 11.25 -24.57
C GLU B 281 17.28 10.47 -23.90
N ASP B 282 17.08 9.95 -22.69
CA ASP B 282 18.14 9.16 -22.03
C ASP B 282 18.55 7.91 -22.81
N LEU B 283 17.60 7.22 -23.42
CA LEU B 283 17.88 6.02 -24.20
C LEU B 283 18.14 6.27 -25.69
N ASN B 284 17.97 7.53 -26.14
CA ASN B 284 18.08 7.91 -27.56
C ASN B 284 17.27 6.92 -28.44
N TRP B 285 15.97 6.92 -28.19
CA TRP B 285 15.04 5.96 -28.75
C TRP B 285 14.09 6.72 -29.65
N ASP B 286 14.03 6.31 -30.91
CA ASP B 286 13.23 6.98 -31.92
C ASP B 286 11.86 6.31 -32.20
N GLY B 287 11.38 5.49 -31.29
CA GLY B 287 10.06 4.84 -31.41
C GLY B 287 8.87 5.73 -31.08
N LEU B 288 7.68 5.11 -31.00
CA LEU B 288 6.41 5.80 -30.85
C LEU B 288 5.82 5.66 -29.46
N ILE B 289 5.38 6.76 -28.86
CA ILE B 289 4.61 6.71 -27.62
C ILE B 289 3.15 6.97 -27.94
N VAL B 290 2.29 6.04 -27.53
CA VAL B 290 0.86 6.12 -27.73
C VAL B 290 0.19 6.16 -26.36
N THR B 291 -0.92 6.89 -26.26
CA THR B 291 -1.67 6.94 -25.00
C THR B 291 -2.44 5.66 -24.88
N ASP B 292 -2.87 5.36 -23.67
CA ASP B 292 -3.90 4.37 -23.42
C ASP B 292 -5.26 5.06 -23.63
N TRP B 293 -6.33 4.31 -23.41
CA TRP B 293 -7.66 4.64 -23.89
C TRP B 293 -8.26 5.87 -23.19
N ALA B 294 -8.53 6.92 -23.95
CA ALA B 294 -9.19 8.14 -23.45
C ALA B 294 -8.34 8.98 -22.46
N ASP B 295 -7.04 8.73 -22.42
CA ASP B 295 -6.25 9.23 -21.30
C ASP B 295 -5.87 10.73 -21.38
N ILE B 296 -5.88 11.34 -22.56
CA ILE B 296 -5.78 12.79 -22.63
C ILE B 296 -7.04 13.34 -21.97
N ASN B 297 -8.20 12.88 -22.40
CA ASN B 297 -9.46 13.42 -21.85
C ASN B 297 -9.63 13.16 -20.35
N ASN B 298 -9.06 12.06 -19.86
CA ASN B 298 -9.08 11.75 -18.43
C ASN B 298 -8.39 12.82 -17.59
N LEU B 299 -7.40 13.53 -18.13
CA LEU B 299 -6.74 14.63 -17.39
C LEU B 299 -7.76 15.69 -16.98
N CYS B 300 -8.70 15.96 -17.89
CA CYS B 300 -9.82 16.84 -17.62
C CYS B 300 -10.92 16.19 -16.77
N THR B 301 -11.54 15.13 -17.27
CA THR B 301 -12.79 14.58 -16.68
C THR B 301 -12.62 13.70 -15.45
N ARG B 302 -11.50 12.98 -15.36
CA ARG B 302 -11.22 12.10 -14.23
C ARG B 302 -10.36 12.78 -13.13
N ASP B 303 -9.21 13.33 -13.52
CA ASP B 303 -8.16 13.74 -12.58
C ASP B 303 -8.18 15.23 -12.26
N HIS B 304 -8.83 16.01 -13.11
CA HIS B 304 -8.94 17.44 -12.90
C HIS B 304 -7.58 18.15 -12.79
N ILE B 305 -6.63 17.80 -13.65
CA ILE B 305 -5.44 18.63 -13.83
C ILE B 305 -5.51 19.53 -15.07
N ALA B 306 -6.61 19.45 -15.81
CA ALA B 306 -6.86 20.33 -16.93
C ALA B 306 -8.29 20.82 -16.84
N ALA B 307 -8.51 22.10 -17.08
CA ALA B 307 -9.85 22.67 -17.03
C ALA B 307 -10.70 22.21 -18.22
N THR B 308 -10.06 22.06 -19.37
CA THR B 308 -10.76 21.71 -20.61
C THR B 308 -10.03 20.53 -21.23
N LYS B 309 -10.68 19.87 -22.20
CA LYS B 309 -10.02 18.81 -22.99
C LYS B 309 -8.86 19.38 -23.82
N LYS B 310 -9.06 20.56 -24.39
CA LYS B 310 -8.00 21.30 -25.08
C LYS B 310 -6.73 21.54 -24.23
N GLU B 311 -6.89 21.94 -22.97
CA GLU B 311 -5.74 22.11 -22.06
C GLU B 311 -5.05 20.75 -21.81
N ALA B 312 -5.85 19.69 -21.72
CA ALA B 312 -5.29 18.37 -21.58
C ALA B 312 -4.44 17.96 -22.78
N VAL B 313 -4.90 18.29 -23.99
CA VAL B 313 -4.12 17.99 -25.21
C VAL B 313 -2.77 18.67 -25.13
N LYS B 314 -2.77 19.95 -24.76
CA LYS B 314 -1.53 20.72 -24.61
C LYS B 314 -0.55 20.04 -23.66
N ILE B 315 -1.05 19.64 -22.49
CA ILE B 315 -0.22 19.03 -21.46
C ILE B 315 0.43 17.73 -21.97
N VAL B 316 -0.37 16.86 -22.57
CA VAL B 316 0.05 15.51 -22.89
C VAL B 316 0.99 15.50 -24.08
N ILE B 317 0.65 16.27 -25.11
CA ILE B 317 1.51 16.38 -26.28
C ILE B 317 2.83 17.01 -25.90
N ASN B 318 2.81 18.07 -25.10
CA ASN B 318 4.07 18.67 -24.64
C ASN B 318 4.89 17.76 -23.73
N ALA B 319 4.22 16.85 -23.03
CA ALA B 319 4.88 15.87 -22.21
C ALA B 319 5.65 14.80 -23.00
N GLY B 320 5.36 14.66 -24.29
CA GLY B 320 6.10 13.77 -25.20
C GLY B 320 5.31 12.64 -25.83
N ILE B 321 4.00 12.65 -25.65
CA ILE B 321 3.11 11.71 -26.37
C ILE B 321 3.06 11.98 -27.86
N ASP B 322 3.11 10.94 -28.68
CA ASP B 322 3.10 11.08 -30.13
C ASP B 322 1.74 10.87 -30.77
N MET B 323 0.93 9.96 -30.20
CA MET B 323 -0.35 9.54 -30.80
C MET B 323 -1.39 9.45 -29.69
N SER B 324 -2.53 10.11 -29.86
CA SER B 324 -3.60 10.04 -28.89
C SER B 324 -4.63 8.94 -29.25
N MET B 325 -4.81 7.96 -28.36
CA MET B 325 -5.93 7.03 -28.46
C MET B 325 -7.16 7.74 -27.87
N VAL B 326 -7.83 8.50 -28.72
CA VAL B 326 -8.78 9.52 -28.25
C VAL B 326 -9.90 8.95 -27.36
N PRO B 327 -10.66 7.93 -27.78
CA PRO B 327 -10.62 7.31 -29.11
C PRO B 327 -11.90 7.53 -29.91
N TYR B 328 -12.78 8.42 -29.46
CA TYR B 328 -14.07 8.60 -30.11
C TYR B 328 -14.20 9.90 -30.89
N GLU B 329 -13.32 10.88 -30.65
CA GLU B 329 -13.59 12.29 -30.96
C GLU B 329 -12.51 12.90 -31.85
N VAL B 330 -12.87 13.08 -33.11
CA VAL B 330 -11.99 13.81 -34.03
C VAL B 330 -11.71 15.26 -33.60
N SER B 331 -12.52 15.83 -32.68
CA SER B 331 -12.28 17.16 -32.13
C SER B 331 -10.88 17.34 -31.52
N PHE B 332 -10.23 16.27 -31.06
CA PHE B 332 -8.79 16.29 -30.75
C PHE B 332 -7.98 17.08 -31.79
N CYS B 333 -8.27 16.83 -33.07
CA CYS B 333 -7.55 17.50 -34.17
C CYS B 333 -7.79 19.01 -34.19
N ASP B 334 -9.02 19.42 -33.90
CA ASP B 334 -9.35 20.84 -33.85
C ASP B 334 -8.60 21.51 -32.71
N TYR B 335 -8.60 20.85 -31.55
CA TYR B 335 -7.98 21.40 -30.35
C TYR B 335 -6.48 21.55 -30.56
N LEU B 336 -5.84 20.52 -31.09
CA LEU B 336 -4.40 20.57 -31.32
C LEU B 336 -4.00 21.66 -32.31
N LYS B 337 -4.80 21.79 -33.38
CA LYS B 337 -4.55 22.82 -34.40
C LYS B 337 -4.64 24.22 -33.79
N GLU B 338 -5.65 24.45 -32.97
CA GLU B 338 -5.80 25.72 -32.27
C GLU B 338 -4.58 26.01 -31.39
N LEU B 339 -4.14 24.98 -30.65
CA LEU B 339 -2.96 25.11 -29.79
C LEU B 339 -1.71 25.46 -30.58
N VAL B 340 -1.51 24.80 -31.73
CA VAL B 340 -0.34 25.08 -32.60
C VAL B 340 -0.42 26.51 -33.13
N GLU B 341 -1.59 26.92 -33.61
CA GLU B 341 -1.79 28.31 -34.07
C GLU B 341 -1.58 29.36 -32.96
N GLU B 342 -1.88 29.00 -31.72
CA GLU B 342 -1.68 29.89 -30.54
C GLU B 342 -0.24 29.94 -30.01
N GLY B 343 0.61 29.01 -30.42
CA GLY B 343 1.98 28.91 -29.91
C GLY B 343 2.13 28.07 -28.65
N GLU B 344 1.08 27.35 -28.26
CA GLU B 344 1.10 26.54 -27.03
C GLU B 344 1.77 25.19 -27.24
N VAL B 345 1.73 24.70 -28.47
CA VAL B 345 2.44 23.48 -28.84
C VAL B 345 3.28 23.88 -30.04
N SER B 346 4.58 23.61 -29.97
CA SER B 346 5.49 24.06 -31.03
C SER B 346 5.44 23.11 -32.22
N MET B 347 5.80 23.66 -33.39
CA MET B 347 6.00 22.85 -34.59
C MET B 347 7.12 21.80 -34.43
N GLU B 348 8.16 22.11 -33.65
CA GLU B 348 9.23 21.12 -33.37
C GLU B 348 8.61 19.87 -32.78
N ARG B 349 7.68 20.06 -31.85
CA ARG B 349 7.02 18.98 -31.17
C ARG B 349 6.05 18.21 -32.06
N ILE B 350 5.26 18.94 -32.84
CA ILE B 350 4.38 18.32 -33.84
C ILE B 350 5.23 17.51 -34.85
N ASP B 351 6.27 18.12 -35.41
CA ASP B 351 7.13 17.43 -36.40
C ASP B 351 7.79 16.18 -35.83
N ASP B 352 8.18 16.23 -34.58
CA ASP B 352 8.80 15.08 -33.91
C ASP B 352 7.78 13.95 -33.72
N ALA B 353 6.55 14.27 -33.32
CA ALA B 353 5.51 13.27 -33.18
C ALA B 353 5.22 12.57 -34.52
N VAL B 354 5.06 13.38 -35.56
CA VAL B 354 4.74 12.86 -36.88
C VAL B 354 5.90 12.03 -37.42
N ALA B 355 7.14 12.49 -37.20
CA ALA B 355 8.32 11.72 -37.59
C ALA B 355 8.25 10.32 -37.00
N ARG B 356 7.84 10.22 -35.73
CA ARG B 356 7.76 8.94 -35.04
C ARG B 356 6.64 8.02 -35.57
N VAL B 357 5.52 8.62 -35.95
CA VAL B 357 4.40 7.88 -36.53
C VAL B 357 4.82 7.35 -37.90
N LEU B 358 5.36 8.22 -38.75
CA LEU B 358 5.78 7.84 -40.09
C LEU B 358 6.89 6.77 -40.05
N ARG B 359 7.85 6.94 -39.12
CA ARG B 359 8.98 6.00 -38.95
C ARG B 359 8.46 4.58 -38.67
N LEU B 360 7.46 4.49 -37.81
CA LEU B 360 6.84 3.20 -37.49
C LEU B 360 6.19 2.58 -38.73
N LYS B 361 5.44 3.43 -39.45
CA LYS B 361 4.77 3.02 -40.68
C LYS B 361 5.73 2.55 -41.77
N TYR B 362 6.86 3.24 -41.92
CA TYR B 362 7.90 2.77 -42.85
C TYR B 362 8.55 1.47 -42.38
N ARG B 363 8.73 1.32 -41.07
CA ARG B 363 9.37 0.12 -40.52
C ARG B 363 8.53 -1.11 -40.80
N LEU B 364 7.21 -0.91 -40.81
CA LEU B 364 6.24 -1.96 -41.13
C LEU B 364 5.97 -2.17 -42.63
N GLY B 365 6.67 -1.44 -43.50
CA GLY B 365 6.49 -1.59 -44.95
C GLY B 365 5.15 -1.15 -45.52
N LEU B 366 4.42 -0.32 -44.77
CA LEU B 366 3.01 -0.03 -45.09
C LEU B 366 2.79 0.89 -46.30
N PHE B 367 3.81 1.68 -46.65
CA PHE B 367 3.74 2.53 -47.86
C PHE B 367 3.76 1.67 -49.14
N ASP B 368 4.69 0.73 -49.19
CA ASP B 368 4.75 -0.29 -50.26
C ASP B 368 3.62 -1.32 -50.19
N HIS B 369 3.22 -1.74 -48.98
CA HIS B 369 2.23 -2.82 -48.79
C HIS B 369 1.25 -2.46 -47.69
N PRO B 370 0.26 -1.59 -47.99
CA PRO B 370 -0.70 -1.17 -46.97
C PRO B 370 -1.64 -2.28 -46.53
N TYR B 371 -1.99 -3.16 -47.47
CA TYR B 371 -2.68 -4.43 -47.21
C TYR B 371 -2.10 -5.46 -48.17
N TRP B 372 -2.51 -6.71 -48.05
CA TRP B 372 -1.87 -7.78 -48.82
C TRP B 372 -2.77 -9.01 -48.84
N ASP B 373 -2.55 -9.87 -49.82
CA ASP B 373 -3.21 -11.16 -49.90
C ASP B 373 -2.84 -12.01 -48.68
N ILE B 374 -3.83 -12.66 -48.09
CA ILE B 374 -3.65 -13.49 -46.89
C ILE B 374 -3.66 -15.00 -47.11
N LYS B 375 -3.81 -15.46 -48.36
CA LYS B 375 -3.88 -16.90 -48.68
C LYS B 375 -2.60 -17.60 -48.23
N LYS B 376 -1.46 -16.91 -48.31
CA LYS B 376 -0.13 -17.52 -48.06
C LYS B 376 0.14 -17.82 -46.58
N TYR B 377 -0.69 -17.29 -45.69
CA TYR B 377 -0.53 -17.52 -44.26
C TYR B 377 -1.22 -18.83 -43.90
N ASP B 378 -0.79 -19.93 -44.55
CA ASP B 378 -1.49 -21.22 -44.48
C ASP B 378 -1.13 -22.04 -43.22
N LYS B 379 -0.22 -21.54 -42.38
CA LYS B 379 0.05 -22.18 -41.08
C LYS B 379 -0.88 -21.65 -39.96
N PHE B 380 -1.78 -20.72 -40.31
CA PHE B 380 -2.76 -20.18 -39.36
C PHE B 380 -3.59 -21.31 -38.71
N GLY B 381 -3.60 -21.34 -37.38
CA GLY B 381 -4.37 -22.32 -36.62
C GLY B 381 -3.90 -23.76 -36.76
N SER B 382 -2.65 -23.93 -37.18
CA SER B 382 -2.12 -25.23 -37.56
C SER B 382 -1.80 -26.05 -36.33
N LYS B 383 -1.69 -27.35 -36.57
CA LYS B 383 -1.29 -28.35 -35.59
C LYS B 383 0.13 -28.04 -35.00
N GLU B 384 1.06 -27.63 -35.88
CA GLU B 384 2.45 -27.24 -35.48
C GLU B 384 2.42 -26.12 -34.46
N PHE B 385 1.61 -25.09 -34.72
CA PHE B 385 1.45 -23.95 -33.82
C PHE B 385 0.75 -24.33 -32.51
N ALA B 386 -0.25 -25.20 -32.60
CA ALA B 386 -1.02 -25.67 -31.43
C ALA B 386 -0.19 -26.49 -30.44
N ALA B 387 0.72 -27.31 -30.96
CA ALA B 387 1.70 -28.05 -30.15
C ALA B 387 2.62 -27.12 -29.34
N VAL B 388 2.94 -25.94 -29.88
CA VAL B 388 3.72 -24.96 -29.14
C VAL B 388 2.90 -24.36 -28.00
N ALA B 389 1.63 -24.04 -28.29
CA ALA B 389 0.71 -23.56 -27.26
C ALA B 389 0.45 -24.60 -26.17
N LEU B 390 0.36 -25.87 -26.58
CA LEU B 390 0.20 -26.97 -25.63
C LEU B 390 1.42 -27.07 -24.72
N GLN B 391 2.62 -27.06 -25.31
CA GLN B 391 3.87 -27.04 -24.54
C GLN B 391 3.85 -25.92 -23.50
N ALA B 392 3.52 -24.71 -23.93
CA ALA B 392 3.46 -23.55 -23.04
C ALA B 392 2.53 -23.82 -21.86
N ALA B 393 1.36 -24.35 -22.16
CA ALA B 393 0.36 -24.67 -21.15
C ALA B 393 0.86 -25.73 -20.16
N GLU B 394 1.42 -26.82 -20.68
CA GLU B 394 2.03 -27.86 -19.85
C GLU B 394 3.11 -27.27 -18.93
N GLU B 395 3.99 -26.44 -19.51
CA GLU B 395 5.10 -25.86 -18.79
C GLU B 395 4.73 -24.76 -17.77
N SER B 396 3.52 -24.21 -17.86
CA SER B 396 3.06 -23.16 -16.94
C SER B 396 2.26 -23.63 -15.72
N GLU B 397 1.71 -24.84 -15.75
CA GLU B 397 0.81 -25.29 -14.69
C GLU B 397 1.66 -25.82 -13.56
N VAL B 398 1.48 -25.26 -12.36
CA VAL B 398 2.42 -25.51 -11.26
C VAL B 398 1.87 -26.53 -10.26
N LEU B 399 2.66 -27.57 -9.99
CA LEU B 399 2.35 -28.56 -8.93
C LEU B 399 2.82 -27.99 -7.59
N LEU B 400 1.86 -27.64 -6.73
CA LEU B 400 2.15 -27.00 -5.44
C LEU B 400 2.09 -27.95 -4.25
N LYS B 401 1.40 -29.07 -4.41
CA LYS B 401 1.28 -30.04 -3.32
C LYS B 401 0.97 -31.42 -3.90
N ASN B 402 1.61 -32.46 -3.37
CA ASN B 402 1.37 -33.84 -3.81
C ASN B 402 1.67 -34.84 -2.69
N ASP B 403 0.77 -34.85 -1.71
CA ASP B 403 0.87 -35.66 -0.49
C ASP B 403 0.57 -37.11 -0.86
N GLY B 404 1.40 -38.05 -0.38
CA GLY B 404 1.27 -39.48 -0.70
C GLY B 404 1.50 -39.88 -2.15
N ASN B 405 2.07 -38.95 -2.95
CA ASN B 405 2.16 -39.12 -4.40
C ASN B 405 0.81 -39.60 -4.96
N ILE B 406 -0.26 -38.89 -4.63
CA ILE B 406 -1.55 -39.24 -5.22
C ILE B 406 -1.60 -38.96 -6.73
N LEU B 407 -0.79 -38.01 -7.20
CA LEU B 407 -0.57 -37.78 -8.63
C LEU B 407 0.80 -38.40 -9.04
N PRO B 408 0.89 -38.95 -10.26
CA PRO B 408 -0.21 -39.00 -11.23
C PRO B 408 -1.33 -40.01 -10.87
N ILE B 409 -2.49 -39.81 -11.51
CA ILE B 409 -3.68 -40.66 -11.34
C ILE B 409 -3.69 -41.73 -12.45
N ALA B 410 -3.70 -42.99 -12.03
CA ALA B 410 -3.69 -44.13 -12.96
C ALA B 410 -4.98 -44.23 -13.78
N LYS B 411 -4.85 -44.67 -15.05
CA LYS B 411 -5.99 -44.86 -15.94
C LYS B 411 -6.79 -46.03 -15.36
N GLY B 412 -8.10 -45.85 -15.19
CA GLY B 412 -8.94 -46.81 -14.49
C GLY B 412 -9.60 -46.30 -13.22
N LYS B 413 -8.98 -45.32 -12.55
CA LYS B 413 -9.55 -44.70 -11.32
C LYS B 413 -10.77 -43.83 -11.68
N LYS B 414 -11.83 -43.86 -10.84
CA LYS B 414 -13.06 -43.08 -11.08
C LYS B 414 -12.91 -41.71 -10.42
N ILE B 415 -13.09 -40.65 -11.20
CA ILE B 415 -12.81 -39.30 -10.80
C ILE B 415 -14.12 -38.55 -10.70
N LEU B 416 -14.38 -37.96 -9.53
CA LEU B 416 -15.47 -37.01 -9.37
C LEU B 416 -14.94 -35.61 -9.67
N LEU B 417 -15.41 -35.02 -10.77
CA LEU B 417 -15.02 -33.67 -11.18
C LEU B 417 -16.06 -32.66 -10.72
N THR B 418 -15.57 -31.66 -9.95
CA THR B 418 -16.44 -30.69 -9.26
C THR B 418 -15.89 -29.28 -9.43
N GLY B 419 -16.70 -28.31 -9.04
CA GLY B 419 -16.31 -26.91 -9.00
C GLY B 419 -16.74 -26.13 -10.23
N PRO B 420 -16.74 -24.78 -10.13
CA PRO B 420 -17.28 -23.95 -11.19
C PRO B 420 -16.34 -23.71 -12.37
N ASN B 421 -15.06 -24.04 -12.23
CA ASN B 421 -14.09 -23.87 -13.33
C ASN B 421 -13.86 -25.17 -14.13
N ALA B 422 -14.70 -26.17 -13.89
CA ALA B 422 -14.47 -27.51 -14.43
C ALA B 422 -14.86 -27.71 -15.89
N ASN B 423 -15.73 -26.87 -16.44
CA ASN B 423 -16.25 -27.12 -17.79
C ASN B 423 -16.58 -25.87 -18.59
N SER B 424 -15.56 -25.01 -18.76
CA SER B 424 -15.72 -23.78 -19.53
C SER B 424 -14.36 -23.30 -20.08
N MET B 425 -14.38 -22.80 -21.32
CA MET B 425 -13.19 -22.17 -21.93
C MET B 425 -13.00 -20.71 -21.48
N ARG B 426 -14.09 -20.06 -21.03
CA ARG B 426 -14.07 -18.70 -20.50
C ARG B 426 -13.13 -18.59 -19.27
N CYS B 427 -13.33 -19.49 -18.30
CA CYS B 427 -12.44 -19.69 -17.14
C CYS B 427 -10.98 -19.83 -17.48
N LEU B 428 -10.70 -20.77 -18.39
CA LEU B 428 -9.33 -21.12 -18.78
C LEU B 428 -8.59 -19.95 -19.44
N ASN B 429 -9.33 -19.14 -20.19
CA ASN B 429 -8.74 -18.03 -20.96
C ASN B 429 -8.55 -16.74 -20.15
N GLY B 430 -9.58 -16.37 -19.39
CA GLY B 430 -9.63 -15.06 -18.78
C GLY B 430 -9.94 -14.00 -19.81
N GLY B 431 -9.62 -12.74 -19.47
CA GLY B 431 -9.90 -11.58 -20.34
C GLY B 431 -9.03 -11.60 -21.59
N TRP B 432 -9.24 -10.62 -22.46
CA TRP B 432 -8.52 -10.51 -23.74
C TRP B 432 -8.59 -11.84 -24.50
N SER B 433 -9.80 -12.36 -24.60
CA SER B 433 -10.06 -13.66 -25.22
C SER B 433 -11.44 -13.69 -25.91
N TYR B 434 -11.43 -13.51 -27.24
CA TYR B 434 -12.63 -13.46 -28.08
C TYR B 434 -13.45 -12.17 -27.86
N SER B 435 -13.78 -11.85 -26.60
CA SER B 435 -14.21 -10.49 -26.21
C SER B 435 -13.26 -9.92 -25.16
N TRP B 436 -13.39 -8.63 -24.88
CA TRP B 436 -12.53 -7.93 -23.91
C TRP B 436 -12.61 -8.60 -22.53
N GLN B 437 -13.83 -8.81 -22.04
CA GLN B 437 -14.01 -9.44 -20.73
C GLN B 437 -13.82 -10.95 -20.78
N GLY B 438 -13.80 -11.52 -21.99
CA GLY B 438 -13.71 -12.97 -22.19
C GLY B 438 -15.05 -13.68 -22.09
N HIS B 439 -16.15 -12.93 -21.93
CA HIS B 439 -17.46 -13.52 -21.65
C HIS B 439 -18.05 -14.41 -22.75
N VAL B 440 -17.64 -14.20 -24.00
CA VAL B 440 -18.18 -14.95 -25.14
C VAL B 440 -17.33 -16.18 -25.54
N ALA B 441 -16.31 -16.51 -24.76
CA ALA B 441 -15.33 -17.53 -25.13
C ALA B 441 -15.94 -18.87 -25.49
N ASP B 442 -16.91 -19.33 -24.70
CA ASP B 442 -17.57 -20.58 -24.99
C ASP B 442 -18.37 -20.65 -26.32
N GLU B 443 -18.85 -19.50 -26.83
CA GLU B 443 -19.50 -19.49 -28.17
C GLU B 443 -18.47 -19.79 -29.27
N TYR B 444 -17.26 -19.23 -29.14
CA TYR B 444 -16.22 -19.32 -30.18
C TYR B 444 -15.09 -20.30 -29.93
N ALA B 445 -15.06 -20.98 -28.78
CA ALA B 445 -13.94 -21.88 -28.46
C ALA B 445 -14.38 -23.34 -28.33
N GLN B 446 -15.42 -23.70 -29.10
CA GLN B 446 -16.01 -25.05 -29.09
C GLN B 446 -15.05 -26.16 -29.56
N ALA B 447 -14.15 -25.82 -30.49
CA ALA B 447 -13.11 -26.74 -30.99
C ALA B 447 -12.06 -27.17 -29.94
N TYR B 448 -11.99 -26.47 -28.81
CA TYR B 448 -10.95 -26.72 -27.82
C TYR B 448 -11.57 -27.39 -26.59
N HIS B 449 -10.70 -27.95 -25.75
CA HIS B 449 -11.13 -28.84 -24.65
C HIS B 449 -11.18 -28.14 -23.31
N THR B 450 -12.35 -28.21 -22.66
CA THR B 450 -12.48 -27.77 -21.27
C THR B 450 -11.82 -28.84 -20.38
N ILE B 451 -11.73 -28.55 -19.09
CA ILE B 451 -11.18 -29.53 -18.17
C ILE B 451 -11.96 -30.84 -18.24
N TYR B 452 -13.28 -30.77 -18.20
CA TYR B 452 -14.15 -31.95 -18.30
C TYR B 452 -13.85 -32.74 -19.56
N GLU B 453 -13.87 -32.05 -20.69
CA GLU B 453 -13.67 -32.69 -22.00
C GLU B 453 -12.31 -33.39 -22.10
N ALA B 454 -11.26 -32.74 -21.60
CA ALA B 454 -9.90 -33.28 -21.66
C ALA B 454 -9.74 -34.51 -20.78
N LEU B 455 -10.30 -34.45 -19.58
CA LEU B 455 -10.32 -35.59 -18.68
C LEU B 455 -11.10 -36.76 -19.23
N CYS B 456 -12.17 -36.48 -19.96
CA CYS B 456 -12.92 -37.54 -20.69
C CYS B 456 -12.06 -38.21 -21.76
N GLU B 457 -11.33 -37.40 -22.53
CA GLU B 457 -10.43 -37.93 -23.58
C GLU B 457 -9.32 -38.81 -22.98
N LYS B 458 -8.72 -38.35 -21.87
CA LYS B 458 -7.67 -39.11 -21.18
C LYS B 458 -8.12 -40.38 -20.51
N TYR B 459 -9.19 -40.28 -19.72
CA TYR B 459 -9.62 -41.37 -18.82
C TYR B 459 -10.90 -42.10 -19.27
N GLY B 460 -11.57 -41.62 -20.33
CA GLY B 460 -12.89 -42.13 -20.76
C GLY B 460 -14.01 -41.40 -20.05
N LYS B 461 -15.06 -40.99 -20.78
CA LYS B 461 -16.27 -40.35 -20.19
C LYS B 461 -16.89 -41.21 -19.07
N GLU B 462 -16.82 -42.55 -19.22
CA GLU B 462 -17.34 -43.49 -18.23
C GLU B 462 -16.62 -43.42 -16.87
N ASN B 463 -15.34 -43.03 -16.85
CA ASN B 463 -14.58 -42.86 -15.60
C ASN B 463 -14.62 -41.44 -15.00
N ILE B 464 -15.34 -40.50 -15.62
CA ILE B 464 -15.46 -39.14 -15.10
C ILE B 464 -16.92 -38.90 -14.70
N ILE B 465 -17.15 -38.64 -13.42
CA ILE B 465 -18.45 -38.20 -12.90
C ILE B 465 -18.37 -36.67 -12.72
N TYR B 466 -19.20 -35.92 -13.45
CA TYR B 466 -19.23 -34.46 -13.39
C TYR B 466 -20.46 -33.97 -12.64
N GLU B 467 -20.26 -33.48 -11.42
CA GLU B 467 -21.30 -32.79 -10.63
C GLU B 467 -20.65 -31.54 -10.07
N PRO B 468 -20.93 -30.39 -10.67
CA PRO B 468 -20.14 -29.22 -10.28
C PRO B 468 -20.38 -28.75 -8.83
N GLY B 469 -21.63 -28.82 -8.34
CA GLY B 469 -21.96 -28.30 -7.01
C GLY B 469 -22.13 -26.79 -7.01
N VAL B 470 -21.11 -26.07 -7.49
CA VAL B 470 -21.16 -24.60 -7.64
C VAL B 470 -20.78 -24.26 -9.08
N THR B 471 -21.59 -23.39 -9.71
CA THR B 471 -21.32 -22.89 -11.07
C THR B 471 -21.40 -21.36 -11.12
N TYR B 472 -20.71 -20.75 -12.11
CA TYR B 472 -20.79 -19.30 -12.33
C TYR B 472 -22.11 -18.92 -13.00
N ALA B 473 -22.64 -17.75 -12.64
CA ALA B 473 -23.90 -17.27 -13.19
C ALA B 473 -23.67 -16.85 -14.64
N SER B 474 -24.75 -16.84 -15.42
CA SER B 474 -24.73 -16.31 -16.78
C SER B 474 -24.28 -14.88 -16.79
N TYR B 475 -23.63 -14.48 -17.87
CA TYR B 475 -23.10 -13.14 -17.98
C TYR B 475 -24.22 -12.05 -18.01
N LYS B 476 -24.11 -11.04 -17.14
CA LYS B 476 -24.93 -9.81 -17.18
C LYS B 476 -24.08 -8.71 -16.54
N ASN B 477 -23.75 -7.65 -17.30
CA ASN B 477 -23.09 -6.44 -16.75
C ASN B 477 -21.85 -6.73 -15.93
N ASP B 478 -20.96 -7.53 -16.51
CA ASP B 478 -19.66 -7.82 -15.94
C ASP B 478 -19.73 -8.39 -14.52
N ASN B 479 -20.66 -9.32 -14.32
CA ASN B 479 -20.85 -10.01 -13.03
C ASN B 479 -19.94 -11.22 -12.89
N TRP B 480 -18.67 -11.00 -13.16
CA TRP B 480 -17.66 -12.06 -13.16
C TRP B 480 -17.62 -12.82 -11.82
N TRP B 481 -17.92 -12.10 -10.75
CA TRP B 481 -17.94 -12.63 -9.36
C TRP B 481 -19.17 -13.50 -9.02
N GLU B 482 -20.26 -13.36 -9.78
CA GLU B 482 -21.54 -13.92 -9.38
C GLU B 482 -21.61 -15.40 -9.69
N GLU B 483 -22.12 -16.17 -8.72
CA GLU B 483 -22.32 -17.61 -8.85
C GLU B 483 -23.81 -17.87 -8.71
N ASN B 484 -24.26 -19.03 -9.18
CA ASN B 484 -25.64 -19.49 -8.91
C ASN B 484 -25.72 -20.03 -7.49
N LYS B 485 -26.94 -20.27 -7.01
CA LYS B 485 -27.17 -20.86 -5.69
C LYS B 485 -26.40 -22.19 -5.62
N PRO B 486 -25.61 -22.39 -4.55
CA PRO B 486 -24.88 -23.65 -4.43
C PRO B 486 -25.82 -24.85 -4.23
N GLU B 487 -25.49 -25.97 -4.89
CA GLU B 487 -26.16 -27.27 -4.72
C GLU B 487 -25.08 -28.31 -4.34
N THR B 488 -24.33 -27.98 -3.29
CA THR B 488 -23.29 -28.85 -2.72
C THR B 488 -23.79 -30.26 -2.35
N GLU B 489 -25.08 -30.39 -1.98
CA GLU B 489 -25.72 -31.69 -1.76
C GLU B 489 -25.46 -32.76 -2.86
N LYS B 490 -25.32 -32.34 -4.12
CA LYS B 490 -25.21 -33.28 -5.26
C LYS B 490 -23.85 -34.01 -5.44
N PRO B 491 -22.73 -33.26 -5.49
CA PRO B 491 -21.45 -33.98 -5.60
C PRO B 491 -21.05 -34.79 -4.35
N VAL B 492 -21.46 -34.31 -3.17
CA VAL B 492 -21.27 -35.06 -1.92
C VAL B 492 -21.88 -36.46 -2.06
N ALA B 493 -23.13 -36.53 -2.52
CA ALA B 493 -23.83 -37.82 -2.71
C ALA B 493 -23.14 -38.72 -3.73
N ALA B 494 -22.65 -38.12 -4.81
CA ALA B 494 -21.95 -38.83 -5.88
C ALA B 494 -20.56 -39.33 -5.51
N ALA B 495 -19.96 -38.76 -4.45
CA ALA B 495 -18.60 -39.10 -4.02
C ALA B 495 -18.39 -40.57 -3.68
N ALA B 496 -19.39 -41.21 -3.08
CA ALA B 496 -19.30 -42.64 -2.75
C ALA B 496 -18.92 -43.56 -3.95
N GLN B 497 -19.22 -43.13 -5.17
CA GLN B 497 -18.85 -43.85 -6.40
C GLN B 497 -17.44 -43.52 -6.96
N ALA B 498 -16.68 -42.62 -6.33
CA ALA B 498 -15.38 -42.18 -6.88
C ALA B 498 -14.20 -42.65 -6.03
N ASP B 499 -13.01 -42.67 -6.64
CA ASP B 499 -11.74 -42.91 -5.94
C ASP B 499 -11.07 -41.61 -5.50
N ILE B 500 -11.35 -40.54 -6.22
CA ILE B 500 -10.63 -39.28 -6.04
C ILE B 500 -11.51 -38.15 -6.54
N ILE B 501 -11.37 -36.99 -5.93
CA ILE B 501 -12.18 -35.82 -6.23
C ILE B 501 -11.21 -34.77 -6.72
N ILE B 502 -11.54 -34.13 -7.84
CA ILE B 502 -10.79 -33.00 -8.35
C ILE B 502 -11.77 -31.86 -8.30
N THR B 503 -11.36 -30.75 -7.70
CA THR B 503 -12.24 -29.60 -7.50
C THR B 503 -11.62 -28.37 -8.14
N CYS B 504 -12.30 -27.78 -9.14
CA CYS B 504 -11.74 -26.69 -9.95
C CYS B 504 -12.35 -25.38 -9.52
N ILE B 505 -11.50 -24.50 -8.97
CA ILE B 505 -11.93 -23.31 -8.27
C ILE B 505 -11.10 -22.11 -8.68
N GLY B 506 -11.59 -20.93 -8.33
CA GLY B 506 -10.85 -19.66 -8.51
C GLY B 506 -11.80 -18.56 -8.94
N GLU B 507 -11.59 -18.04 -10.15
CA GLU B 507 -12.36 -16.94 -10.72
C GLU B 507 -12.89 -17.25 -12.14
N ASN B 508 -13.96 -16.55 -12.49
CA ASN B 508 -14.42 -16.44 -13.89
C ASN B 508 -13.68 -15.26 -14.59
N SER B 509 -13.87 -15.10 -15.90
CA SER B 509 -13.08 -14.10 -16.64
C SER B 509 -13.54 -12.66 -16.38
N TYR B 510 -12.57 -11.76 -16.42
CA TYR B 510 -12.78 -10.31 -16.30
C TYR B 510 -11.59 -9.61 -16.95
N CYS B 511 -11.68 -8.30 -17.11
CA CYS B 511 -10.58 -7.52 -17.65
C CYS B 511 -10.65 -6.11 -17.14
N GLU B 512 -9.51 -5.57 -16.72
CA GLU B 512 -9.41 -4.18 -16.24
C GLU B 512 -10.40 -3.81 -15.10
N THR B 513 -10.91 -2.59 -15.11
CA THR B 513 -11.60 -2.03 -13.98
C THR B 513 -12.84 -2.82 -13.56
N PRO B 514 -13.60 -3.37 -14.52
CA PRO B 514 -14.75 -4.18 -14.06
C PRO B 514 -14.35 -5.39 -13.19
N GLY B 515 -13.12 -5.88 -13.33
CA GLY B 515 -12.58 -6.95 -12.49
C GLY B 515 -12.10 -6.59 -11.09
N ASN B 516 -12.16 -5.31 -10.70
CA ASN B 516 -11.87 -4.90 -9.32
C ASN B 516 -12.58 -5.79 -8.31
N LEU B 517 -11.89 -6.16 -7.25
CA LEU B 517 -12.50 -6.94 -6.18
C LEU B 517 -12.61 -6.11 -4.89
N THR B 518 -13.43 -6.61 -3.97
CA THR B 518 -13.57 -6.05 -2.61
C THR B 518 -13.08 -6.97 -1.50
N ASP B 519 -12.62 -8.18 -1.86
CA ASP B 519 -12.24 -9.18 -0.88
C ASP B 519 -11.43 -10.24 -1.65
N LEU B 520 -10.13 -10.33 -1.35
CA LEU B 520 -9.26 -11.32 -2.01
C LEU B 520 -9.56 -12.79 -1.63
N THR B 521 -10.31 -13.00 -0.53
CA THR B 521 -10.68 -14.36 -0.09
C THR B 521 -11.44 -15.06 -1.21
N LEU B 522 -11.11 -16.32 -1.47
CA LEU B 522 -11.91 -17.17 -2.37
C LEU B 522 -13.36 -17.15 -1.91
N SER B 523 -14.25 -17.20 -2.89
CA SER B 523 -15.68 -17.22 -2.68
C SER B 523 -16.08 -18.18 -1.57
N GLU B 524 -16.98 -17.74 -0.72
CA GLU B 524 -17.45 -18.55 0.40
C GLU B 524 -18.09 -19.88 -0.08
N ASN B 525 -18.92 -19.81 -1.12
CA ASN B 525 -19.58 -21.02 -1.66
C ASN B 525 -18.54 -22.02 -2.18
N GLN B 526 -17.48 -21.53 -2.83
CA GLN B 526 -16.42 -22.40 -3.32
C GLN B 526 -15.65 -23.06 -2.17
N ARG B 527 -15.39 -22.31 -1.11
CA ARG B 527 -14.75 -22.87 0.08
C ARG B 527 -15.63 -23.90 0.77
N ASN B 528 -16.93 -23.61 0.89
CA ASN B 528 -17.87 -24.60 1.50
C ASN B 528 -18.02 -25.87 0.67
N LEU B 529 -17.91 -25.75 -0.66
CA LEU B 529 -17.91 -26.92 -1.54
C LEU B 529 -16.74 -27.83 -1.19
N VAL B 530 -15.55 -27.26 -1.09
CA VAL B 530 -14.36 -28.04 -0.77
C VAL B 530 -14.49 -28.67 0.61
N LYS B 531 -15.06 -27.95 1.57
CA LYS B 531 -15.25 -28.48 2.93
C LYS B 531 -16.26 -29.61 2.98
N ALA B 532 -17.37 -29.45 2.26
CA ALA B 532 -18.39 -30.50 2.23
C ALA B 532 -17.84 -31.80 1.61
N LEU B 533 -17.03 -31.66 0.56
CA LEU B 533 -16.40 -32.81 -0.09
C LEU B 533 -15.30 -33.46 0.76
N ALA B 534 -14.51 -32.65 1.47
CA ALA B 534 -13.47 -33.16 2.40
C ALA B 534 -14.04 -34.15 3.40
N ALA B 535 -15.23 -33.82 3.92
CA ALA B 535 -15.93 -34.64 4.91
C ALA B 535 -16.47 -36.00 4.40
N THR B 536 -16.43 -36.25 3.10
CA THR B 536 -16.70 -37.59 2.56
C THR B 536 -15.54 -38.57 2.83
N GLY B 537 -14.36 -38.07 3.18
CA GLY B 537 -13.19 -38.91 3.42
C GLY B 537 -12.39 -39.25 2.18
N LYS B 538 -12.91 -38.89 1.00
CA LYS B 538 -12.19 -39.09 -0.27
C LYS B 538 -11.09 -38.05 -0.46
N PRO B 539 -9.97 -38.46 -1.10
CA PRO B 539 -8.92 -37.48 -1.32
C PRO B 539 -9.34 -36.42 -2.36
N ILE B 540 -8.83 -35.21 -2.19
CA ILE B 540 -9.21 -34.05 -2.97
C ILE B 540 -8.00 -33.44 -3.63
N VAL B 541 -8.11 -33.16 -4.92
CA VAL B 541 -7.09 -32.44 -5.70
C VAL B 541 -7.67 -31.08 -6.08
N LEU B 542 -7.07 -29.99 -5.60
CA LEU B 542 -7.53 -28.65 -5.97
C LEU B 542 -6.86 -28.20 -7.27
N VAL B 543 -7.67 -27.68 -8.19
CA VAL B 543 -7.17 -27.05 -9.40
C VAL B 543 -7.53 -25.57 -9.32
N LEU B 544 -6.52 -24.72 -9.28
CA LEU B 544 -6.71 -23.28 -9.16
C LEU B 544 -6.62 -22.63 -10.54
N ASN B 545 -7.73 -22.00 -10.97
CA ASN B 545 -7.88 -21.39 -12.26
C ASN B 545 -8.46 -19.99 -12.04
N GLN B 546 -7.60 -18.98 -12.20
CA GLN B 546 -7.87 -17.64 -11.70
C GLN B 546 -6.80 -16.67 -12.20
N GLY B 547 -7.19 -15.40 -12.33
CA GLY B 547 -6.26 -14.31 -12.65
C GLY B 547 -5.54 -13.69 -11.44
N ARG B 548 -6.03 -13.94 -10.22
CA ARG B 548 -5.38 -13.54 -8.98
C ARG B 548 -5.37 -14.68 -7.97
N PRO B 549 -4.37 -14.70 -7.07
CA PRO B 549 -4.28 -15.81 -6.11
C PRO B 549 -5.25 -15.64 -4.96
N ARG B 550 -6.43 -16.22 -5.11
CA ARG B 550 -7.46 -16.09 -4.11
C ARG B 550 -7.07 -16.80 -2.81
N ILE B 551 -7.43 -16.20 -1.68
CA ILE B 551 -6.95 -16.68 -0.37
C ILE B 551 -7.69 -17.98 -0.03
N ILE B 552 -6.92 -19.03 0.23
CA ILE B 552 -7.46 -20.39 0.38
C ILE B 552 -6.84 -21.14 1.55
N ASN B 553 -6.39 -20.39 2.57
CA ASN B 553 -5.71 -20.96 3.75
C ASN B 553 -6.52 -22.01 4.51
N ASP B 554 -7.85 -21.89 4.49
CA ASP B 554 -8.74 -22.83 5.19
C ASP B 554 -9.02 -24.13 4.42
N ILE B 555 -8.70 -24.18 3.13
CA ILE B 555 -8.97 -25.39 2.33
C ILE B 555 -7.72 -26.13 1.84
N VAL B 556 -6.55 -25.49 1.82
CA VAL B 556 -5.30 -26.19 1.45
C VAL B 556 -4.98 -27.38 2.38
N PRO B 557 -5.21 -27.24 3.71
CA PRO B 557 -5.00 -28.40 4.58
C PRO B 557 -5.90 -29.60 4.29
N LEU B 558 -7.05 -29.38 3.66
CA LEU B 558 -8.02 -30.46 3.35
C LEU B 558 -7.73 -31.21 2.05
N ALA B 559 -6.74 -30.75 1.28
CA ALA B 559 -6.47 -31.24 -0.07
C ALA B 559 -5.19 -32.09 -0.07
N LYS B 560 -5.25 -33.27 -0.68
CA LYS B 560 -4.04 -34.10 -0.87
C LYS B 560 -3.09 -33.48 -1.90
N ALA B 561 -3.65 -32.81 -2.91
CA ALA B 561 -2.83 -32.17 -3.95
C ALA B 561 -3.45 -30.88 -4.41
N VAL B 562 -2.59 -30.01 -4.95
CA VAL B 562 -3.00 -28.71 -5.44
C VAL B 562 -2.21 -28.43 -6.73
N VAL B 563 -2.93 -28.09 -7.80
CA VAL B 563 -2.33 -27.69 -9.07
C VAL B 563 -2.81 -26.30 -9.41
N ASN B 564 -1.88 -25.37 -9.64
CA ASN B 564 -2.21 -24.00 -10.01
C ASN B 564 -2.03 -23.84 -11.51
N ILE B 565 -3.16 -23.72 -12.22
CA ILE B 565 -3.12 -23.55 -13.68
C ILE B 565 -3.20 -22.09 -14.15
N MET B 566 -3.53 -21.18 -13.24
CA MET B 566 -3.62 -19.75 -13.53
C MET B 566 -4.58 -19.55 -14.71
N LEU B 567 -4.15 -18.98 -15.83
CA LEU B 567 -5.03 -18.79 -17.02
C LEU B 567 -4.36 -19.42 -18.26
N PRO B 568 -4.45 -20.76 -18.37
CA PRO B 568 -3.68 -21.49 -19.36
C PRO B 568 -4.30 -21.51 -20.76
N SER B 569 -5.49 -20.97 -20.91
CA SER B 569 -6.12 -20.77 -22.22
C SER B 569 -6.47 -22.11 -22.91
N ASN B 570 -6.50 -22.13 -24.24
CA ASN B 570 -7.24 -23.15 -24.97
C ASN B 570 -6.67 -24.53 -24.91
N TYR B 571 -5.37 -24.64 -24.63
CA TYR B 571 -4.73 -25.95 -24.44
C TYR B 571 -4.45 -26.28 -22.95
N GLY B 572 -5.07 -25.53 -22.05
CA GLY B 572 -4.86 -25.69 -20.60
C GLY B 572 -5.56 -26.88 -19.98
N GLY B 573 -6.72 -27.23 -20.54
CA GLY B 573 -7.45 -28.42 -20.16
C GLY B 573 -6.72 -29.68 -20.61
N ASP B 574 -6.24 -29.68 -21.85
CA ASP B 574 -5.44 -30.79 -22.38
C ASP B 574 -4.15 -30.93 -21.57
N ALA B 575 -3.47 -29.81 -21.30
CA ALA B 575 -2.23 -29.84 -20.53
C ALA B 575 -2.45 -30.46 -19.17
N LEU B 576 -3.53 -30.05 -18.50
CA LEU B 576 -3.85 -30.55 -17.17
C LEU B 576 -4.04 -32.06 -17.18
N ALA B 577 -4.86 -32.55 -18.10
CA ALA B 577 -5.08 -34.00 -18.25
C ALA B 577 -3.78 -34.78 -18.52
N ASN B 578 -2.93 -34.24 -19.39
CA ASN B 578 -1.63 -34.84 -19.70
C ASN B 578 -0.74 -34.88 -18.45
N LEU B 579 -0.74 -33.79 -17.67
CA LEU B 579 0.03 -33.71 -16.42
C LEU B 579 -0.51 -34.65 -15.34
N LEU B 580 -1.82 -34.60 -15.11
CA LEU B 580 -2.46 -35.50 -14.14
C LEU B 580 -2.22 -37.00 -14.42
N ALA B 581 -2.13 -37.40 -15.69
CA ALA B 581 -1.86 -38.80 -16.04
C ALA B 581 -0.38 -39.16 -16.16
N GLY B 582 0.51 -38.19 -16.06
CA GLY B 582 1.95 -38.49 -16.17
C GLY B 582 2.48 -38.60 -17.59
N ASP B 583 1.67 -38.27 -18.59
CA ASP B 583 2.12 -38.26 -19.99
C ASP B 583 2.97 -37.03 -20.27
N ALA B 584 2.79 -35.98 -19.47
CA ALA B 584 3.76 -34.91 -19.32
C ALA B 584 4.16 -34.83 -17.86
N ASN B 585 5.33 -34.27 -17.60
CA ASN B 585 5.82 -34.07 -16.27
C ASN B 585 5.79 -32.59 -15.95
N PHE B 586 5.39 -32.22 -14.74
CA PHE B 586 5.38 -30.83 -14.28
C PHE B 586 6.77 -30.19 -14.35
N SER B 587 6.81 -28.91 -14.72
CA SER B 587 8.04 -28.09 -14.72
C SER B 587 7.85 -26.61 -14.27
N GLY B 588 6.61 -26.12 -14.29
CA GLY B 588 6.32 -24.74 -13.90
C GLY B 588 6.68 -24.39 -12.47
N LYS B 589 7.09 -23.14 -12.26
CA LYS B 589 7.38 -22.61 -10.94
C LYS B 589 6.69 -21.28 -10.73
N MET B 590 6.31 -21.00 -9.48
CA MET B 590 5.57 -19.78 -9.15
C MET B 590 6.34 -18.52 -9.56
N PRO B 591 5.72 -17.66 -10.38
CA PRO B 591 6.29 -16.38 -10.77
C PRO B 591 5.82 -15.23 -9.89
N PHE B 592 5.07 -15.57 -8.84
CA PHE B 592 4.66 -14.62 -7.78
C PHE B 592 4.51 -15.35 -6.45
N THR B 593 4.41 -14.57 -5.38
CA THR B 593 4.21 -15.08 -4.05
C THR B 593 2.71 -15.31 -3.81
N TYR B 594 2.32 -16.54 -3.49
CA TYR B 594 0.92 -16.86 -3.20
C TYR B 594 0.64 -16.58 -1.71
N PRO B 595 -0.16 -15.53 -1.41
CA PRO B 595 -0.38 -15.20 0.01
C PRO B 595 -1.30 -16.18 0.74
N ARG B 596 -1.07 -16.32 2.04
CA ARG B 596 -1.87 -17.19 2.89
C ARG B 596 -2.91 -16.43 3.70
N LEU B 597 -2.57 -15.23 4.16
CA LEU B 597 -3.42 -14.43 5.05
C LEU B 597 -3.64 -13.05 4.43
N ILE B 598 -4.88 -12.57 4.52
CA ILE B 598 -5.35 -11.42 3.74
C ILE B 598 -4.62 -10.10 4.08
N ASN B 599 -4.19 -9.94 5.32
CA ASN B 599 -3.34 -8.80 5.69
C ASN B 599 -1.90 -9.20 6.04
N ALA B 600 -1.38 -10.19 5.32
CA ALA B 600 0.05 -10.58 5.32
C ALA B 600 0.57 -10.78 3.90
N LEU B 601 0.28 -9.79 3.04
CA LEU B 601 0.70 -9.81 1.66
C LEU B 601 2.17 -9.39 1.59
N ALA B 602 2.92 -10.03 0.71
CA ALA B 602 4.36 -9.82 0.58
C ALA B 602 4.84 -10.34 -0.77
N THR B 603 5.98 -9.84 -1.21
CA THR B 603 6.64 -10.33 -2.41
C THR B 603 7.90 -11.05 -1.98
N TYR B 604 8.54 -11.79 -2.87
CA TYR B 604 9.65 -12.69 -2.48
C TYR B 604 10.92 -11.93 -2.05
N ASP B 605 11.02 -10.69 -2.53
CA ASP B 605 12.20 -9.81 -2.40
C ASP B 605 12.03 -8.80 -1.27
N TYR B 606 11.27 -9.20 -0.24
CA TYR B 606 11.03 -8.39 0.95
C TYR B 606 12.31 -7.92 1.64
N LYS B 607 12.19 -6.82 2.36
CA LYS B 607 13.28 -6.28 3.17
C LYS B 607 13.37 -7.09 4.46
N PRO B 608 14.59 -7.18 5.04
CA PRO B 608 14.74 -8.09 6.20
C PRO B 608 13.99 -7.63 7.46
N CYS B 609 13.66 -6.34 7.57
CA CYS B 609 12.71 -5.90 8.62
C CYS B 609 11.34 -6.58 8.52
N GLU B 610 10.97 -7.09 7.34
CA GLU B 610 9.70 -7.78 7.15
C GLU B 610 9.73 -9.23 7.66
N ASN B 611 10.90 -9.75 8.05
CA ASN B 611 11.01 -11.11 8.60
C ASN B 611 11.93 -11.20 9.83
N MET B 612 11.68 -10.38 10.85
CA MET B 612 12.61 -10.21 12.01
C MET B 612 12.24 -11.13 13.18
N MET B 625 7.19 -14.44 8.49
CA MET B 625 6.97 -14.42 7.02
C MET B 625 6.20 -15.64 6.53
N ASP B 626 4.88 -15.50 6.59
CA ASP B 626 3.95 -16.59 6.57
C ASP B 626 3.10 -16.50 5.28
N ILE B 627 3.53 -17.21 4.25
CA ILE B 627 2.84 -17.21 2.95
C ILE B 627 2.43 -18.64 2.56
N GLN B 628 1.65 -18.77 1.49
CA GLN B 628 1.12 -20.07 1.10
C GLN B 628 2.17 -20.86 0.32
N TRP B 629 2.67 -20.28 -0.78
CA TRP B 629 3.75 -20.87 -1.60
C TRP B 629 4.65 -19.74 -2.11
N PRO B 630 5.97 -19.94 -2.11
CA PRO B 630 6.83 -18.84 -2.48
C PRO B 630 7.15 -18.77 -3.96
N PHE B 631 7.61 -17.59 -4.40
CA PHE B 631 8.21 -17.39 -5.74
C PHE B 631 9.25 -18.49 -5.98
N GLY B 632 9.23 -19.08 -7.17
CA GLY B 632 10.23 -20.11 -7.55
C GLY B 632 9.96 -21.54 -7.08
N PHE B 633 8.84 -21.75 -6.37
CA PHE B 633 8.44 -23.07 -5.91
C PHE B 633 7.64 -23.79 -6.98
N GLY B 634 7.87 -25.09 -7.07
CA GLY B 634 7.17 -25.95 -8.00
C GLY B 634 7.68 -27.36 -7.83
N LEU B 635 6.76 -28.32 -7.77
CA LEU B 635 7.12 -29.73 -7.65
C LEU B 635 7.12 -30.41 -9.02
N SER B 636 7.57 -31.65 -9.07
CA SER B 636 7.39 -32.51 -10.23
C SER B 636 7.28 -33.97 -9.80
N TYR B 637 7.16 -34.87 -10.79
CA TYR B 637 7.14 -36.33 -10.58
C TYR B 637 8.54 -36.96 -10.51
N THR B 638 9.59 -36.13 -10.52
CA THR B 638 10.96 -36.54 -10.29
C THR B 638 11.64 -35.54 -9.35
N ASN B 639 12.92 -35.76 -9.10
CA ASN B 639 13.71 -34.89 -8.24
C ASN B 639 14.98 -34.51 -8.95
N TYR B 640 15.56 -33.39 -8.51
CA TYR B 640 16.79 -32.87 -9.05
C TYR B 640 17.79 -32.58 -7.94
N LYS B 641 19.04 -32.99 -8.14
CA LYS B 641 20.16 -32.59 -7.29
C LYS B 641 21.01 -31.53 -8.00
N TYR B 642 21.30 -30.46 -7.26
CA TYR B 642 22.22 -29.41 -7.70
C TYR B 642 23.55 -29.66 -6.95
N SER B 643 24.67 -29.53 -7.67
CA SER B 643 26.02 -29.68 -7.07
C SER B 643 27.05 -28.84 -7.82
N ASN B 644 28.22 -28.63 -7.21
CA ASN B 644 29.36 -28.02 -7.91
C ASN B 644 29.07 -26.56 -8.39
N LEU B 645 28.32 -25.78 -7.62
CA LEU B 645 28.15 -24.37 -7.96
C LEU B 645 29.51 -23.65 -7.89
N LYS B 646 29.98 -23.14 -9.03
CA LYS B 646 31.29 -22.46 -9.15
C LYS B 646 31.11 -21.12 -9.89
N VAL B 647 32.05 -20.21 -9.74
CA VAL B 647 32.11 -18.98 -10.56
C VAL B 647 33.56 -18.76 -11.02
N ASN B 648 33.74 -18.16 -12.19
CA ASN B 648 35.10 -17.89 -12.71
C ASN B 648 35.84 -16.82 -11.89
N LYS B 649 35.11 -15.79 -11.42
CA LYS B 649 35.70 -14.67 -10.66
C LYS B 649 34.96 -14.46 -9.33
N PRO B 650 35.40 -15.14 -8.26
CA PRO B 650 34.80 -14.95 -6.91
C PRO B 650 35.05 -13.55 -6.31
N THR B 651 36.14 -12.90 -6.71
CA THR B 651 36.38 -11.49 -6.43
C THR B 651 36.22 -10.68 -7.73
N PHE B 652 35.32 -9.70 -7.72
CA PHE B 652 34.89 -9.04 -8.96
C PHE B 652 34.64 -7.55 -8.81
N ASN B 653 34.48 -6.88 -9.96
CA ASN B 653 34.01 -5.48 -10.01
C ASN B 653 32.91 -5.35 -11.02
N ALA B 654 32.36 -4.14 -11.12
CA ALA B 654 31.25 -3.82 -12.04
C ALA B 654 31.40 -4.32 -13.49
N ASP B 655 32.60 -4.20 -14.05
CA ASP B 655 32.87 -4.47 -15.46
C ASP B 655 33.19 -5.93 -15.78
N ASP B 656 33.31 -6.78 -14.76
CA ASP B 656 33.63 -8.19 -14.98
C ASP B 656 32.42 -8.92 -15.53
N GLU B 657 32.67 -9.95 -16.34
CA GLU B 657 31.66 -10.96 -16.66
C GLU B 657 31.85 -12.13 -15.69
N LEU B 658 30.82 -12.39 -14.89
CA LEU B 658 30.78 -13.55 -14.01
C LEU B 658 30.14 -14.70 -14.75
N ILE B 659 30.76 -15.88 -14.70
CA ILE B 659 30.25 -17.05 -15.38
C ILE B 659 30.04 -18.08 -14.30
N PHE B 660 28.78 -18.37 -13.99
CA PHE B 660 28.44 -19.38 -13.01
C PHE B 660 28.14 -20.71 -13.74
N THR B 661 28.59 -21.82 -13.16
CA THR B 661 28.21 -23.14 -13.63
C THR B 661 27.67 -23.94 -12.46
N VAL B 662 26.75 -24.85 -12.76
CA VAL B 662 26.22 -25.77 -11.76
C VAL B 662 25.81 -27.06 -12.45
N ASP B 663 26.04 -28.19 -11.79
CA ASP B 663 25.63 -29.50 -12.33
C ASP B 663 24.24 -29.82 -11.79
N VAL B 664 23.32 -30.18 -12.67
CA VAL B 664 21.96 -30.54 -12.28
C VAL B 664 21.67 -31.94 -12.79
N THR B 665 21.29 -32.82 -11.88
CA THR B 665 21.07 -34.22 -12.16
C THR B 665 19.62 -34.55 -11.88
N ASN B 666 19.00 -35.29 -12.79
CA ASN B 666 17.65 -35.84 -12.57
C ASN B 666 17.81 -37.17 -11.85
N THR B 667 17.45 -37.21 -10.56
CA THR B 667 17.67 -38.39 -9.69
C THR B 667 16.45 -39.31 -9.51
N GLY B 668 15.33 -38.97 -10.12
CA GLY B 668 14.13 -39.82 -10.06
C GLY B 668 14.04 -40.76 -11.23
N LYS B 669 12.81 -41.19 -11.53
CA LYS B 669 12.57 -42.29 -12.47
C LYS B 669 11.94 -41.85 -13.80
N VAL B 670 11.53 -40.58 -13.94
CA VAL B 670 10.99 -40.06 -15.19
C VAL B 670 11.67 -38.78 -15.66
N ALA B 671 11.66 -38.55 -16.96
CA ALA B 671 12.23 -37.35 -17.58
C ALA B 671 11.45 -36.10 -17.19
N GLY B 672 12.14 -34.96 -17.17
CA GLY B 672 11.48 -33.68 -16.94
C GLY B 672 12.39 -32.52 -17.23
N LYS B 673 11.83 -31.34 -17.09
CA LYS B 673 12.55 -30.11 -17.38
C LYS B 673 12.68 -29.38 -16.05
N GLU B 674 13.86 -28.83 -15.77
CA GLU B 674 14.09 -28.12 -14.53
C GLU B 674 14.45 -26.69 -14.83
N SER B 675 13.70 -25.77 -14.25
CA SER B 675 14.00 -24.35 -14.37
C SER B 675 15.03 -24.01 -13.29
N VAL B 676 16.23 -23.64 -13.72
CA VAL B 676 17.34 -23.43 -12.81
C VAL B 676 17.41 -21.93 -12.50
N LEU B 677 17.13 -21.55 -11.25
CA LEU B 677 17.09 -20.12 -10.86
C LEU B 677 18.35 -19.68 -10.11
N LEU B 678 18.92 -18.54 -10.50
CA LEU B 678 20.11 -17.99 -9.87
C LEU B 678 19.74 -16.73 -9.08
N PHE B 679 19.89 -16.77 -7.76
CA PHE B 679 19.55 -15.68 -6.88
C PHE B 679 20.82 -15.06 -6.31
N SER B 680 20.73 -13.78 -5.94
CA SER B 680 21.79 -13.09 -5.20
C SER B 680 21.26 -12.45 -3.92
N LYS B 681 22.19 -12.18 -3.02
CA LYS B 681 21.91 -11.56 -1.73
C LYS B 681 23.08 -10.67 -1.37
N ASP B 682 22.81 -9.38 -1.17
CA ASP B 682 23.84 -8.42 -0.75
C ASP B 682 23.79 -8.33 0.79
N LEU B 683 24.85 -8.74 1.47
CA LEU B 683 24.78 -8.93 2.94
C LEU B 683 24.68 -7.61 3.73
N VAL B 684 25.34 -6.56 3.24
CA VAL B 684 25.35 -5.25 3.88
C VAL B 684 25.29 -4.19 2.78
N ALA B 685 24.41 -3.19 2.91
CA ALA B 685 24.29 -2.14 1.88
C ALA B 685 23.77 -0.82 2.42
N SER B 686 24.12 0.28 1.77
CA SER B 686 23.71 1.61 2.23
C SER B 686 22.19 1.86 2.15
N SER B 687 21.48 1.14 1.28
CA SER B 687 20.02 0.96 1.37
C SER B 687 19.79 -0.44 1.90
N THR B 688 18.75 -0.64 2.71
CA THR B 688 18.48 -1.97 3.26
C THR B 688 18.21 -2.93 2.09
N PRO B 689 19.01 -4.00 1.96
CA PRO B 689 18.96 -4.86 0.80
C PRO B 689 17.73 -5.76 0.73
N ASP B 690 17.23 -6.00 -0.48
CA ASP B 690 16.28 -7.10 -0.71
C ASP B 690 16.84 -8.41 -0.13
N ASN B 691 16.03 -9.18 0.59
CA ASN B 691 16.54 -10.41 1.25
C ASN B 691 17.13 -11.41 0.23
N ILE B 692 16.58 -11.41 -0.98
CA ILE B 692 17.02 -12.28 -2.05
C ILE B 692 16.52 -11.64 -3.37
N ARG B 693 17.27 -11.81 -4.46
CA ARG B 693 16.86 -11.32 -5.79
C ARG B 693 17.26 -12.29 -6.92
N LEU B 694 16.30 -12.59 -7.79
CA LEU B 694 16.56 -13.36 -9.00
C LEU B 694 17.42 -12.54 -9.94
N ARG B 695 18.47 -13.17 -10.47
CA ARG B 695 19.40 -12.52 -11.41
C ARG B 695 19.59 -13.20 -12.75
N ASN B 696 19.33 -14.51 -12.81
CA ASN B 696 19.29 -15.21 -14.08
C ASN B 696 18.50 -16.51 -13.91
N PHE B 697 18.14 -17.11 -15.04
CA PHE B 697 17.57 -18.45 -15.07
C PHE B 697 17.78 -19.09 -16.42
N GLU B 698 17.65 -20.41 -16.44
CA GLU B 698 17.82 -21.20 -17.65
C GLU B 698 17.09 -22.53 -17.43
N LYS B 699 16.38 -23.01 -18.43
CA LYS B 699 15.59 -24.25 -18.33
C LYS B 699 16.27 -25.34 -19.13
N VAL B 700 16.36 -26.52 -18.53
CA VAL B 700 17.14 -27.62 -19.10
C VAL B 700 16.33 -28.93 -19.04
N SER B 701 16.38 -29.73 -20.13
CA SER B 701 15.76 -31.08 -20.17
C SER B 701 16.74 -32.13 -19.66
N LEU B 702 16.24 -33.05 -18.86
CA LEU B 702 17.07 -34.10 -18.28
C LEU B 702 16.33 -35.43 -18.26
N GLU B 703 16.98 -36.46 -18.80
CA GLU B 703 16.48 -37.84 -18.68
C GLU B 703 16.80 -38.41 -17.28
N PRO B 704 16.09 -39.48 -16.87
CA PRO B 704 16.36 -40.09 -15.58
C PRO B 704 17.84 -40.49 -15.46
N GLY B 705 18.50 -40.03 -14.40
CA GLY B 705 19.92 -40.31 -14.18
C GLY B 705 20.89 -39.38 -14.90
N GLU B 706 20.39 -38.45 -15.71
CA GLU B 706 21.27 -37.60 -16.51
C GLU B 706 21.69 -36.36 -15.72
N THR B 707 22.97 -36.02 -15.83
CA THR B 707 23.53 -34.75 -15.36
C THR B 707 23.86 -33.82 -16.56
N LYS B 708 23.62 -32.51 -16.40
CA LYS B 708 24.11 -31.48 -17.32
C LYS B 708 24.70 -30.31 -16.54
N THR B 709 25.78 -29.73 -17.08
CA THR B 709 26.36 -28.50 -16.56
C THR B 709 25.63 -27.30 -17.16
N VAL B 710 24.95 -26.52 -16.30
CA VAL B 710 24.19 -25.36 -16.73
C VAL B 710 25.04 -24.13 -16.49
N THR B 711 25.25 -23.34 -17.54
CA THR B 711 26.00 -22.08 -17.47
C THR B 711 25.05 -20.86 -17.40
N LEU B 712 25.29 -19.98 -16.42
CA LEU B 712 24.51 -18.72 -16.28
C LEU B 712 25.48 -17.57 -16.08
N LYS B 713 25.33 -16.53 -16.89
CA LYS B 713 26.23 -15.36 -16.90
C LYS B 713 25.59 -14.09 -16.31
N LEU B 714 26.39 -13.29 -15.62
CA LEU B 714 26.01 -11.96 -15.12
C LEU B 714 27.15 -10.97 -15.38
N LYS B 715 26.82 -9.69 -15.46
CA LYS B 715 27.83 -8.65 -15.34
C LYS B 715 27.97 -8.38 -13.85
N GLY B 716 29.11 -7.86 -13.41
CA GLY B 716 29.24 -7.46 -12.01
C GLY B 716 28.16 -6.46 -11.61
N SER B 717 27.89 -5.53 -12.52
CA SER B 717 26.89 -4.49 -12.34
C SER B 717 25.45 -4.98 -12.15
N ASP B 718 25.16 -6.24 -12.43
CA ASP B 718 23.82 -6.78 -12.17
C ASP B 718 23.52 -6.88 -10.69
N LEU B 719 24.55 -6.85 -9.86
CA LEU B 719 24.38 -6.83 -8.39
C LEU B 719 24.31 -5.42 -7.78
N ALA B 720 24.33 -4.41 -8.65
CA ALA B 720 24.09 -3.03 -8.24
C ALA B 720 22.64 -2.86 -7.80
N PHE B 721 22.39 -1.78 -7.06
CA PHE B 721 21.04 -1.38 -6.66
C PHE B 721 20.94 0.12 -6.78
N VAL B 722 19.71 0.62 -6.84
CA VAL B 722 19.47 2.06 -6.86
C VAL B 722 19.42 2.56 -5.41
N GLY B 723 20.35 3.46 -5.08
CA GLY B 723 20.47 4.00 -3.74
C GLY B 723 19.40 5.03 -3.45
N TYR B 724 19.48 5.60 -2.25
CA TYR B 724 18.48 6.58 -1.77
C TYR B 724 18.42 7.80 -2.70
N ASP B 725 19.59 8.29 -3.14
CA ASP B 725 19.67 9.45 -4.03
C ASP B 725 19.23 9.22 -5.52
N GLY B 726 18.79 8.02 -5.87
CA GLY B 726 18.33 7.69 -7.22
C GLY B 726 19.40 7.12 -8.14
N LYS B 727 20.64 7.05 -7.70
CA LYS B 727 21.75 6.56 -8.52
C LYS B 727 22.01 5.09 -8.31
N TRP B 728 22.39 4.40 -9.38
CA TRP B 728 22.85 3.01 -9.30
C TRP B 728 24.19 2.93 -8.58
N ARG B 729 24.35 1.94 -7.71
CA ARG B 729 25.64 1.69 -7.08
C ARG B 729 25.86 0.22 -6.85
N LEU B 730 27.09 -0.22 -7.11
CA LEU B 730 27.58 -1.54 -6.73
C LEU B 730 28.62 -1.29 -5.64
N GLU B 731 28.40 -1.82 -4.44
CA GLU B 731 29.27 -1.51 -3.30
C GLU B 731 30.28 -2.64 -3.00
N LYS B 732 31.53 -2.25 -2.69
CA LYS B 732 32.53 -3.14 -2.06
C LYS B 732 31.84 -3.94 -0.98
N GLY B 733 32.09 -5.25 -0.93
CA GLY B 733 31.51 -6.10 0.11
C GLY B 733 31.11 -7.51 -0.34
N ASP B 734 30.50 -8.23 0.59
CA ASP B 734 30.13 -9.63 0.40
C ASP B 734 28.75 -9.79 -0.21
N PHE B 735 28.64 -10.78 -1.08
CA PHE B 735 27.34 -11.27 -1.56
C PHE B 735 27.31 -12.76 -1.37
N LYS B 736 26.10 -13.30 -1.37
CA LYS B 736 25.90 -14.73 -1.48
C LYS B 736 25.09 -15.01 -2.73
N ILE B 737 25.39 -16.15 -3.37
CA ILE B 737 24.67 -16.60 -4.54
C ILE B 737 24.01 -17.93 -4.21
N LYS B 738 22.73 -18.05 -4.59
CA LYS B 738 21.96 -19.27 -4.38
C LYS B 738 21.48 -19.78 -5.71
N CYS B 739 21.71 -21.07 -5.96
CA CYS B 739 21.26 -21.74 -7.15
C CYS B 739 20.73 -23.11 -6.74
N GLY B 740 19.41 -23.26 -6.83
CA GLY B 740 18.67 -24.38 -6.30
C GLY B 740 18.89 -24.45 -4.81
N ASP B 741 19.60 -25.50 -4.44
CA ASP B 741 19.89 -25.89 -3.08
C ASP B 741 21.20 -25.27 -2.57
N GLN B 742 22.01 -24.69 -3.48
CA GLN B 742 23.46 -24.49 -3.27
C GLN B 742 23.83 -23.03 -3.09
N TRP B 743 24.76 -22.76 -2.19
CA TRP B 743 25.18 -21.41 -1.87
C TRP B 743 26.66 -21.23 -2.07
N MET B 744 27.06 -20.08 -2.59
CA MET B 744 28.48 -19.71 -2.57
C MET B 744 28.66 -18.24 -2.20
N ASP B 745 29.89 -17.92 -1.82
CA ASP B 745 30.31 -16.57 -1.42
C ASP B 745 31.10 -15.90 -2.57
N ILE B 746 30.76 -14.65 -2.86
CA ILE B 746 31.56 -13.79 -3.77
C ILE B 746 31.74 -12.40 -3.15
N VAL B 747 32.76 -11.68 -3.61
CA VAL B 747 33.15 -10.40 -3.04
C VAL B 747 33.34 -9.40 -4.16
N CYS B 748 32.65 -8.26 -4.06
CA CYS B 748 32.96 -7.10 -4.89
C CYS B 748 34.09 -6.32 -4.21
N ASP B 749 35.18 -6.06 -4.95
CA ASP B 749 36.38 -5.45 -4.34
C ASP B 749 36.45 -3.92 -4.42
N GLN B 750 35.43 -3.28 -5.01
CA GLN B 750 35.44 -1.84 -5.16
C GLN B 750 34.07 -1.30 -5.53
N THR B 751 33.78 -0.14 -4.97
CA THR B 751 32.48 0.51 -5.14
C THR B 751 32.50 1.26 -6.46
N LYS B 752 31.38 1.22 -7.17
CA LYS B 752 31.12 2.07 -8.31
C LYS B 752 29.76 2.72 -8.12
N VAL B 753 29.71 4.04 -8.31
CA VAL B 753 28.49 4.80 -8.36
C VAL B 753 28.39 5.36 -9.78
N TRP B 754 27.26 5.07 -10.43
CA TRP B 754 26.97 5.54 -11.78
C TRP B 754 26.38 6.97 -11.74
N ASN B 755 26.95 7.86 -12.53
CA ASN B 755 26.37 9.20 -12.69
C ASN B 755 25.42 9.29 -13.90
N THR B 756 25.51 8.33 -14.81
CA THR B 756 24.52 8.20 -15.85
C THR B 756 23.22 7.66 -15.22
N PRO B 757 22.07 8.03 -15.80
CA PRO B 757 20.81 7.54 -15.20
C PRO B 757 20.67 6.02 -15.20
N ASN B 758 21.19 5.36 -16.23
CA ASN B 758 21.17 3.88 -16.31
C ASN B 758 22.58 3.34 -16.37
N LYS B 759 22.71 2.04 -16.08
CA LYS B 759 23.98 1.33 -16.26
C LYS B 759 24.22 0.97 -17.75
N ASN B 760 25.46 0.64 -18.13
CA ASN B 760 25.77 -0.16 -19.37
C ASN B 760 25.44 0.51 -20.71
C2 BGC C . 8.11 3.00 21.09
C3 BGC C . 8.08 4.48 21.48
C4 BGC C . 8.50 4.64 22.94
C5 BGC C . 9.90 4.05 23.17
C6 BGC C . 10.25 4.08 24.65
C1 BGC C . 9.33 2.18 21.56
O1 BGC C . 8.92 0.84 21.83
O2 BGC C . 8.02 2.89 19.67
O3 BGC C . 6.76 5.01 21.29
O4 BGC C . 8.48 6.02 23.32
O5 BGC C . 10.01 2.68 22.74
O6 BGC C . 9.37 3.21 25.37
MG MG D . -6.94 25.09 -8.82
C2 BGC E . -6.02 -0.94 -21.97
C3 BGC E . -4.81 -1.25 -22.85
C4 BGC E . -5.26 -1.55 -24.27
C5 BGC E . -6.01 -0.33 -24.82
C6 BGC E . -6.60 -0.62 -26.19
C1 BGC E . -6.96 0.12 -22.54
O1 BGC E . -8.25 0.03 -21.91
O2 BGC E . -5.55 -0.42 -20.72
O3 BGC E . -4.05 -2.35 -22.31
O4 BGC E . -4.11 -1.88 -25.07
O5 BGC E . -7.10 0.07 -23.97
O6 BGC E . -7.74 -1.49 -26.06
MG MG F . 27.18 -4.78 0.11
#